data_9H6H
#
_entry.id   9H6H
#
_cell.length_a   183.914
_cell.length_b   62.447
_cell.length_c   178.713
_cell.angle_alpha   90
_cell.angle_beta   118.058
_cell.angle_gamma   90
#
_symmetry.space_group_name_H-M   'C 1 2 1'
#
loop_
_entity.id
_entity.type
_entity.pdbx_description
1 polymer 'Glycosyl hydrolase family 98'
2 non-polymer DI(HYDROXYETHYL)ETHER
3 non-polymer 'CALCIUM ION'
4 water water
#
_entity_poly.entity_id   1
_entity_poly.type   'polypeptide(L)'
_entity_poly.pdbx_seq_one_letter_code
;(MSE)ASPGTAVENINTNVKALRKLIEAKQQDLAVKTYNPVNNGASYTIELSDGTSFS(MSE)YAQIAALEGGGEDVVYS
PKVGAKVEHDEYYWTLDDVWLTFENDEKVKVLDENNTVAPIVDINTDGYWTVKYGTKSRTLDKAVSGKLTSQFKQVSTIG
DESVSFTFTDRTPVIELNLFKGDNPEIPPVTGALRRPISPEQPAWFVHIDSWNYADPQKIIDLIPADIRPFTIFNISLSV
SHDEATGIYNVSEYGYEIAKSWLRTCAENNVWA(MSE)VQPSSGGFSHFKDVSLYSQFESDDKVRVYDEFFREYPNFLGF
NYCAQFWGYDDQFSVSWLQRVAHWNQLLKLTHKYGGYLVVSFCGNTWSANINPIALVKRNSDFAQTAKLYSENFI(MSE)
CEKYTTQSGFFNVEGICLGTWLSGFAGQYGIRFDQCGWTEEKGQNGDKDFPPAAGALPIIEHV(MSE)LTGQTVIDGPEL
IWQQCFKETNAVSVGDGYQSRNWECFPQFVNINID(MSE)FRKIIDKTIRIPSRKEVIDRTKVVILQDVYSGDDNAKYSS
PKNLHEGLYLRDDDGNLWDNHCYFKKTGRYPTIPVAFELCDDVANSFQYKINQSTFEGSWSDVNTKVGKFNRWFPQEYTG
ELYAGRIENGWVVYNGLAGIRNAAIPFKYNTCDK(MSE)ELAYSKYTVSVIKEYANKLTFY(MSE)NNYDPSGSSKTEVI
KIYGCTSKPTHSVSSRANGTAQVSENWKEDVYTLTVTHNGPLDLTVNCSGKATDRLTVSTAASIQVPASPQIYQGAYQYE
AECFDFKNVTKRVTKGDSEPIRNYTAQGYINFGASSAAAVR(PHD)AVTALEDGVYTIRIRYRAPSATVNTVD(MSE)YI
NNTKVGTPEFAQTDNDNTVWNTAL(MSE)SVSLRKGANTFELKANSSGAGDLYLDNIVIERKLEHHHHHH
;
_entity_poly.pdbx_strand_id   A,B
#
# COMPACT_ATOMS: atom_id res chain seq x y z
N ALA A 2 17.16 37.87 -27.11
CA ALA A 2 16.49 36.57 -26.90
C ALA A 2 15.54 36.30 -28.06
N SER A 3 15.16 35.01 -28.21
CA SER A 3 14.52 34.44 -29.39
C SER A 3 13.13 35.02 -29.63
N PRO A 4 12.38 35.46 -28.59
CA PRO A 4 11.13 36.16 -28.87
C PRO A 4 11.33 37.50 -29.61
N GLY A 5 12.55 38.05 -29.63
CA GLY A 5 12.85 39.35 -30.23
C GLY A 5 12.00 40.49 -29.67
N THR A 6 12.32 41.73 -30.01
CA THR A 6 11.45 42.86 -29.74
C THR A 6 11.01 43.46 -31.07
N ALA A 7 9.99 44.32 -31.00
CA ALA A 7 9.41 44.97 -32.17
C ALA A 7 10.49 45.75 -32.93
N VAL A 8 11.19 46.62 -32.18
CA VAL A 8 12.31 47.40 -32.72
C VAL A 8 13.35 46.48 -33.38
N GLU A 9 13.69 45.38 -32.72
CA GLU A 9 14.74 44.50 -33.24
C GLU A 9 14.32 43.90 -34.56
N ASN A 10 13.07 43.43 -34.62
CA ASN A 10 12.53 42.79 -35.80
C ASN A 10 12.48 43.81 -36.93
N ILE A 11 11.99 45.01 -36.61
CA ILE A 11 11.83 46.07 -37.59
C ILE A 11 13.19 46.32 -38.23
N ASN A 12 14.23 46.49 -37.40
CA ASN A 12 15.53 46.90 -37.88
C ASN A 12 16.22 45.76 -38.63
N THR A 13 15.94 44.53 -38.22
CA THR A 13 16.40 43.39 -39.00
C THR A 13 15.83 43.43 -40.42
N ASN A 14 14.54 43.77 -40.56
CA ASN A 14 13.90 43.83 -41.86
C ASN A 14 14.49 44.94 -42.73
N VAL A 15 14.78 46.10 -42.13
CA VAL A 15 15.38 47.18 -42.91
C VAL A 15 16.75 46.73 -43.45
N LYS A 16 17.56 46.10 -42.59
CA LYS A 16 18.91 45.65 -42.97
C LYS A 16 18.82 44.60 -44.06
N ALA A 17 17.82 43.74 -43.96
CA ALA A 17 17.55 42.74 -44.97
C ALA A 17 17.28 43.42 -46.32
N LEU A 18 16.43 44.45 -46.32
CA LEU A 18 16.03 45.09 -47.55
C LEU A 18 17.26 45.74 -48.21
N ARG A 19 18.14 46.33 -47.39
CA ARG A 19 19.36 46.91 -47.93
C ARG A 19 20.15 45.79 -48.62
N LYS A 20 20.22 44.65 -47.95
CA LYS A 20 21.01 43.53 -48.43
C LYS A 20 20.46 42.99 -49.74
N LEU A 21 19.13 42.97 -49.86
CA LEU A 21 18.52 42.43 -51.05
C LEU A 21 18.81 43.36 -52.22
N ILE A 22 18.77 44.67 -51.98
CA ILE A 22 19.00 45.65 -53.04
C ILE A 22 20.47 45.61 -53.46
N GLU A 23 21.36 45.39 -52.49
CA GLU A 23 22.76 45.20 -52.80
C GLU A 23 22.94 43.94 -53.63
N ALA A 24 22.31 42.85 -53.19
CA ALA A 24 22.42 41.59 -53.91
C ALA A 24 21.90 41.77 -55.35
N LYS A 25 20.77 42.48 -55.50
CA LYS A 25 20.16 42.73 -56.81
C LYS A 25 21.14 43.47 -57.71
N GLN A 26 21.75 44.55 -57.17
CA GLN A 26 22.70 45.37 -57.90
C GLN A 26 23.98 44.59 -58.24
N GLN A 27 24.49 43.78 -57.31
CA GLN A 27 25.71 43.02 -57.52
C GLN A 27 25.43 41.70 -58.23
N ASP A 28 24.16 41.32 -58.37
CA ASP A 28 23.75 40.11 -59.05
C ASP A 28 24.11 38.90 -58.19
N LEU A 29 24.02 39.06 -56.87
CA LEU A 29 24.13 37.94 -55.95
C LEU A 29 22.91 37.05 -56.14
N ALA A 30 23.13 35.77 -55.90
CA ALA A 30 22.10 34.74 -55.94
C ALA A 30 21.77 34.27 -54.51
N VAL A 31 20.55 33.74 -54.35
CA VAL A 31 20.15 33.09 -53.12
C VAL A 31 20.62 31.63 -53.21
N LYS A 32 21.46 31.25 -52.26
CA LYS A 32 21.95 29.89 -52.15
C LYS A 32 20.87 29.06 -51.44
N THR A 33 20.37 29.55 -50.30
CA THR A 33 19.34 28.82 -49.59
C THR A 33 18.40 29.79 -48.87
N TYR A 34 17.20 29.28 -48.54
CA TYR A 34 16.29 29.97 -47.66
C TYR A 34 15.37 28.96 -47.01
N ASN A 35 14.76 29.34 -45.89
CA ASN A 35 14.16 28.37 -44.99
C ASN A 35 13.21 29.10 -44.05
N PRO A 36 11.91 28.76 -44.04
CA PRO A 36 10.98 29.33 -43.06
C PRO A 36 11.14 28.71 -41.67
N VAL A 37 10.82 29.48 -40.64
CA VAL A 37 10.92 29.02 -39.27
C VAL A 37 9.63 29.47 -38.58
N ASN A 38 9.22 28.73 -37.57
CA ASN A 38 7.96 28.99 -36.89
C ASN A 38 6.86 29.24 -37.91
N ASN A 39 6.76 28.35 -38.90
CA ASN A 39 5.66 28.38 -39.84
C ASN A 39 5.71 29.66 -40.69
N GLY A 40 6.92 30.20 -40.92
CA GLY A 40 7.09 31.34 -41.80
C GLY A 40 6.86 32.67 -41.09
N ALA A 41 6.82 32.63 -39.75
CA ALA A 41 6.86 33.83 -38.96
C ALA A 41 8.17 34.55 -39.25
N SER A 42 9.20 33.76 -39.55
CA SER A 42 10.49 34.29 -39.94
C SER A 42 11.16 33.40 -40.99
N TYR A 43 12.21 33.94 -41.63
CA TYR A 43 13.02 33.19 -42.59
C TYR A 43 14.50 33.45 -42.29
N THR A 44 15.34 32.43 -42.52
CA THR A 44 16.78 32.60 -42.66
C THR A 44 17.12 32.54 -44.16
N ILE A 45 17.96 33.46 -44.62
CA ILE A 45 18.32 33.61 -46.04
C ILE A 45 19.82 33.41 -46.14
N GLU A 46 20.30 32.71 -47.16
CA GLU A 46 21.73 32.73 -47.44
C GLU A 46 21.93 33.10 -48.90
N LEU A 47 22.76 34.12 -49.10
CA LEU A 47 23.16 34.59 -50.41
C LEU A 47 24.49 33.95 -50.80
N SER A 48 24.84 34.10 -52.09
CA SER A 48 25.98 33.42 -52.68
C SER A 48 27.31 34.06 -52.31
N ASP A 49 27.33 35.21 -51.63
CA ASP A 49 28.57 35.74 -51.07
C ASP A 49 28.83 35.19 -49.67
N GLY A 50 27.95 34.30 -49.17
CA GLY A 50 28.09 33.70 -47.85
C GLY A 50 27.40 34.48 -46.71
N THR A 51 26.75 35.61 -47.06
CA THR A 51 25.99 36.39 -46.09
C THR A 51 24.71 35.63 -45.79
N SER A 52 24.40 35.49 -44.49
CA SER A 52 23.14 34.95 -44.05
C SER A 52 22.48 35.94 -43.10
N PHE A 53 21.14 35.96 -43.12
CA PHE A 53 20.40 36.88 -42.27
C PHE A 53 18.95 36.43 -42.16
N SER A 54 18.21 37.04 -41.23
CA SER A 54 16.83 36.71 -40.94
C SER A 54 15.93 37.74 -41.61
N TYR A 56 11.61 38.92 -40.94
CA TYR A 56 10.47 38.65 -40.09
C TYR A 56 9.20 38.98 -40.85
N ALA A 57 8.32 37.98 -40.95
CA ALA A 57 7.01 38.15 -41.55
C ALA A 57 6.00 38.50 -40.44
N GLN A 58 6.31 38.09 -39.20
CA GLN A 58 5.60 38.47 -38.00
C GLN A 58 6.53 39.32 -37.14
N ILE A 59 6.02 40.47 -36.69
CA ILE A 59 6.71 41.38 -35.81
C ILE A 59 6.19 41.17 -34.40
N ALA A 60 7.09 41.16 -33.43
CA ALA A 60 6.66 41.13 -32.04
C ALA A 60 5.82 42.37 -31.71
N ALA A 61 4.82 42.21 -30.85
CA ALA A 61 3.97 43.31 -30.43
C ALA A 61 4.80 44.27 -29.58
N LEU A 62 4.31 45.50 -29.51
CA LEU A 62 4.78 46.48 -28.53
C LEU A 62 4.24 46.10 -27.17
N GLU A 63 5.09 46.24 -26.13
CA GLU A 63 4.68 46.02 -24.76
C GLU A 63 3.51 46.96 -24.41
N GLY A 64 2.78 46.60 -23.37
CA GLY A 64 1.65 47.38 -22.90
C GLY A 64 0.34 46.58 -22.96
N GLY A 65 0.37 45.44 -23.67
CA GLY A 65 -0.78 44.56 -23.81
C GLY A 65 -1.85 45.04 -24.81
N GLY A 66 -1.58 46.08 -25.59
CA GLY A 66 -2.58 46.55 -26.54
C GLY A 66 -2.97 45.44 -27.52
N GLU A 67 -4.23 45.42 -27.93
CA GLU A 67 -4.78 44.32 -28.73
C GLU A 67 -5.10 44.74 -30.17
N ASP A 68 -5.10 46.04 -30.45
CA ASP A 68 -5.36 46.55 -31.78
C ASP A 68 -4.05 46.54 -32.58
N VAL A 69 -4.19 46.55 -33.90
CA VAL A 69 -3.07 46.80 -34.79
C VAL A 69 -2.81 48.31 -34.79
N VAL A 70 -1.54 48.71 -34.66
CA VAL A 70 -1.19 50.10 -34.46
C VAL A 70 -0.06 50.49 -35.40
N TYR A 71 0.22 51.78 -35.48
CA TYR A 71 1.27 52.30 -36.33
C TYR A 71 2.63 51.80 -35.86
N SER A 72 3.47 51.40 -36.83
CA SER A 72 4.90 51.36 -36.67
C SER A 72 5.56 51.86 -37.95
N PRO A 73 6.76 52.46 -37.88
CA PRO A 73 7.41 52.99 -39.08
C PRO A 73 7.68 51.92 -40.12
N LYS A 74 7.24 52.20 -41.37
CA LYS A 74 7.36 51.28 -42.48
C LYS A 74 8.45 51.78 -43.41
N VAL A 75 9.65 51.22 -43.26
CA VAL A 75 10.79 51.70 -44.00
C VAL A 75 10.94 50.78 -45.21
N GLY A 76 10.62 51.29 -46.40
CA GLY A 76 10.73 50.57 -47.66
C GLY A 76 11.75 51.21 -48.58
N ALA A 77 11.71 50.84 -49.86
CA ALA A 77 12.63 51.41 -50.85
C ALA A 77 11.95 51.52 -52.23
N LYS A 78 12.33 52.53 -53.01
CA LYS A 78 11.65 52.78 -54.27
C LYS A 78 12.68 53.34 -55.23
N VAL A 79 12.61 52.91 -56.50
CA VAL A 79 13.57 53.31 -57.51
C VAL A 79 13.22 54.70 -58.05
N GLU A 80 14.24 55.55 -58.18
CA GLU A 80 14.11 56.79 -58.93
C GLU A 80 15.33 56.93 -59.83
N HIS A 81 15.08 57.36 -61.09
CA HIS A 81 16.10 57.47 -62.12
C HIS A 81 17.25 56.51 -61.78
N ASP A 82 16.90 55.22 -61.68
CA ASP A 82 17.86 54.13 -61.62
C ASP A 82 18.49 53.87 -60.25
N GLU A 83 18.02 54.52 -59.18
CA GLU A 83 18.63 54.32 -57.86
C GLU A 83 17.54 54.07 -56.82
N TYR A 84 17.75 53.07 -55.95
CA TYR A 84 16.89 52.87 -54.80
C TYR A 84 17.21 53.90 -53.72
N TYR A 85 16.14 54.51 -53.19
CA TYR A 85 16.21 55.43 -52.07
C TYR A 85 15.22 54.96 -51.00
N TRP A 86 15.53 55.23 -49.73
CA TRP A 86 14.68 54.78 -48.65
C TRP A 86 13.35 55.53 -48.69
N THR A 87 12.26 54.79 -48.40
CA THR A 87 10.96 55.40 -48.13
C THR A 87 10.60 55.19 -46.66
N LEU A 88 9.73 56.08 -46.15
CA LEU A 88 9.12 55.99 -44.83
C LEU A 88 7.61 56.21 -44.99
N ASP A 89 6.82 55.17 -44.73
CA ASP A 89 5.37 55.22 -44.92
C ASP A 89 5.05 55.73 -46.34
N ASP A 90 5.81 55.19 -47.33
CA ASP A 90 5.63 55.37 -48.77
C ASP A 90 5.76 56.84 -49.24
N VAL A 91 6.46 57.69 -48.48
CA VAL A 91 7.06 58.92 -49.01
C VAL A 91 8.58 58.79 -48.86
N TRP A 92 9.36 59.64 -49.54
CA TRP A 92 10.82 59.53 -49.42
C TRP A 92 11.24 59.80 -47.98
N LEU A 93 12.07 58.91 -47.41
CA LEU A 93 12.67 59.11 -46.11
C LEU A 93 13.64 60.28 -46.21
N THR A 94 13.37 61.34 -45.41
CA THR A 94 14.20 62.54 -45.34
C THR A 94 14.42 62.93 -43.89
N PHE A 95 15.53 63.65 -43.65
CA PHE A 95 15.91 64.09 -42.32
C PHE A 95 15.89 65.61 -42.21
N GLU A 96 16.69 66.27 -43.05
CA GLU A 96 16.68 67.72 -43.14
C GLU A 96 16.07 68.12 -44.50
N ASN A 97 16.89 68.61 -45.43
CA ASN A 97 16.43 69.51 -46.48
C ASN A 97 15.73 68.72 -47.60
N ASP A 98 14.57 68.12 -47.30
CA ASP A 98 13.94 67.15 -48.19
C ASP A 98 15.00 66.33 -48.93
N GLU A 99 16.08 65.99 -48.23
CA GLU A 99 17.18 65.23 -48.78
C GLU A 99 16.82 63.75 -48.76
N LYS A 100 16.79 63.10 -49.93
CA LYS A 100 16.55 61.66 -50.04
C LYS A 100 17.80 60.90 -49.62
N VAL A 101 17.63 59.65 -49.18
CA VAL A 101 18.75 58.85 -48.70
C VAL A 101 18.85 57.60 -49.56
N LYS A 102 20.05 57.42 -50.12
CA LYS A 102 20.37 56.29 -50.97
C LYS A 102 20.50 55.03 -50.13
N VAL A 103 19.95 53.91 -50.62
CA VAL A 103 20.00 52.66 -49.89
C VAL A 103 21.44 52.13 -49.84
N LEU A 104 22.16 52.27 -50.94
CA LEU A 104 23.54 51.83 -51.03
C LEU A 104 24.50 53.01 -50.84
N ASP A 105 25.20 53.07 -49.69
CA ASP A 105 26.26 54.07 -49.50
C ASP A 105 27.62 53.51 -49.92
N GLU A 106 27.67 52.19 -50.21
CA GLU A 106 28.73 51.56 -51.00
C GLU A 106 30.01 51.26 -50.20
N ASN A 107 30.31 52.05 -49.17
CA ASN A 107 31.44 51.81 -48.31
C ASN A 107 30.97 51.44 -46.91
N ASN A 108 29.65 51.49 -46.67
CA ASN A 108 29.05 51.25 -45.37
C ASN A 108 28.02 50.14 -45.57
N THR A 109 27.56 49.53 -44.46
CA THR A 109 26.29 48.80 -44.44
C THR A 109 25.27 49.61 -43.64
N VAL A 110 25.61 50.86 -43.26
CA VAL A 110 24.70 51.70 -42.48
C VAL A 110 23.33 51.66 -43.13
N ALA A 111 22.29 51.62 -42.29
CA ALA A 111 20.92 51.67 -42.78
C ALA A 111 20.07 52.40 -41.75
N PRO A 112 18.88 52.93 -42.12
CA PRO A 112 18.03 53.57 -41.11
C PRO A 112 17.87 52.67 -39.90
N ILE A 113 17.86 53.27 -38.72
CA ILE A 113 17.55 52.52 -37.51
C ILE A 113 16.29 53.13 -36.93
N VAL A 114 15.29 52.30 -36.70
CA VAL A 114 14.07 52.71 -36.02
C VAL A 114 14.23 52.41 -34.53
N ASP A 115 13.67 53.29 -33.71
CA ASP A 115 13.75 53.14 -32.27
C ASP A 115 12.55 53.85 -31.65
N ILE A 116 12.35 53.62 -30.35
CA ILE A 116 11.41 54.38 -29.54
C ILE A 116 12.18 55.11 -28.46
N ASN A 117 11.94 56.42 -28.30
CA ASN A 117 12.75 57.25 -27.43
C ASN A 117 12.21 57.15 -25.99
N THR A 118 12.77 57.98 -25.10
CA THR A 118 12.43 57.97 -23.68
C THR A 118 11.08 58.66 -23.48
N ASP A 119 10.64 59.46 -24.47
CA ASP A 119 9.36 60.15 -24.40
C ASP A 119 8.26 59.27 -24.97
N GLY A 120 8.62 58.07 -25.44
CA GLY A 120 7.65 57.13 -25.95
C GLY A 120 7.28 57.39 -27.41
N TYR A 121 8.17 58.10 -28.14
CA TYR A 121 7.96 58.41 -29.54
C TYR A 121 8.87 57.58 -30.45
N TRP A 122 8.30 57.10 -31.57
CA TRP A 122 9.09 56.47 -32.61
C TRP A 122 10.16 57.44 -33.11
N THR A 123 11.36 56.92 -33.37
CA THR A 123 12.41 57.69 -34.01
C THR A 123 12.90 56.90 -35.22
N VAL A 124 13.58 57.57 -36.13
CA VAL A 124 14.40 56.90 -37.13
C VAL A 124 15.71 57.69 -37.22
N LYS A 125 16.84 57.00 -37.22
CA LYS A 125 18.14 57.63 -37.29
C LYS A 125 18.89 57.10 -38.51
N TYR A 126 19.71 57.96 -39.11
CA TYR A 126 20.59 57.53 -40.18
C TYR A 126 21.89 58.31 -40.05
N GLY A 127 22.92 57.64 -39.53
CA GLY A 127 24.15 58.31 -39.14
C GLY A 127 23.88 59.19 -37.95
N THR A 128 24.36 60.43 -38.02
CA THR A 128 24.20 61.39 -36.94
C THR A 128 22.88 62.15 -37.08
N LYS A 129 22.19 62.00 -38.23
CA LYS A 129 20.89 62.61 -38.43
C LYS A 129 19.82 61.78 -37.72
N SER A 130 18.75 62.46 -37.30
CA SER A 130 17.79 61.85 -36.38
C SER A 130 16.44 62.52 -36.55
N ARG A 131 15.37 61.73 -36.58
CA ARG A 131 14.06 62.29 -36.78
C ARG A 131 13.06 61.67 -35.78
N THR A 132 12.30 62.53 -35.09
CA THR A 132 11.24 62.04 -34.22
C THR A 132 9.96 61.94 -35.03
N LEU A 133 9.33 60.76 -34.94
CA LEU A 133 8.05 60.48 -35.56
C LEU A 133 6.95 60.53 -34.48
N ASP A 134 5.97 59.65 -34.66
CA ASP A 134 4.69 59.70 -33.99
C ASP A 134 4.84 59.01 -32.62
N LYS A 135 3.98 59.33 -31.66
CA LYS A 135 4.02 58.66 -30.37
C LYS A 135 3.65 57.18 -30.59
N ALA A 136 4.50 56.24 -30.13
CA ALA A 136 4.15 54.83 -30.23
C ALA A 136 2.96 54.55 -29.32
N VAL A 137 2.17 53.57 -29.72
CA VAL A 137 0.99 53.16 -28.97
C VAL A 137 1.07 51.65 -28.84
N SER A 138 0.69 51.12 -27.68
CA SER A 138 0.78 49.70 -27.39
C SER A 138 -0.10 48.95 -28.39
N GLY A 139 0.41 47.84 -28.95
CA GLY A 139 -0.41 46.95 -29.76
C GLY A 139 0.40 46.06 -30.72
N LYS A 140 -0.36 45.43 -31.61
CA LYS A 140 0.13 44.53 -32.63
C LYS A 140 0.65 45.36 -33.80
N LEU A 141 1.72 44.86 -34.42
CA LEU A 141 2.34 45.54 -35.55
C LEU A 141 2.24 44.68 -36.80
N THR A 142 2.29 45.31 -37.97
CA THR A 142 2.48 44.56 -39.19
C THR A 142 3.94 44.67 -39.61
N SER A 143 4.38 43.72 -40.43
CA SER A 143 5.74 43.72 -40.96
C SER A 143 5.79 44.47 -42.29
N GLN A 144 6.94 45.03 -42.61
CA GLN A 144 7.21 45.60 -43.91
C GLN A 144 7.47 44.51 -44.94
N PHE A 145 7.83 43.31 -44.46
CA PHE A 145 8.11 42.18 -45.32
C PHE A 145 6.96 41.16 -45.27
N LYS A 146 6.60 40.66 -46.47
CA LYS A 146 5.49 39.71 -46.61
C LYS A 146 6.02 38.27 -46.66
N GLN A 147 6.62 37.88 -47.79
CA GLN A 147 7.04 36.49 -47.96
C GLN A 147 8.21 36.40 -48.93
N VAL A 148 8.89 35.24 -48.88
CA VAL A 148 9.85 34.85 -49.91
C VAL A 148 9.34 33.56 -50.52
N SER A 149 9.42 33.47 -51.85
CA SER A 149 8.75 32.43 -52.63
C SER A 149 9.61 32.11 -53.83
N THR A 150 9.68 30.82 -54.22
CA THR A 150 10.39 30.42 -55.42
C THR A 150 9.44 30.48 -56.61
N ILE A 151 9.92 31.08 -57.70
CA ILE A 151 9.10 31.41 -58.86
C ILE A 151 9.80 30.80 -60.07
N GLY A 152 9.17 29.76 -60.62
CA GLY A 152 9.83 28.80 -61.47
C GLY A 152 10.58 27.80 -60.60
N ASP A 153 11.72 27.31 -61.10
CA ASP A 153 12.70 26.68 -60.26
C ASP A 153 14.04 27.34 -60.53
N GLU A 154 14.02 28.62 -60.96
CA GLU A 154 15.24 29.32 -61.26
C GLU A 154 15.29 30.73 -60.66
N SER A 155 14.26 31.15 -59.91
CA SER A 155 14.25 32.51 -59.38
C SER A 155 13.60 32.56 -57.98
N VAL A 156 14.00 33.54 -57.15
CA VAL A 156 13.49 33.69 -55.79
C VAL A 156 12.95 35.11 -55.65
N SER A 157 11.72 35.25 -55.15
CA SER A 157 11.11 36.56 -55.06
C SER A 157 10.82 36.95 -53.60
N PHE A 158 11.21 38.18 -53.24
CA PHE A 158 10.97 38.75 -51.93
C PHE A 158 9.84 39.77 -52.08
N THR A 159 8.72 39.52 -51.37
CA THR A 159 7.58 40.42 -51.46
C THR A 159 7.41 41.23 -50.18
N PHE A 160 6.99 42.49 -50.35
CA PHE A 160 6.84 43.41 -49.25
C PHE A 160 5.37 43.78 -49.08
N THR A 161 5.03 44.47 -47.99
CA THR A 161 3.64 44.82 -47.69
C THR A 161 3.36 46.30 -47.93
N ASP A 162 4.39 47.11 -48.22
CA ASP A 162 4.22 48.48 -48.66
C ASP A 162 4.32 48.48 -50.18
N ARG A 163 4.68 49.61 -50.79
CA ARG A 163 4.78 49.72 -52.25
C ARG A 163 6.19 49.41 -52.73
N THR A 164 7.05 48.89 -51.85
CA THR A 164 8.36 48.45 -52.29
C THR A 164 8.15 47.38 -53.36
N PRO A 165 8.83 47.47 -54.52
CA PRO A 165 8.74 46.42 -55.53
C PRO A 165 9.31 45.10 -55.08
N VAL A 166 8.72 44.02 -55.64
CA VAL A 166 9.25 42.67 -55.54
C VAL A 166 10.72 42.74 -55.96
N ILE A 167 11.60 42.16 -55.13
CA ILE A 167 12.96 41.92 -55.55
C ILE A 167 13.13 40.46 -55.96
N GLU A 168 13.58 40.27 -57.19
CA GLU A 168 13.82 38.95 -57.71
C GLU A 168 15.33 38.72 -57.76
N LEU A 169 15.74 37.56 -57.22
CA LEU A 169 17.12 37.15 -57.32
C LEU A 169 17.16 35.77 -57.97
N ASN A 170 18.23 35.55 -58.72
CA ASN A 170 18.64 34.22 -59.16
C ASN A 170 18.62 33.25 -58.00
N LEU A 171 18.13 32.02 -58.26
CA LEU A 171 18.38 30.89 -57.39
C LEU A 171 19.68 30.24 -57.82
N PHE A 172 20.67 30.26 -56.92
CA PHE A 172 21.94 29.59 -57.15
C PHE A 172 21.65 28.11 -57.32
N LYS A 173 22.21 27.47 -58.35
CA LYS A 173 21.99 26.05 -58.54
C LYS A 173 23.33 25.29 -58.59
N GLY A 174 24.35 25.88 -59.23
CA GLY A 174 25.53 25.13 -59.63
C GLY A 174 26.34 24.61 -58.44
N ASP A 175 25.82 23.57 -57.77
CA ASP A 175 26.46 22.98 -56.61
C ASP A 175 27.39 21.86 -57.10
N ASN A 176 27.67 20.88 -56.24
CA ASN A 176 28.25 19.61 -56.64
C ASN A 176 27.34 18.90 -57.64
N PRO A 177 27.82 17.83 -58.34
CA PRO A 177 26.91 16.91 -59.01
C PRO A 177 25.96 16.22 -58.03
N GLU A 178 24.95 15.52 -58.56
CA GLU A 178 23.87 14.99 -57.73
C GLU A 178 24.38 13.75 -57.00
N ILE A 179 23.98 13.62 -55.73
CA ILE A 179 24.09 12.33 -55.04
C ILE A 179 22.70 11.69 -55.11
N PRO A 180 22.49 10.59 -55.87
CA PRO A 180 21.15 10.01 -55.96
C PRO A 180 20.66 9.48 -54.62
N PRO A 181 19.34 9.59 -54.31
CA PRO A 181 18.85 9.15 -53.01
C PRO A 181 18.72 7.63 -52.95
N VAL A 182 18.65 7.06 -51.74
CA VAL A 182 18.28 5.66 -51.56
C VAL A 182 16.76 5.55 -51.60
N THR A 183 16.23 4.74 -52.54
CA THR A 183 14.79 4.46 -52.65
C THR A 183 14.53 2.97 -52.88
N GLY A 184 13.26 2.57 -52.76
CA GLY A 184 12.78 1.22 -53.03
C GLY A 184 12.58 0.48 -51.71
N ALA A 185 13.49 -0.44 -51.44
CA ALA A 185 13.50 -1.27 -50.26
C ALA A 185 13.66 -0.42 -48.99
N LEU A 186 13.08 -0.93 -47.89
CA LEU A 186 13.38 -0.43 -46.57
C LEU A 186 14.88 -0.21 -46.42
N ARG A 187 15.24 1.02 -46.06
CA ARG A 187 16.62 1.38 -45.81
C ARG A 187 17.19 0.53 -44.67
N ARG A 188 16.40 0.35 -43.60
CA ARG A 188 16.85 -0.36 -42.40
C ARG A 188 15.71 -1.21 -41.84
N PRO A 189 15.55 -2.47 -42.31
CA PRO A 189 14.53 -3.37 -41.78
C PRO A 189 14.62 -3.54 -40.26
N ILE A 190 13.44 -3.51 -39.64
CA ILE A 190 13.20 -3.86 -38.25
C ILE A 190 12.31 -5.12 -38.17
N SER A 191 12.67 -6.06 -37.27
CA SER A 191 11.98 -7.34 -37.13
C SER A 191 12.44 -7.96 -35.82
N PRO A 192 11.91 -9.11 -35.37
CA PRO A 192 12.46 -9.79 -34.21
C PRO A 192 13.96 -10.03 -34.27
N GLU A 193 14.48 -10.14 -35.52
CA GLU A 193 15.87 -10.45 -35.81
C GLU A 193 16.76 -9.20 -35.82
N GLN A 194 16.13 -8.04 -36.08
CA GLN A 194 16.84 -6.79 -36.19
C GLN A 194 16.04 -5.79 -35.38
N PRO A 195 16.02 -5.96 -34.04
CA PRO A 195 15.31 -5.04 -33.16
C PRO A 195 15.94 -3.66 -33.27
N ALA A 196 15.23 -2.60 -32.86
CA ALA A 196 15.85 -1.29 -32.85
C ALA A 196 15.74 -0.64 -31.48
N TRP A 197 16.81 0.13 -31.13
CA TRP A 197 16.78 1.02 -29.99
C TRP A 197 16.81 2.46 -30.48
N PHE A 198 15.77 3.24 -30.20
CA PHE A 198 15.78 4.67 -30.46
C PHE A 198 16.48 5.36 -29.28
N VAL A 199 17.74 5.74 -29.51
CA VAL A 199 18.55 6.46 -28.55
C VAL A 199 18.52 7.93 -28.94
N HIS A 200 18.20 8.80 -27.96
CA HIS A 200 17.92 10.20 -28.22
C HIS A 200 19.18 11.05 -28.17
N ILE A 201 19.33 11.90 -29.21
CA ILE A 201 20.18 13.08 -29.20
C ILE A 201 19.22 14.26 -28.95
N ASP A 202 19.20 14.70 -27.70
CA ASP A 202 18.12 15.50 -27.18
C ASP A 202 18.57 16.96 -27.02
N SER A 203 17.72 17.86 -27.49
CA SER A 203 17.87 19.30 -27.32
C SER A 203 18.02 19.67 -25.84
N TRP A 204 17.34 18.92 -24.96
CA TRP A 204 17.41 19.24 -23.54
C TRP A 204 18.77 18.85 -22.96
N ASN A 205 19.55 17.99 -23.64
CA ASN A 205 20.94 17.71 -23.24
C ASN A 205 21.91 18.72 -23.88
N TYR A 206 21.39 19.63 -24.70
CA TYR A 206 22.20 20.64 -25.39
C TYR A 206 23.38 19.96 -26.05
N ALA A 207 23.07 18.93 -26.84
CA ALA A 207 24.04 17.89 -27.19
C ALA A 207 25.07 18.33 -28.23
N ASP A 208 26.26 17.76 -28.04
CA ASP A 208 27.17 17.43 -29.14
C ASP A 208 26.77 16.06 -29.66
N PRO A 209 26.19 15.94 -30.88
CA PRO A 209 25.70 14.66 -31.38
C PRO A 209 26.78 13.58 -31.40
N GLN A 210 28.00 14.00 -31.77
CA GLN A 210 29.18 13.14 -31.77
C GLN A 210 29.42 12.48 -30.42
N LYS A 211 29.25 13.21 -29.32
CA LYS A 211 29.57 12.68 -28.00
C LYS A 211 28.47 11.77 -27.50
N ILE A 212 27.22 11.97 -27.94
CA ILE A 212 26.14 11.03 -27.61
C ILE A 212 26.31 9.71 -28.36
N ILE A 213 26.58 9.78 -29.67
CA ILE A 213 26.84 8.62 -30.50
C ILE A 213 27.97 7.78 -29.87
N ASP A 214 29.05 8.45 -29.49
CA ASP A 214 30.22 7.81 -28.90
C ASP A 214 29.98 7.23 -27.50
N LEU A 215 28.85 7.56 -26.88
CA LEU A 215 28.50 6.91 -25.62
C LEU A 215 27.91 5.53 -25.87
N ILE A 216 27.47 5.21 -27.10
CA ILE A 216 26.80 3.93 -27.35
C ILE A 216 27.85 2.89 -27.73
N PRO A 217 27.97 1.79 -26.95
CA PRO A 217 28.95 0.74 -27.23
C PRO A 217 28.88 0.21 -28.65
N ALA A 218 30.02 -0.20 -29.22
CA ALA A 218 30.14 -0.67 -30.60
C ALA A 218 29.18 -1.81 -30.97
N ASP A 219 28.90 -2.73 -30.04
CA ASP A 219 27.99 -3.84 -30.29
C ASP A 219 26.56 -3.35 -30.38
N ILE A 220 26.19 -2.27 -29.67
CA ILE A 220 24.82 -1.77 -29.64
C ILE A 220 24.57 -0.87 -30.86
N ARG A 221 25.61 -0.20 -31.34
CA ARG A 221 25.46 0.88 -32.29
C ARG A 221 24.73 0.44 -33.56
N PRO A 222 25.09 -0.71 -34.17
CA PRO A 222 24.44 -1.09 -35.41
C PRO A 222 22.93 -1.28 -35.28
N PHE A 223 22.44 -1.55 -34.05
CA PHE A 223 21.01 -1.73 -33.80
C PHE A 223 20.40 -0.43 -33.29
N THR A 224 21.20 0.63 -33.16
CA THR A 224 20.70 1.90 -32.64
C THR A 224 20.19 2.73 -33.81
N ILE A 225 19.04 3.37 -33.61
CA ILE A 225 18.63 4.48 -34.45
C ILE A 225 18.68 5.74 -33.59
N PHE A 226 19.47 6.75 -34.00
CA PHE A 226 19.57 7.97 -33.21
C PHE A 226 18.38 8.86 -33.54
N ASN A 227 17.67 9.22 -32.46
CA ASN A 227 16.48 10.04 -32.54
C ASN A 227 16.87 11.47 -32.16
N ILE A 228 16.90 12.32 -33.19
CA ILE A 228 17.22 13.72 -33.06
C ILE A 228 15.96 14.45 -32.61
N SER A 229 15.95 14.81 -31.34
CA SER A 229 14.78 15.25 -30.64
C SER A 229 14.78 16.77 -30.52
N LEU A 230 13.75 17.39 -31.11
CA LEU A 230 13.51 18.82 -31.11
C LEU A 230 12.41 19.12 -30.08
N SER A 231 12.78 19.80 -29.00
CA SER A 231 11.84 20.29 -28.01
C SER A 231 10.83 21.23 -28.64
N VAL A 232 9.58 21.15 -28.18
CA VAL A 232 8.53 22.02 -28.66
C VAL A 232 8.25 23.10 -27.60
N SER A 233 9.13 23.21 -26.60
CA SER A 233 9.14 24.36 -25.72
C SER A 233 9.14 25.65 -26.55
N HIS A 234 8.22 26.58 -26.20
CA HIS A 234 7.98 27.76 -27.03
C HIS A 234 7.47 28.90 -26.14
N ASP A 235 7.52 30.11 -26.71
CA ASP A 235 6.93 31.31 -26.13
C ASP A 235 5.41 31.25 -26.27
N GLU A 236 4.71 31.41 -25.15
CA GLU A 236 3.24 31.33 -25.06
C GLU A 236 2.60 32.35 -25.99
N ALA A 237 3.10 33.59 -25.93
CA ALA A 237 2.45 34.71 -26.61
C ALA A 237 2.54 34.55 -28.13
N THR A 238 3.66 33.99 -28.62
CA THR A 238 4.02 34.07 -30.03
C THR A 238 4.20 32.69 -30.64
N GLY A 239 4.36 31.65 -29.82
CA GLY A 239 4.56 30.30 -30.32
C GLY A 239 6.00 30.02 -30.78
N ILE A 240 6.90 30.99 -30.63
CA ILE A 240 8.28 30.89 -31.12
C ILE A 240 9.06 29.90 -30.24
N TYR A 241 9.73 28.94 -30.89
CA TYR A 241 10.46 27.88 -30.20
C TYR A 241 11.67 28.51 -29.53
N ASN A 242 11.95 28.05 -28.31
CA ASN A 242 13.11 28.52 -27.59
C ASN A 242 14.20 27.44 -27.48
N VAL A 243 13.93 26.37 -26.72
CA VAL A 243 14.97 25.39 -26.43
C VAL A 243 15.60 24.86 -27.71
N SER A 244 14.75 24.54 -28.68
CA SER A 244 15.21 24.19 -30.00
C SER A 244 14.83 25.31 -30.96
N GLU A 245 15.42 26.49 -30.77
CA GLU A 245 14.98 27.67 -31.50
C GLU A 245 14.91 27.39 -33.01
N TYR A 246 15.98 26.82 -33.57
CA TYR A 246 16.08 26.53 -35.01
C TYR A 246 16.11 25.03 -35.28
N GLY A 247 14.93 24.45 -35.29
CA GLY A 247 14.75 23.00 -35.34
C GLY A 247 15.35 22.39 -36.62
N TYR A 248 15.02 23.02 -37.76
CA TYR A 248 15.54 22.56 -39.03
C TYR A 248 17.06 22.51 -38.94
N GLU A 249 17.68 23.57 -38.43
CA GLU A 249 19.13 23.69 -38.39
C GLU A 249 19.74 22.68 -37.41
N ILE A 250 19.09 22.42 -36.29
CA ILE A 250 19.53 21.40 -35.37
C ILE A 250 19.52 20.06 -36.07
N ALA A 251 18.35 19.71 -36.62
CA ALA A 251 18.16 18.42 -37.27
C ALA A 251 19.15 18.24 -38.39
N LYS A 252 19.42 19.30 -39.14
CA LYS A 252 20.33 19.17 -40.28
C LYS A 252 21.76 18.95 -39.79
N SER A 253 22.20 19.79 -38.85
CA SER A 253 23.54 19.61 -38.27
C SER A 253 23.72 18.19 -37.72
N TRP A 254 22.77 17.73 -36.90
CA TRP A 254 22.98 16.50 -36.17
C TRP A 254 22.81 15.29 -37.10
N LEU A 255 21.99 15.46 -38.15
CA LEU A 255 21.84 14.43 -39.15
C LEU A 255 23.12 14.28 -39.94
N ARG A 256 23.78 15.39 -40.24
CA ARG A 256 25.08 15.35 -40.88
C ARG A 256 26.09 14.59 -40.03
N THR A 257 26.11 14.89 -38.72
CA THR A 257 27.06 14.23 -37.83
C THR A 257 26.74 12.74 -37.81
N CYS A 258 25.43 12.39 -37.74
CA CYS A 258 25.03 10.99 -37.78
C CYS A 258 25.48 10.32 -39.08
N ALA A 259 25.26 10.99 -40.22
CA ALA A 259 25.61 10.47 -41.52
C ALA A 259 27.12 10.28 -41.64
N GLU A 260 27.87 11.28 -41.16
CA GLU A 260 29.32 11.16 -41.06
C GLU A 260 29.71 9.93 -40.24
N ASN A 261 29.02 9.67 -39.13
CA ASN A 261 29.36 8.54 -38.26
C ASN A 261 28.76 7.23 -38.79
N ASN A 262 27.99 7.27 -39.88
CA ASN A 262 27.50 6.07 -40.54
C ASN A 262 26.59 5.34 -39.56
N VAL A 263 25.76 6.10 -38.85
CA VAL A 263 24.74 5.53 -38.00
C VAL A 263 23.37 6.03 -38.47
N TRP A 264 22.35 5.19 -38.23
CA TRP A 264 20.96 5.43 -38.60
C TRP A 264 20.33 6.47 -37.69
N ALA A 265 19.46 7.30 -38.28
CA ALA A 265 18.94 8.43 -37.52
C ALA A 265 17.53 8.79 -37.96
N VAL A 267 14.45 12.04 -37.09
CA VAL A 267 14.17 13.35 -36.52
C VAL A 267 12.80 13.32 -35.85
N GLN A 268 12.76 13.78 -34.59
CA GLN A 268 11.53 13.95 -33.85
C GLN A 268 11.19 15.45 -33.80
N PRO A 269 10.30 15.97 -34.69
CA PRO A 269 10.00 17.39 -34.72
C PRO A 269 8.79 17.78 -33.87
N SER A 270 8.11 16.80 -33.30
CA SER A 270 6.80 17.08 -32.75
C SER A 270 6.60 16.27 -31.49
N SER A 271 6.08 16.95 -30.47
CA SER A 271 5.30 16.35 -29.42
C SER A 271 3.91 16.97 -29.45
N GLY A 272 2.88 16.11 -29.46
CA GLY A 272 1.52 16.56 -29.63
C GLY A 272 1.38 17.34 -30.93
N GLY A 273 0.47 18.34 -30.90
CA GLY A 273 0.10 19.10 -32.07
C GLY A 273 1.27 19.94 -32.56
N PHE A 274 2.13 20.36 -31.64
CA PHE A 274 3.27 21.23 -31.93
C PHE A 274 4.33 20.50 -32.74
N SER A 275 4.81 21.18 -33.78
CA SER A 275 5.84 20.66 -34.67
C SER A 275 6.66 21.83 -35.19
N HIS A 276 7.97 21.63 -35.26
CA HIS A 276 8.89 22.58 -35.86
C HIS A 276 8.66 22.75 -37.36
N PHE A 277 8.06 21.74 -38.02
CA PHE A 277 7.86 21.78 -39.46
C PHE A 277 6.36 21.84 -39.79
N LYS A 278 6.04 22.52 -40.87
CA LYS A 278 4.65 22.69 -41.28
C LYS A 278 4.07 21.35 -41.76
N ASP A 279 2.86 21.03 -41.28
CA ASP A 279 2.12 19.87 -41.75
C ASP A 279 1.59 20.09 -43.16
N VAL A 280 1.56 19.02 -43.99
CA VAL A 280 1.04 19.10 -45.36
C VAL A 280 -0.37 18.51 -45.39
N SER A 281 -1.08 18.74 -46.50
CA SER A 281 -2.34 18.04 -46.74
C SER A 281 -2.33 17.29 -48.08
N LEU A 282 -1.40 17.61 -48.99
CA LEU A 282 -1.30 16.92 -50.29
C LEU A 282 0.13 16.47 -50.54
N TYR A 283 0.26 15.27 -51.13
CA TYR A 283 1.53 14.67 -51.44
C TYR A 283 2.37 15.62 -52.27
N SER A 284 1.73 16.27 -53.23
CA SER A 284 2.37 17.16 -54.18
C SER A 284 3.26 18.17 -53.48
N GLN A 285 2.95 18.52 -52.22
CA GLN A 285 3.65 19.60 -51.54
C GLN A 285 5.11 19.25 -51.24
N PHE A 286 5.44 17.96 -51.17
CA PHE A 286 6.77 17.56 -50.75
C PHE A 286 7.81 18.01 -51.78
N GLU A 287 7.38 18.26 -53.02
CA GLU A 287 8.29 18.69 -54.08
C GLU A 287 7.91 20.05 -54.65
N SER A 288 6.69 20.51 -54.45
CA SER A 288 6.20 21.72 -55.11
C SER A 288 6.10 22.90 -54.14
N ASP A 289 6.17 22.65 -52.85
CA ASP A 289 5.84 23.65 -51.84
C ASP A 289 7.10 24.07 -51.07
N ASP A 290 7.52 25.32 -51.25
CA ASP A 290 8.78 25.77 -50.67
C ASP A 290 8.65 26.00 -49.17
N LYS A 291 7.47 25.80 -48.58
CA LYS A 291 7.35 25.97 -47.14
C LYS A 291 7.63 24.68 -46.38
N VAL A 292 7.75 23.54 -47.08
CA VAL A 292 7.83 22.24 -46.43
C VAL A 292 8.93 21.38 -47.08
N ARG A 293 10.04 22.02 -47.43
CA ARG A 293 11.14 21.38 -48.13
C ARG A 293 11.78 20.28 -47.29
N VAL A 294 11.69 20.39 -45.96
CA VAL A 294 12.45 19.60 -45.01
C VAL A 294 12.23 18.11 -45.23
N TYR A 295 10.98 17.73 -45.49
CA TYR A 295 10.60 16.33 -45.42
C TYR A 295 11.30 15.56 -46.52
N ASP A 296 11.16 16.03 -47.77
CA ASP A 296 11.86 15.41 -48.90
C ASP A 296 13.38 15.53 -48.72
N GLU A 297 13.82 16.66 -48.16
CA GLU A 297 15.24 17.00 -48.09
C GLU A 297 16.03 15.98 -47.27
N PHE A 298 15.57 15.64 -46.06
CA PHE A 298 16.31 14.75 -45.19
C PHE A 298 16.38 13.33 -45.78
N PHE A 299 15.29 12.89 -46.44
CA PHE A 299 15.31 11.59 -47.08
C PHE A 299 16.27 11.61 -48.28
N ARG A 300 16.27 12.71 -49.05
CA ARG A 300 16.99 12.77 -50.30
C ARG A 300 18.49 12.84 -50.06
N GLU A 301 18.91 13.52 -48.99
CA GLU A 301 20.28 13.98 -48.86
C GLU A 301 21.05 13.11 -47.86
N TYR A 302 20.30 12.37 -46.99
CA TYR A 302 20.92 11.56 -45.94
C TYR A 302 20.51 10.10 -46.11
N PRO A 303 21.42 9.20 -46.55
CA PRO A 303 21.09 7.80 -46.75
C PRO A 303 20.84 7.03 -45.45
N ASN A 304 21.31 7.60 -44.34
CA ASN A 304 21.13 7.06 -43.00
C ASN A 304 19.83 7.55 -42.34
N PHE A 305 19.13 8.50 -42.98
CA PHE A 305 17.89 9.04 -42.43
C PHE A 305 16.73 8.05 -42.70
N LEU A 306 15.93 7.79 -41.68
CA LEU A 306 14.86 6.82 -41.76
C LEU A 306 13.48 7.46 -41.68
N GLY A 307 13.39 8.72 -41.21
CA GLY A 307 12.12 9.42 -41.18
C GLY A 307 11.84 10.13 -39.84
N PHE A 308 10.56 10.46 -39.66
CA PHE A 308 10.11 11.38 -38.64
C PHE A 308 9.32 10.64 -37.57
N ASN A 309 9.55 11.06 -36.33
CA ASN A 309 8.95 10.50 -35.13
C ASN A 309 8.06 11.59 -34.53
N TYR A 310 6.75 11.34 -34.50
CA TYR A 310 5.77 12.22 -33.89
C TYR A 310 5.42 11.62 -32.52
N CYS A 311 5.92 12.20 -31.45
CA CYS A 311 5.76 11.55 -30.16
C CYS A 311 4.59 12.17 -29.40
N ALA A 312 4.05 11.39 -28.47
CA ALA A 312 3.06 11.85 -27.50
C ALA A 312 1.90 12.54 -28.22
N GLN A 313 1.29 11.82 -29.17
CA GLN A 313 0.28 12.44 -30.00
C GLN A 313 -1.11 12.48 -29.32
N PHE A 314 -1.23 13.26 -28.22
CA PHE A 314 -2.43 13.23 -27.38
C PHE A 314 -2.77 14.59 -26.77
N TRP A 315 -1.97 15.61 -27.04
CA TRP A 315 -2.06 16.89 -26.35
C TRP A 315 -1.67 17.97 -27.34
N GLY A 316 -2.09 19.20 -27.04
CA GLY A 316 -1.55 20.36 -27.73
C GLY A 316 -2.13 20.60 -29.13
N TYR A 317 -3.31 20.04 -29.44
CA TYR A 317 -3.94 20.23 -30.72
C TYR A 317 -4.86 21.44 -30.64
N ASP A 318 -5.10 22.05 -31.81
CA ASP A 318 -6.05 23.14 -31.94
C ASP A 318 -5.58 24.36 -31.16
N ASP A 319 -4.26 24.46 -30.94
CA ASP A 319 -3.65 25.64 -30.37
C ASP A 319 -3.60 26.68 -31.47
N GLN A 320 -3.56 27.94 -31.07
CA GLN A 320 -3.29 28.99 -32.03
C GLN A 320 -2.05 28.62 -32.86
N PHE A 321 -1.04 27.96 -32.27
CA PHE A 321 0.21 27.70 -32.97
C PHE A 321 0.46 26.22 -33.21
N SER A 322 -0.59 25.41 -33.28
CA SER A 322 -0.42 24.01 -33.63
C SER A 322 -1.40 23.67 -34.77
N VAL A 323 -1.76 22.40 -34.92
CA VAL A 323 -2.78 21.98 -35.89
C VAL A 323 -3.85 21.20 -35.12
N SER A 324 -4.99 20.96 -35.80
CA SER A 324 -5.96 20.01 -35.30
C SER A 324 -5.38 18.62 -35.46
N TRP A 325 -5.92 17.67 -34.67
CA TRP A 325 -5.53 16.28 -34.79
C TRP A 325 -5.88 15.72 -36.17
N LEU A 326 -7.00 16.16 -36.75
CA LEU A 326 -7.41 15.76 -38.08
C LEU A 326 -6.38 16.19 -39.12
N GLN A 327 -5.91 17.44 -38.97
CA GLN A 327 -4.88 17.91 -39.88
C GLN A 327 -3.60 17.09 -39.71
N ARG A 328 -3.31 16.67 -38.48
CA ARG A 328 -2.11 15.91 -38.20
C ARG A 328 -2.19 14.55 -38.90
N VAL A 329 -3.37 13.92 -38.90
CA VAL A 329 -3.55 12.64 -39.52
C VAL A 329 -3.43 12.77 -41.04
N ALA A 330 -4.02 13.83 -41.60
CA ALA A 330 -3.95 14.08 -43.03
C ALA A 330 -2.51 14.29 -43.45
N HIS A 331 -1.72 14.97 -42.60
CA HIS A 331 -0.26 15.05 -42.74
C HIS A 331 0.38 13.66 -42.80
N TRP A 332 0.10 12.83 -41.80
CA TRP A 332 0.60 11.46 -41.77
C TRP A 332 0.24 10.67 -43.04
N ASN A 333 -0.98 10.84 -43.56
CA ASN A 333 -1.44 10.17 -44.78
C ASN A 333 -0.47 10.41 -45.95
N GLN A 334 -0.04 11.68 -46.12
CA GLN A 334 0.93 12.08 -47.13
C GLN A 334 2.34 11.64 -46.75
N LEU A 335 2.75 11.87 -45.49
CA LEU A 335 4.13 11.61 -45.10
C LEU A 335 4.42 10.10 -45.17
N LEU A 336 3.39 9.26 -45.00
CA LEU A 336 3.56 7.82 -45.11
C LEU A 336 3.88 7.44 -46.55
N LYS A 337 3.27 8.14 -47.53
CA LYS A 337 3.58 7.87 -48.93
C LYS A 337 5.03 8.20 -49.21
N LEU A 338 5.50 9.36 -48.71
CA LEU A 338 6.86 9.80 -48.96
C LEU A 338 7.85 8.83 -48.30
N THR A 339 7.57 8.45 -47.06
CA THR A 339 8.38 7.53 -46.29
C THR A 339 8.54 6.23 -47.06
N HIS A 340 7.41 5.77 -47.64
CA HIS A 340 7.38 4.57 -48.43
C HIS A 340 8.34 4.66 -49.62
N LYS A 341 8.26 5.74 -50.39
CA LYS A 341 9.14 5.92 -51.53
C LYS A 341 10.61 5.73 -51.16
N TYR A 342 11.00 6.28 -50.01
CA TYR A 342 12.40 6.28 -49.62
C TYR A 342 12.74 5.08 -48.72
N GLY A 343 11.77 4.21 -48.42
CA GLY A 343 12.03 3.05 -47.59
C GLY A 343 12.31 3.39 -46.12
N GLY A 344 11.57 4.37 -45.60
CA GLY A 344 11.74 4.78 -44.22
C GLY A 344 10.62 4.31 -43.30
N TYR A 345 10.57 4.92 -42.12
CA TYR A 345 9.48 4.73 -41.19
C TYR A 345 8.90 6.08 -40.80
N LEU A 346 7.59 6.04 -40.56
CA LEU A 346 6.89 7.02 -39.75
C LEU A 346 6.59 6.37 -38.41
N VAL A 347 7.02 7.03 -37.35
CA VAL A 347 6.81 6.56 -35.97
C VAL A 347 5.81 7.48 -35.28
N VAL A 348 4.76 6.89 -34.71
CA VAL A 348 3.91 7.64 -33.81
C VAL A 348 3.91 6.93 -32.45
N SER A 349 3.83 7.70 -31.36
CA SER A 349 3.73 7.13 -30.02
C SER A 349 2.55 7.72 -29.28
N PHE A 350 1.82 6.91 -28.49
CA PHE A 350 0.63 7.40 -27.84
C PHE A 350 0.60 7.07 -26.35
N CYS A 351 0.21 8.07 -25.58
CA CYS A 351 -0.15 7.93 -24.16
C CYS A 351 -1.48 8.66 -23.99
N GLY A 352 -2.32 8.15 -23.10
CA GLY A 352 -3.72 8.52 -23.08
C GLY A 352 -4.15 9.20 -21.79
N ASN A 353 -5.31 9.85 -21.88
CA ASN A 353 -6.10 10.24 -20.72
C ASN A 353 -7.54 10.26 -21.22
N THR A 354 -8.47 10.62 -20.33
CA THR A 354 -9.88 10.52 -20.67
C THR A 354 -10.25 11.46 -21.82
N TRP A 355 -9.54 12.60 -21.96
CA TRP A 355 -9.89 13.62 -22.96
C TRP A 355 -9.31 13.34 -24.34
N SER A 356 -8.43 12.34 -24.47
CA SER A 356 -7.78 12.03 -25.74
C SER A 356 -8.24 10.69 -26.32
N ALA A 357 -9.41 10.19 -25.89
CA ALA A 357 -9.91 8.93 -26.42
C ALA A 357 -10.20 9.07 -27.92
N ASN A 358 -10.77 10.20 -28.32
CA ASN A 358 -11.20 10.39 -29.70
C ASN A 358 -10.03 10.68 -30.66
N ILE A 359 -8.79 10.61 -30.17
CA ILE A 359 -7.64 10.77 -31.03
C ILE A 359 -6.63 9.67 -30.78
N ASN A 360 -7.09 8.56 -30.22
CA ASN A 360 -6.20 7.48 -29.84
C ASN A 360 -5.99 6.61 -31.08
N PRO A 361 -5.21 5.51 -31.00
CA PRO A 361 -4.98 4.65 -32.17
C PRO A 361 -6.19 3.88 -32.75
N ILE A 362 -7.28 3.71 -31.98
CA ILE A 362 -8.52 3.23 -32.58
C ILE A 362 -9.12 4.32 -33.48
N ALA A 363 -9.39 5.47 -32.87
CA ALA A 363 -9.91 6.66 -33.53
C ALA A 363 -9.12 6.99 -34.79
N LEU A 364 -7.80 6.84 -34.73
CA LEU A 364 -6.88 7.15 -35.82
C LEU A 364 -7.38 6.53 -37.13
N VAL A 365 -7.81 5.28 -37.07
CA VAL A 365 -8.22 4.59 -38.27
C VAL A 365 -9.73 4.59 -38.35
N LYS A 366 -10.40 4.57 -37.20
CA LYS A 366 -11.85 4.48 -37.17
C LYS A 366 -12.46 5.81 -37.60
N ARG A 367 -11.77 6.94 -37.38
CA ARG A 367 -12.31 8.22 -37.81
C ARG A 367 -11.76 8.69 -39.15
N ASN A 368 -10.71 8.04 -39.67
CA ASN A 368 -9.98 8.55 -40.83
C ASN A 368 -9.78 7.43 -41.87
N SER A 369 -10.82 7.21 -42.68
CA SER A 369 -10.88 6.08 -43.61
C SER A 369 -9.79 6.14 -44.67
N ASP A 370 -9.46 7.37 -45.10
CA ASP A 370 -8.45 7.54 -46.13
C ASP A 370 -7.10 7.17 -45.51
N PHE A 371 -6.80 7.72 -44.33
CA PHE A 371 -5.62 7.39 -43.60
C PHE A 371 -5.52 5.87 -43.38
N ALA A 372 -6.62 5.23 -43.02
CA ALA A 372 -6.63 3.81 -42.72
C ALA A 372 -6.20 3.03 -43.96
N GLN A 373 -6.74 3.42 -45.13
CA GLN A 373 -6.32 2.80 -46.40
C GLN A 373 -4.80 2.88 -46.56
N THR A 374 -4.24 4.05 -46.36
CA THR A 374 -2.83 4.32 -46.60
C THR A 374 -1.99 3.54 -45.60
N ALA A 375 -2.40 3.54 -44.32
CA ALA A 375 -1.68 2.82 -43.28
C ALA A 375 -1.58 1.34 -43.66
N LYS A 376 -2.70 0.78 -44.11
CA LYS A 376 -2.77 -0.63 -44.47
C LYS A 376 -1.87 -0.90 -45.67
N LEU A 377 -1.91 0.00 -46.65
CA LEU A 377 -1.12 -0.15 -47.86
C LEU A 377 0.37 -0.10 -47.55
N TYR A 378 0.77 0.76 -46.61
CA TYR A 378 2.17 1.02 -46.30
C TYR A 378 2.48 0.72 -44.84
N SER A 379 1.86 -0.34 -44.31
CA SER A 379 2.01 -0.71 -42.91
C SER A 379 3.47 -0.97 -42.56
N GLU A 380 4.27 -1.47 -43.52
CA GLU A 380 5.67 -1.74 -43.27
C GLU A 380 6.45 -0.47 -42.94
N ASN A 381 5.93 0.70 -43.31
CA ASN A 381 6.63 1.96 -43.06
C ASN A 381 6.05 2.69 -41.84
N PHE A 382 5.21 2.02 -41.07
CA PHE A 382 4.47 2.70 -40.01
C PHE A 382 4.69 1.95 -38.70
N ILE A 383 5.14 2.69 -37.67
CA ILE A 383 5.47 2.13 -36.36
C ILE A 383 4.63 2.82 -35.30
N CYS A 385 3.79 3.12 -31.19
CA CYS A 385 4.45 2.93 -29.91
C CYS A 385 3.52 3.37 -28.78
N GLU A 386 3.44 2.55 -27.73
CA GLU A 386 2.86 2.94 -26.45
C GLU A 386 3.88 3.80 -25.69
N LYS A 387 3.40 4.82 -24.99
CA LYS A 387 4.26 5.77 -24.28
C LYS A 387 3.82 5.83 -22.83
N TYR A 388 4.77 5.95 -21.88
CA TYR A 388 4.45 5.73 -20.46
C TYR A 388 4.40 7.05 -19.72
N THR A 389 4.02 8.13 -20.41
CA THR A 389 4.23 9.47 -19.88
C THR A 389 3.11 9.86 -18.92
N THR A 390 1.85 9.56 -19.27
CA THR A 390 0.71 10.00 -18.48
C THR A 390 0.53 9.09 -17.25
N GLN A 391 -0.38 9.49 -16.37
CA GLN A 391 -0.59 8.90 -15.06
C GLN A 391 -1.49 7.65 -15.07
N SER A 392 -2.20 7.38 -16.18
N SER A 392 -2.20 7.38 -16.18
CA SER A 392 -3.20 6.32 -16.15
CA SER A 392 -3.23 6.35 -16.14
C SER A 392 -3.53 5.78 -17.55
C SER A 392 -3.54 5.78 -17.54
N GLY A 393 -4.24 4.63 -17.54
CA GLY A 393 -4.74 3.96 -18.73
C GLY A 393 -3.70 3.10 -19.43
N PHE A 394 -2.70 2.60 -18.70
CA PHE A 394 -1.56 1.95 -19.32
C PHE A 394 -2.02 0.68 -20.02
N PHE A 395 -2.92 -0.10 -19.40
CA PHE A 395 -3.37 -1.35 -20.02
C PHE A 395 -4.28 -1.04 -21.21
N ASN A 396 -5.17 -0.06 -21.06
CA ASN A 396 -5.99 0.40 -22.18
C ASN A 396 -5.14 0.73 -23.41
N VAL A 397 -4.15 1.60 -23.21
CA VAL A 397 -3.32 2.07 -24.29
C VAL A 397 -2.41 0.94 -24.80
N GLU A 398 -1.84 0.13 -23.91
CA GLU A 398 -1.06 -1.04 -24.32
C GLU A 398 -1.82 -1.90 -25.33
N GLY A 399 -3.04 -2.27 -24.98
CA GLY A 399 -3.84 -3.16 -25.81
C GLY A 399 -4.18 -2.54 -27.17
N ILE A 400 -4.41 -1.24 -27.18
CA ILE A 400 -4.76 -0.55 -28.42
C ILE A 400 -3.54 -0.42 -29.34
N CYS A 401 -2.37 -0.04 -28.76
CA CYS A 401 -1.18 0.07 -29.57
C CYS A 401 -0.77 -1.30 -30.14
N LEU A 402 -0.74 -2.34 -29.29
CA LEU A 402 -0.55 -3.70 -29.75
C LEU A 402 -1.51 -4.00 -30.89
N GLY A 403 -2.77 -3.61 -30.66
CA GLY A 403 -3.86 -3.89 -31.60
C GLY A 403 -3.61 -3.33 -33.01
N THR A 404 -3.01 -2.14 -33.05
CA THR A 404 -2.76 -1.47 -34.29
C THR A 404 -1.81 -2.28 -35.18
N TRP A 405 -0.91 -3.01 -34.53
CA TRP A 405 0.14 -3.75 -35.20
C TRP A 405 -0.40 -5.14 -35.59
N LEU A 406 -0.97 -5.80 -34.61
CA LEU A 406 -1.53 -7.12 -34.87
C LEU A 406 -2.59 -7.05 -35.97
N SER A 407 -3.41 -5.97 -35.99
CA SER A 407 -4.53 -5.90 -36.94
C SER A 407 -4.10 -5.56 -38.36
N GLY A 408 -2.85 -5.13 -38.54
CA GLY A 408 -2.28 -4.89 -39.85
C GLY A 408 -2.10 -3.40 -40.21
N PHE A 409 -2.39 -2.46 -39.29
CA PHE A 409 -2.30 -1.02 -39.58
C PHE A 409 -0.88 -0.48 -39.42
N ALA A 410 -0.14 -1.02 -38.45
CA ALA A 410 1.26 -0.69 -38.20
C ALA A 410 2.14 -1.90 -38.48
N GLY A 411 3.35 -1.67 -38.99
CA GLY A 411 4.24 -2.75 -39.41
C GLY A 411 5.14 -3.20 -38.26
N GLN A 412 5.38 -2.32 -37.27
CA GLN A 412 6.03 -2.67 -36.04
C GLN A 412 5.33 -2.00 -34.85
N TYR A 413 5.60 -2.54 -33.66
CA TYR A 413 5.09 -2.07 -32.38
C TYR A 413 6.28 -1.82 -31.45
N GLY A 414 6.20 -0.72 -30.68
CA GLY A 414 7.30 -0.39 -29.82
C GLY A 414 6.85 0.22 -28.48
N ILE A 415 7.83 0.37 -27.61
CA ILE A 415 7.56 0.95 -26.30
C ILE A 415 8.43 2.19 -26.14
N ARG A 416 7.79 3.27 -25.74
CA ARG A 416 8.54 4.43 -25.28
C ARG A 416 8.30 4.58 -23.77
N PHE A 417 9.27 4.07 -23.00
CA PHE A 417 9.08 4.01 -21.56
C PHE A 417 9.46 5.38 -21.01
N ASP A 418 8.79 5.79 -19.93
CA ASP A 418 8.96 7.12 -19.37
C ASP A 418 8.76 7.02 -17.87
N GLN A 419 9.71 7.55 -17.10
CA GLN A 419 9.61 7.66 -15.65
C GLN A 419 8.34 8.39 -15.21
N CYS A 420 7.84 9.30 -16.06
CA CYS A 420 6.73 10.20 -15.73
C CYS A 420 5.43 9.44 -15.49
N GLY A 421 5.37 8.18 -15.92
CA GLY A 421 4.22 7.33 -15.65
C GLY A 421 4.07 6.99 -14.16
N TRP A 422 5.16 7.10 -13.37
CA TRP A 422 5.10 6.83 -11.95
C TRP A 422 4.04 7.71 -11.30
N THR A 423 3.17 7.13 -10.45
CA THR A 423 2.01 7.86 -9.93
C THR A 423 2.49 9.01 -9.05
N GLU A 424 2.03 10.24 -9.31
CA GLU A 424 2.50 11.40 -8.56
C GLU A 424 2.05 11.32 -7.10
N GLU A 425 2.82 11.92 -6.18
CA GLU A 425 2.51 11.98 -4.75
C GLU A 425 2.85 10.65 -4.06
N LYS A 426 2.09 9.60 -4.41
CA LYS A 426 2.07 8.34 -3.69
C LYS A 426 3.06 7.32 -4.27
N GLY A 427 3.33 7.40 -5.60
CA GLY A 427 4.07 6.36 -6.29
C GLY A 427 3.32 5.02 -6.26
N GLN A 428 4.08 3.92 -6.26
CA GLN A 428 3.53 2.57 -6.18
C GLN A 428 4.36 1.81 -5.14
N ASN A 429 3.70 0.91 -4.40
CA ASN A 429 4.35 0.07 -3.40
C ASN A 429 5.02 0.86 -2.26
N GLY A 430 4.56 2.11 -2.00
CA GLY A 430 5.14 2.95 -0.95
C GLY A 430 6.39 3.69 -1.42
N ASP A 431 6.71 3.60 -2.72
CA ASP A 431 7.89 4.23 -3.29
C ASP A 431 7.45 5.51 -3.99
N LYS A 432 7.62 6.63 -3.30
CA LYS A 432 7.15 7.91 -3.81
C LYS A 432 7.93 8.27 -5.08
N ASP A 433 9.25 8.08 -5.04
CA ASP A 433 10.10 8.44 -6.17
C ASP A 433 10.21 7.25 -7.12
N PHE A 434 10.27 7.54 -8.41
CA PHE A 434 10.41 6.51 -9.43
C PHE A 434 11.73 5.74 -9.30
N PRO A 435 11.72 4.42 -9.02
CA PRO A 435 12.96 3.65 -9.00
C PRO A 435 13.31 3.10 -10.38
N PRO A 436 14.52 3.35 -10.93
CA PRO A 436 14.85 2.93 -12.30
C PRO A 436 14.58 1.45 -12.59
N ALA A 437 14.78 0.59 -11.58
CA ALA A 437 14.57 -0.84 -11.73
C ALA A 437 13.12 -1.18 -12.16
N ALA A 438 12.14 -0.36 -11.71
CA ALA A 438 10.73 -0.52 -12.06
C ALA A 438 10.53 -0.56 -13.58
N GLY A 439 11.34 0.21 -14.30
CA GLY A 439 11.16 0.39 -15.73
C GLY A 439 11.62 -0.81 -16.57
N ALA A 440 12.42 -1.70 -15.97
CA ALA A 440 12.86 -2.90 -16.67
C ALA A 440 11.67 -3.86 -16.91
N LEU A 441 10.68 -3.76 -16.02
CA LEU A 441 9.58 -4.71 -15.93
C LEU A 441 8.71 -4.62 -17.18
N PRO A 442 8.02 -3.51 -17.48
CA PRO A 442 7.20 -3.48 -18.68
C PRO A 442 8.03 -3.70 -19.95
N ILE A 443 9.27 -3.20 -20.02
CA ILE A 443 9.99 -3.31 -21.29
C ILE A 443 10.23 -4.79 -21.61
N ILE A 444 10.73 -5.56 -20.64
CA ILE A 444 11.08 -6.95 -20.90
C ILE A 444 9.81 -7.72 -21.21
N GLU A 445 8.77 -7.45 -20.42
CA GLU A 445 7.48 -8.10 -20.55
C GLU A 445 6.90 -7.87 -21.96
N HIS A 446 6.86 -6.63 -22.44
CA HIS A 446 6.14 -6.33 -23.68
C HIS A 446 6.99 -6.74 -24.88
N VAL A 447 8.31 -6.59 -24.74
CA VAL A 447 9.20 -7.02 -25.81
C VAL A 447 9.07 -8.53 -26.02
N LEU A 449 6.92 -10.82 -24.63
CA LEU A 449 5.62 -11.47 -24.63
C LEU A 449 4.70 -10.89 -25.70
N THR A 450 4.92 -9.66 -26.17
CA THR A 450 3.99 -9.09 -27.13
C THR A 450 4.72 -8.59 -28.37
N GLY A 451 6.00 -8.95 -28.51
CA GLY A 451 6.67 -8.87 -29.80
C GLY A 451 7.05 -7.44 -30.22
N GLN A 452 7.21 -6.50 -29.29
CA GLN A 452 7.78 -5.18 -29.62
C GLN A 452 9.21 -5.31 -30.17
N THR A 453 9.48 -4.62 -31.29
CA THR A 453 10.77 -4.62 -31.94
C THR A 453 11.51 -3.30 -31.80
N VAL A 454 10.85 -2.33 -31.15
CA VAL A 454 11.42 -1.00 -30.98
C VAL A 454 11.32 -0.65 -29.52
N ILE A 455 12.48 -0.27 -28.95
CA ILE A 455 12.54 0.35 -27.64
C ILE A 455 12.96 1.80 -27.80
N ASP A 456 12.26 2.73 -27.16
CA ASP A 456 12.51 4.15 -27.35
C ASP A 456 12.76 4.75 -25.98
N GLY A 457 13.92 5.42 -25.84
CA GLY A 457 14.28 6.11 -24.60
C GLY A 457 15.30 5.31 -23.79
N PRO A 458 15.09 5.10 -22.47
CA PRO A 458 13.92 5.58 -21.76
C PRO A 458 13.93 7.06 -21.43
N GLU A 459 12.71 7.61 -21.19
CA GLU A 459 12.53 8.99 -20.77
C GLU A 459 12.53 9.06 -19.23
N LEU A 460 12.89 10.22 -18.64
CA LEU A 460 13.33 11.40 -19.37
C LEU A 460 14.78 11.19 -19.79
N ILE A 461 15.09 11.57 -21.03
CA ILE A 461 16.43 11.35 -21.56
C ILE A 461 17.51 11.91 -20.63
N TRP A 462 17.25 13.13 -20.14
CA TRP A 462 18.22 13.89 -19.37
C TRP A 462 18.18 13.53 -17.88
N GLN A 463 17.47 12.45 -17.52
CA GLN A 463 17.53 11.93 -16.17
C GLN A 463 17.79 10.41 -16.16
N GLN A 464 17.55 9.74 -17.29
CA GLN A 464 17.71 8.29 -17.29
C GLN A 464 18.76 7.78 -18.29
N CYS A 465 19.17 8.61 -19.28
CA CYS A 465 20.12 8.20 -20.30
C CYS A 465 21.42 9.00 -20.14
N PHE A 466 21.37 10.33 -20.36
CA PHE A 466 22.58 11.11 -20.51
C PHE A 466 22.46 12.46 -19.79
N LYS A 467 23.64 12.96 -19.40
CA LYS A 467 23.78 14.25 -18.78
C LYS A 467 25.09 14.88 -19.24
N GLU A 468 25.06 16.20 -19.35
CA GLU A 468 26.26 16.99 -19.47
C GLU A 468 26.82 17.20 -18.06
N THR A 469 28.12 16.98 -17.89
CA THR A 469 28.82 17.36 -16.67
C THR A 469 29.55 18.68 -16.89
N ASN A 470 30.32 19.06 -15.87
CA ASN A 470 31.30 20.12 -15.95
C ASN A 470 32.25 19.85 -17.12
N ALA A 471 32.80 20.91 -17.72
CA ALA A 471 33.81 20.75 -18.75
C ALA A 471 35.00 20.01 -18.15
N VAL A 472 35.75 19.29 -18.98
CA VAL A 472 36.88 18.53 -18.50
C VAL A 472 38.12 19.05 -19.21
N SER A 473 39.25 19.01 -18.52
CA SER A 473 40.54 19.36 -19.10
C SER A 473 40.99 18.18 -19.95
N VAL A 474 41.35 18.44 -21.21
CA VAL A 474 41.81 17.39 -22.11
C VAL A 474 43.24 17.68 -22.57
N GLY A 475 43.98 18.45 -21.78
CA GLY A 475 45.38 18.74 -22.03
C GLY A 475 45.58 19.93 -22.96
N ASP A 476 46.84 20.39 -23.01
CA ASP A 476 47.30 21.36 -23.99
C ASP A 476 46.63 22.71 -23.76
N GLY A 477 46.09 22.97 -22.55
CA GLY A 477 45.37 24.21 -22.27
C GLY A 477 43.86 24.14 -22.53
N TYR A 478 43.43 23.15 -23.31
CA TYR A 478 42.06 23.11 -23.82
C TYR A 478 41.13 22.40 -22.83
N GLN A 479 39.86 22.81 -22.91
CA GLN A 479 38.80 22.16 -22.17
C GLN A 479 37.73 21.70 -23.17
N SER A 480 36.88 20.80 -22.70
CA SER A 480 35.99 20.07 -23.58
C SER A 480 34.68 19.84 -22.83
N ARG A 481 33.56 20.05 -23.54
CA ARG A 481 32.25 19.68 -23.04
C ARG A 481 32.20 18.16 -22.90
N ASN A 482 31.47 17.74 -21.86
CA ASN A 482 31.50 16.34 -21.50
C ASN A 482 30.09 15.85 -21.17
N TRP A 483 29.73 14.69 -21.75
CA TRP A 483 28.49 14.00 -21.47
C TRP A 483 28.81 12.60 -20.93
N GLU A 484 27.97 12.15 -20.00
CA GLU A 484 28.06 10.80 -19.45
C GLU A 484 26.70 10.12 -19.45
N CYS A 485 26.73 8.77 -19.43
CA CYS A 485 25.54 7.97 -19.24
C CYS A 485 25.18 8.00 -17.77
N PHE A 486 23.89 7.99 -17.46
CA PHE A 486 23.49 7.71 -16.10
C PHE A 486 23.78 6.24 -15.86
N PRO A 487 24.01 5.80 -14.58
CA PRO A 487 24.38 4.41 -14.31
C PRO A 487 23.29 3.41 -14.68
N GLN A 488 22.03 3.85 -14.50
CA GLN A 488 20.87 3.04 -14.81
C GLN A 488 20.85 2.75 -16.30
N PHE A 489 21.26 3.70 -17.14
CA PHE A 489 21.29 3.45 -18.57
C PHE A 489 22.21 2.27 -18.88
N VAL A 490 23.37 2.25 -18.21
CA VAL A 490 24.38 1.24 -18.47
C VAL A 490 23.89 -0.10 -17.92
N ASN A 491 23.35 -0.09 -16.71
CA ASN A 491 23.05 -1.30 -15.96
C ASN A 491 21.62 -1.82 -16.20
N ILE A 492 20.75 -1.04 -16.85
CA ILE A 492 19.42 -1.52 -17.18
C ILE A 492 19.30 -1.61 -18.68
N ASN A 493 19.36 -0.47 -19.38
CA ASN A 493 18.91 -0.42 -20.77
C ASN A 493 19.96 -1.01 -21.71
N ILE A 494 21.25 -0.68 -21.56
CA ILE A 494 22.25 -1.25 -22.43
C ILE A 494 22.27 -2.77 -22.24
N ASP A 495 22.18 -3.20 -20.99
CA ASP A 495 22.45 -4.59 -20.68
C ASP A 495 21.26 -5.40 -21.17
N PHE A 497 19.36 -4.72 -23.77
CA PHE A 497 19.38 -4.87 -25.21
C PHE A 497 20.40 -5.94 -25.60
N ARG A 498 21.50 -6.04 -24.81
CA ARG A 498 22.49 -7.06 -25.04
C ARG A 498 21.87 -8.45 -24.85
N LYS A 499 20.85 -8.56 -24.01
CA LYS A 499 20.20 -9.85 -23.84
C LYS A 499 19.28 -10.17 -25.01
N ILE A 500 18.84 -9.16 -25.77
CA ILE A 500 18.13 -9.43 -27.01
C ILE A 500 19.15 -9.89 -28.06
N ILE A 501 20.26 -9.17 -28.18
CA ILE A 501 21.27 -9.49 -29.16
C ILE A 501 21.81 -10.91 -28.98
N ASP A 502 22.03 -11.37 -27.72
CA ASP A 502 22.67 -12.65 -27.46
C ASP A 502 21.65 -13.79 -27.45
N LYS A 503 20.38 -13.44 -27.79
CA LYS A 503 19.34 -14.38 -28.12
C LYS A 503 18.68 -14.96 -26.88
N THR A 504 18.97 -14.42 -25.71
CA THR A 504 18.25 -14.84 -24.51
C THR A 504 16.80 -14.35 -24.57
N ILE A 505 16.60 -13.09 -24.94
CA ILE A 505 15.26 -12.52 -25.04
C ILE A 505 14.82 -12.62 -26.50
N ARG A 506 14.11 -13.70 -26.81
CA ARG A 506 13.55 -13.92 -28.14
C ARG A 506 12.29 -13.08 -28.28
N ILE A 507 12.24 -12.32 -29.35
CA ILE A 507 11.10 -11.49 -29.63
C ILE A 507 10.15 -12.30 -30.53
N PRO A 508 8.86 -12.49 -30.18
CA PRO A 508 7.96 -13.22 -31.07
C PRO A 508 7.55 -12.40 -32.29
N SER A 509 7.35 -13.09 -33.42
N SER A 509 7.34 -13.09 -33.41
CA SER A 509 6.79 -12.48 -34.62
CA SER A 509 6.79 -12.49 -34.62
C SER A 509 5.34 -12.08 -34.38
C SER A 509 5.33 -12.09 -34.38
N ARG A 510 4.78 -11.30 -35.31
CA ARG A 510 3.39 -10.90 -35.24
C ARG A 510 2.48 -12.12 -35.21
N LYS A 511 2.70 -13.06 -36.15
CA LYS A 511 1.91 -14.27 -36.20
C LYS A 511 2.06 -15.07 -34.91
N GLU A 512 3.29 -15.15 -34.37
CA GLU A 512 3.53 -15.86 -33.13
C GLU A 512 2.74 -15.21 -31.98
N VAL A 513 2.71 -13.87 -31.94
CA VAL A 513 1.96 -13.17 -30.91
C VAL A 513 0.48 -13.47 -31.06
N ILE A 514 -0.04 -13.52 -32.31
CA ILE A 514 -1.46 -13.70 -32.53
C ILE A 514 -1.86 -15.09 -32.05
N ASP A 515 -1.07 -16.11 -32.39
CA ASP A 515 -1.36 -17.48 -31.99
C ASP A 515 -1.29 -17.63 -30.47
N ARG A 516 -0.42 -16.88 -29.78
CA ARG A 516 -0.35 -16.95 -28.33
C ARG A 516 -1.53 -16.22 -27.68
N THR A 517 -1.93 -15.10 -28.29
CA THR A 517 -2.88 -14.18 -27.69
C THR A 517 -4.30 -14.73 -27.82
N LYS A 518 -4.64 -15.32 -28.98
CA LYS A 518 -5.88 -16.03 -29.20
C LYS A 518 -7.05 -15.09 -29.41
N VAL A 519 -7.14 -14.02 -28.60
CA VAL A 519 -8.34 -13.21 -28.55
C VAL A 519 -8.04 -11.78 -28.94
N VAL A 520 -8.93 -11.14 -29.69
CA VAL A 520 -8.87 -9.70 -29.97
C VAL A 520 -10.22 -9.08 -29.68
N ILE A 521 -10.26 -7.86 -29.14
CA ILE A 521 -11.49 -7.08 -29.04
C ILE A 521 -11.58 -6.20 -30.28
N LEU A 522 -12.77 -6.15 -30.91
CA LEU A 522 -12.94 -5.30 -32.08
C LEU A 522 -13.83 -4.13 -31.70
N GLN A 523 -13.30 -2.92 -31.88
CA GLN A 523 -13.97 -1.75 -31.36
C GLN A 523 -15.01 -1.27 -32.37
N ASP A 524 -16.20 -1.84 -32.28
CA ASP A 524 -17.25 -1.59 -33.26
C ASP A 524 -18.38 -0.78 -32.65
N VAL A 525 -18.11 0.02 -31.61
CA VAL A 525 -19.14 0.83 -31.01
C VAL A 525 -19.21 2.20 -31.69
N TYR A 526 -20.41 2.62 -32.13
CA TYR A 526 -20.55 3.91 -32.77
C TYR A 526 -21.43 4.85 -31.94
N SER A 527 -21.87 4.38 -30.76
CA SER A 527 -22.77 5.15 -29.92
C SER A 527 -22.16 5.41 -28.55
N GLY A 528 -22.56 6.52 -27.95
CA GLY A 528 -22.11 6.91 -26.62
C GLY A 528 -21.01 7.95 -26.71
N ASP A 529 -20.22 8.07 -25.65
CA ASP A 529 -19.18 9.09 -25.57
C ASP A 529 -17.89 8.53 -26.20
N ASP A 530 -16.86 9.37 -26.15
CA ASP A 530 -15.61 9.10 -26.83
C ASP A 530 -14.95 7.82 -26.31
N ASN A 531 -15.05 7.60 -25.00
CA ASN A 531 -14.46 6.41 -24.40
C ASN A 531 -15.23 5.16 -24.85
N ALA A 532 -16.54 5.26 -24.97
CA ALA A 532 -17.35 4.15 -25.44
C ALA A 532 -16.96 3.78 -26.87
N LYS A 533 -16.70 4.79 -27.71
CA LYS A 533 -16.45 4.56 -29.13
C LYS A 533 -14.97 4.23 -29.43
N TYR A 534 -14.03 4.68 -28.59
CA TYR A 534 -12.64 4.50 -28.98
C TYR A 534 -11.82 3.76 -27.94
N SER A 535 -12.21 3.83 -26.65
CA SER A 535 -11.43 3.16 -25.62
C SER A 535 -11.86 1.70 -25.46
N SER A 536 -10.97 0.92 -24.88
CA SER A 536 -11.26 -0.46 -24.58
C SER A 536 -12.36 -0.50 -23.53
N PRO A 537 -13.08 -1.64 -23.38
CA PRO A 537 -14.08 -1.76 -22.32
C PRO A 537 -13.55 -1.40 -20.94
N LYS A 538 -14.37 -0.66 -20.17
CA LYS A 538 -13.94 -0.04 -18.94
C LYS A 538 -13.23 -1.09 -18.08
N ASN A 539 -13.83 -2.29 -17.97
CA ASN A 539 -13.35 -3.25 -16.99
C ASN A 539 -12.67 -4.46 -17.66
N LEU A 540 -12.10 -4.26 -18.86
CA LEU A 540 -11.53 -5.35 -19.61
C LEU A 540 -10.50 -6.13 -18.78
N HIS A 541 -9.66 -5.38 -18.04
CA HIS A 541 -8.51 -5.92 -17.32
C HIS A 541 -8.83 -6.39 -15.90
N GLU A 542 -10.02 -6.03 -15.38
CA GLU A 542 -10.43 -6.41 -14.04
C GLU A 542 -10.61 -7.92 -13.94
N GLY A 543 -10.10 -8.51 -12.86
CA GLY A 543 -10.18 -9.94 -12.64
C GLY A 543 -9.15 -10.71 -13.45
N LEU A 544 -8.40 -10.02 -14.33
CA LEU A 544 -7.40 -10.67 -15.16
C LEU A 544 -6.03 -10.28 -14.63
N TYR A 545 -5.40 -9.22 -15.17
CA TYR A 545 -4.08 -8.83 -14.69
C TYR A 545 -4.05 -7.47 -13.99
N LEU A 546 -5.20 -6.85 -13.78
CA LEU A 546 -5.30 -5.64 -12.98
C LEU A 546 -4.98 -5.96 -11.52
N ARG A 547 -4.06 -5.18 -10.92
CA ARG A 547 -3.74 -5.35 -9.51
C ARG A 547 -4.98 -5.12 -8.65
N ASP A 548 -5.00 -5.78 -7.48
CA ASP A 548 -6.13 -5.66 -6.56
C ASP A 548 -6.28 -4.23 -6.03
N ASP A 549 -5.18 -3.47 -5.97
CA ASP A 549 -5.21 -2.13 -5.41
C ASP A 549 -5.48 -1.08 -6.50
N ASP A 550 -5.65 -1.49 -7.76
CA ASP A 550 -5.65 -0.56 -8.87
C ASP A 550 -7.06 -0.47 -9.47
N GLY A 551 -7.32 0.58 -10.27
CA GLY A 551 -8.64 0.81 -10.84
C GLY A 551 -8.72 0.50 -12.34
N ASN A 552 -9.94 0.59 -12.89
CA ASN A 552 -10.17 0.36 -14.31
C ASN A 552 -9.86 1.60 -15.12
N LEU A 553 -9.33 1.38 -16.33
CA LEU A 553 -9.21 2.39 -17.40
C LEU A 553 -8.44 3.63 -16.91
N TRP A 554 -9.12 4.77 -16.71
CA TRP A 554 -8.39 5.96 -16.32
C TRP A 554 -8.10 5.97 -14.80
N ASP A 555 -8.50 4.91 -14.08
CA ASP A 555 -8.09 4.72 -12.69
C ASP A 555 -7.01 3.64 -12.57
N ASN A 556 -6.45 3.22 -13.72
CA ASN A 556 -5.38 2.24 -13.77
C ASN A 556 -4.05 3.01 -13.70
N HIS A 557 -3.48 3.06 -12.48
CA HIS A 557 -2.32 3.92 -12.23
C HIS A 557 -1.03 3.10 -12.26
N CYS A 558 -1.14 1.77 -12.39
CA CYS A 558 0.03 0.91 -12.23
C CYS A 558 0.16 -0.07 -13.41
N TYR A 559 1.38 -0.17 -13.96
CA TYR A 559 1.61 -0.95 -15.18
C TYR A 559 2.31 -2.28 -14.89
N PHE A 560 2.36 -2.68 -13.61
CA PHE A 560 2.80 -4.01 -13.25
C PHE A 560 1.57 -4.92 -13.26
N LYS A 561 1.64 -6.00 -14.03
CA LYS A 561 0.58 -6.99 -14.09
C LYS A 561 0.61 -7.93 -12.89
N LYS A 562 -0.58 -8.27 -12.41
CA LYS A 562 -0.72 -9.08 -11.22
C LYS A 562 -0.39 -10.55 -11.51
N THR A 563 -0.69 -10.99 -12.75
CA THR A 563 -0.40 -12.34 -13.22
C THR A 563 -0.05 -12.24 -14.70
N GLY A 564 0.60 -13.29 -15.20
CA GLY A 564 0.91 -13.43 -16.62
C GLY A 564 0.21 -14.62 -17.25
N ARG A 565 -0.76 -15.16 -16.52
CA ARG A 565 -1.63 -16.22 -17.04
C ARG A 565 -2.26 -15.80 -18.36
N TYR A 566 -2.68 -14.52 -18.44
CA TYR A 566 -3.41 -14.04 -19.59
C TYR A 566 -2.49 -13.14 -20.39
N PRO A 567 -2.47 -13.23 -21.75
CA PRO A 567 -1.74 -12.28 -22.55
C PRO A 567 -2.35 -10.88 -22.52
N THR A 568 -1.52 -9.87 -22.82
CA THR A 568 -2.06 -8.58 -23.18
C THR A 568 -3.16 -8.79 -24.22
N ILE A 569 -4.32 -8.21 -23.91
CA ILE A 569 -5.49 -8.34 -24.74
C ILE A 569 -5.48 -7.25 -25.79
N PRO A 570 -5.34 -7.55 -27.09
CA PRO A 570 -5.32 -6.50 -28.09
C PRO A 570 -6.71 -5.97 -28.39
N VAL A 571 -6.80 -4.65 -28.58
CA VAL A 571 -8.02 -3.99 -28.96
C VAL A 571 -7.77 -3.34 -30.32
N ALA A 572 -8.60 -3.65 -31.29
CA ALA A 572 -8.35 -3.23 -32.67
C ALA A 572 -9.65 -2.71 -33.27
N PHE A 573 -9.52 -1.96 -34.38
CA PHE A 573 -10.68 -1.45 -35.12
C PHE A 573 -11.15 -2.51 -36.11
N GLU A 574 -10.25 -2.92 -37.00
CA GLU A 574 -10.57 -3.91 -38.01
C GLU A 574 -9.36 -4.79 -38.25
N LEU A 575 -9.61 -6.00 -38.77
CA LEU A 575 -8.57 -6.93 -39.15
C LEU A 575 -8.33 -6.88 -40.67
N CYS A 576 -7.17 -6.35 -41.07
CA CYS A 576 -6.90 -5.91 -42.43
C CYS A 576 -6.45 -7.01 -43.38
N ASP A 577 -5.78 -8.06 -42.89
CA ASP A 577 -5.19 -9.06 -43.75
C ASP A 577 -5.49 -10.46 -43.22
N ASP A 578 -5.03 -11.50 -43.93
CA ASP A 578 -5.36 -12.86 -43.54
C ASP A 578 -4.75 -13.18 -42.17
N VAL A 579 -3.55 -12.67 -41.90
CA VAL A 579 -2.88 -12.92 -40.63
C VAL A 579 -3.72 -12.32 -39.49
N ALA A 580 -4.15 -11.05 -39.64
CA ALA A 580 -5.03 -10.42 -38.66
C ALA A 580 -6.29 -11.27 -38.43
N ASN A 581 -6.82 -11.88 -39.50
CA ASN A 581 -8.08 -12.60 -39.43
C ASN A 581 -7.90 -14.03 -38.89
N SER A 582 -6.66 -14.40 -38.53
CA SER A 582 -6.40 -15.73 -37.97
C SER A 582 -6.59 -15.77 -36.45
N PHE A 583 -6.92 -14.65 -35.82
CA PHE A 583 -7.25 -14.66 -34.40
C PHE A 583 -8.31 -15.73 -34.11
N GLN A 584 -8.08 -16.50 -33.04
CA GLN A 584 -8.97 -17.60 -32.72
C GLN A 584 -10.34 -17.06 -32.28
N TYR A 585 -10.31 -16.06 -31.39
CA TYR A 585 -11.52 -15.50 -30.83
C TYR A 585 -11.59 -14.02 -31.13
N LYS A 586 -12.69 -13.58 -31.71
CA LYS A 586 -12.91 -12.19 -32.03
C LYS A 586 -14.15 -11.75 -31.27
N ILE A 587 -14.01 -10.86 -30.30
CA ILE A 587 -15.13 -10.32 -29.54
C ILE A 587 -15.42 -8.89 -30.02
N ASN A 588 -16.63 -8.68 -30.52
CA ASN A 588 -17.09 -7.34 -30.86
C ASN A 588 -17.42 -6.60 -29.57
N GLN A 589 -16.93 -5.35 -29.49
CA GLN A 589 -17.03 -4.55 -28.28
C GLN A 589 -18.49 -4.17 -28.04
N SER A 590 -19.30 -4.05 -29.09
CA SER A 590 -20.74 -3.87 -28.97
C SER A 590 -21.40 -4.95 -28.11
N THR A 591 -20.88 -6.18 -28.09
CA THR A 591 -21.48 -7.27 -27.34
C THR A 591 -20.95 -7.33 -25.90
N PHE A 592 -20.00 -6.44 -25.58
CA PHE A 592 -19.22 -6.56 -24.35
C PHE A 592 -20.11 -6.25 -23.15
N GLU A 593 -20.99 -5.25 -23.31
CA GLU A 593 -21.84 -4.84 -22.21
C GLU A 593 -22.78 -5.98 -21.82
N GLY A 594 -23.36 -6.67 -22.82
CA GLY A 594 -24.33 -7.72 -22.57
C GLY A 594 -23.76 -8.91 -21.78
N SER A 595 -22.51 -9.27 -22.03
CA SER A 595 -21.98 -10.57 -21.65
C SER A 595 -20.71 -10.43 -20.80
N TRP A 596 -19.68 -9.88 -21.45
CA TRP A 596 -18.31 -9.85 -20.93
C TRP A 596 -18.11 -8.81 -19.84
N SER A 597 -19.06 -7.87 -19.70
CA SER A 597 -18.93 -6.83 -18.69
C SER A 597 -19.04 -7.44 -17.31
N ASP A 598 -19.67 -8.62 -17.23
CA ASP A 598 -19.66 -9.37 -16.00
C ASP A 598 -18.31 -10.07 -15.84
N VAL A 599 -17.52 -9.55 -14.89
CA VAL A 599 -16.14 -9.95 -14.71
C VAL A 599 -16.04 -11.47 -14.60
N ASN A 600 -16.90 -12.09 -13.79
CA ASN A 600 -16.80 -13.50 -13.50
C ASN A 600 -17.01 -14.33 -14.78
N THR A 601 -17.94 -13.91 -15.64
CA THR A 601 -18.21 -14.62 -16.88
C THR A 601 -16.95 -14.59 -17.75
N LYS A 602 -16.37 -13.40 -17.87
CA LYS A 602 -15.16 -13.21 -18.67
C LYS A 602 -14.04 -14.10 -18.12
N VAL A 603 -13.87 -14.13 -16.81
CA VAL A 603 -12.73 -14.80 -16.22
C VAL A 603 -12.85 -16.29 -16.50
N GLY A 604 -14.11 -16.77 -16.43
CA GLY A 604 -14.42 -18.15 -16.73
C GLY A 604 -13.97 -18.53 -18.14
N LYS A 605 -14.34 -17.72 -19.13
CA LYS A 605 -13.98 -18.00 -20.51
C LYS A 605 -12.46 -17.95 -20.65
N PHE A 606 -11.85 -16.89 -20.12
CA PHE A 606 -10.43 -16.69 -20.28
C PHE A 606 -9.63 -17.82 -19.62
N ASN A 607 -10.11 -18.31 -18.48
CA ASN A 607 -9.47 -19.42 -17.77
C ASN A 607 -9.44 -20.72 -18.57
N ARG A 608 -10.41 -20.90 -19.47
CA ARG A 608 -10.44 -22.07 -20.35
C ARG A 608 -9.46 -21.87 -21.51
N TRP A 609 -9.31 -20.63 -21.97
CA TRP A 609 -8.43 -20.35 -23.09
C TRP A 609 -6.97 -20.33 -22.67
N PHE A 610 -6.72 -19.86 -21.45
CA PHE A 610 -5.37 -19.72 -20.94
C PHE A 610 -5.20 -20.57 -19.69
N PRO A 611 -4.54 -21.73 -19.80
CA PRO A 611 -4.36 -22.61 -18.65
C PRO A 611 -3.44 -22.00 -17.59
N GLN A 612 -3.68 -22.40 -16.34
CA GLN A 612 -2.82 -22.05 -15.24
C GLN A 612 -1.50 -22.79 -15.43
N GLU A 613 -0.39 -22.05 -15.47
CA GLU A 613 0.95 -22.62 -15.61
C GLU A 613 1.81 -22.30 -14.40
N TYR A 614 1.30 -21.47 -13.44
CA TYR A 614 1.93 -21.37 -12.13
C TYR A 614 0.94 -20.88 -11.09
N THR A 615 1.37 -20.89 -9.83
CA THR A 615 0.69 -20.21 -8.74
C THR A 615 1.67 -19.29 -8.02
N GLY A 616 1.09 -18.26 -7.37
CA GLY A 616 1.85 -17.33 -6.54
C GLY A 616 1.62 -15.88 -6.95
N GLU A 617 2.24 -14.93 -6.24
CA GLU A 617 1.93 -13.51 -6.43
C GLU A 617 2.90 -12.80 -7.37
N LEU A 618 4.03 -13.43 -7.70
CA LEU A 618 4.91 -12.95 -8.75
C LEU A 618 4.13 -12.97 -10.06
N TYR A 619 4.53 -12.09 -10.97
CA TYR A 619 4.19 -12.17 -12.38
C TYR A 619 5.08 -13.20 -13.04
N ALA A 620 4.44 -14.16 -13.74
CA ALA A 620 5.11 -15.11 -14.60
C ALA A 620 4.29 -15.28 -15.87
N GLY A 621 4.97 -15.16 -17.01
CA GLY A 621 4.34 -15.36 -18.30
C GLY A 621 5.28 -16.15 -19.20
N ARG A 622 4.72 -17.12 -19.92
CA ARG A 622 5.52 -18.06 -20.70
C ARG A 622 5.27 -17.86 -22.18
N ILE A 623 6.36 -18.02 -22.94
CA ILE A 623 6.29 -18.13 -24.39
C ILE A 623 7.39 -19.10 -24.82
N GLU A 624 6.97 -20.22 -25.45
CA GLU A 624 7.84 -21.36 -25.70
C GLU A 624 8.56 -21.73 -24.40
N ASN A 625 9.89 -21.81 -24.42
CA ASN A 625 10.67 -22.29 -23.29
C ASN A 625 11.21 -21.12 -22.48
N GLY A 626 10.62 -19.93 -22.70
CA GLY A 626 11.02 -18.71 -22.03
C GLY A 626 9.95 -18.24 -21.05
N TRP A 627 10.40 -17.81 -19.86
CA TRP A 627 9.54 -17.13 -18.89
C TRP A 627 10.01 -15.70 -18.67
N VAL A 628 9.07 -14.78 -18.51
CA VAL A 628 9.32 -13.49 -17.90
C VAL A 628 8.72 -13.54 -16.50
N VAL A 629 9.55 -13.40 -15.46
CA VAL A 629 9.08 -13.45 -14.09
C VAL A 629 9.55 -12.18 -13.41
N TYR A 630 8.64 -11.47 -12.76
CA TYR A 630 9.06 -10.27 -12.05
C TYR A 630 8.18 -10.07 -10.82
N ASN A 631 8.70 -9.30 -9.85
CA ASN A 631 7.94 -8.95 -8.67
C ASN A 631 7.60 -7.46 -8.73
N GLY A 632 6.29 -7.15 -8.87
CA GLY A 632 5.82 -5.78 -9.02
C GLY A 632 5.27 -5.26 -7.70
N LEU A 633 5.45 -6.03 -6.63
CA LEU A 633 4.94 -5.70 -5.30
C LEU A 633 6.10 -5.49 -4.33
N ALA A 634 5.78 -4.87 -3.19
CA ALA A 634 6.72 -4.76 -2.09
C ALA A 634 6.92 -6.13 -1.45
N GLY A 635 8.09 -6.32 -0.86
CA GLY A 635 8.40 -7.55 -0.17
C GLY A 635 9.08 -8.53 -1.11
N ILE A 636 9.48 -9.68 -0.57
CA ILE A 636 9.87 -10.81 -1.36
C ILE A 636 8.62 -11.64 -1.64
N ARG A 637 8.35 -11.88 -2.91
CA ARG A 637 7.14 -12.57 -3.35
C ARG A 637 7.48 -13.86 -4.10
N ASN A 638 6.53 -14.81 -4.10
CA ASN A 638 6.81 -16.16 -4.55
C ASN A 638 6.00 -16.58 -5.76
N ALA A 639 6.54 -17.61 -6.44
CA ALA A 639 5.81 -18.36 -7.44
C ALA A 639 6.28 -19.81 -7.40
N ALA A 640 5.34 -20.72 -7.68
CA ALA A 640 5.64 -22.11 -7.96
C ALA A 640 5.34 -22.37 -9.43
N ILE A 641 6.36 -22.82 -10.14
CA ILE A 641 6.27 -22.96 -11.58
C ILE A 641 6.68 -24.38 -11.97
N PRO A 642 5.73 -25.27 -12.37
CA PRO A 642 6.07 -26.55 -12.98
C PRO A 642 6.76 -26.37 -14.32
N PHE A 643 7.84 -27.14 -14.56
CA PHE A 643 8.62 -27.01 -15.78
C PHE A 643 7.84 -27.54 -16.96
N LYS A 644 8.02 -26.95 -18.14
CA LYS A 644 7.40 -27.44 -19.36
C LYS A 644 8.43 -28.10 -20.29
N TYR A 645 9.72 -27.81 -20.09
CA TYR A 645 10.80 -28.31 -20.95
C TYR A 645 11.86 -29.03 -20.11
N ASN A 646 12.17 -28.48 -18.93
CA ASN A 646 13.18 -29.06 -18.06
C ASN A 646 12.69 -30.40 -17.50
N THR A 647 13.60 -31.36 -17.32
CA THR A 647 13.23 -32.71 -16.91
C THR A 647 13.12 -32.83 -15.38
N CYS A 648 13.33 -31.73 -14.65
CA CYS A 648 13.02 -31.68 -13.22
C CYS A 648 11.53 -31.49 -13.05
N ASP A 649 11.09 -31.26 -11.81
CA ASP A 649 9.68 -31.16 -11.45
C ASP A 649 9.20 -29.71 -11.59
N LYS A 650 9.72 -28.81 -10.77
CA LYS A 650 9.23 -27.44 -10.72
C LYS A 650 10.30 -26.57 -10.08
N GLU A 652 10.44 -23.10 -7.32
CA GLU A 652 9.83 -22.05 -6.53
C GLU A 652 10.77 -20.83 -6.52
N LEU A 653 10.19 -19.66 -6.74
CA LEU A 653 10.97 -18.46 -6.85
C LEU A 653 10.54 -17.55 -5.70
N ALA A 654 11.54 -16.89 -5.08
CA ALA A 654 11.33 -15.83 -4.11
C ALA A 654 12.17 -14.65 -4.60
N TYR A 655 11.51 -13.58 -5.00
CA TYR A 655 12.15 -12.47 -5.69
C TYR A 655 11.93 -11.18 -4.93
N SER A 656 12.97 -10.35 -4.88
CA SER A 656 12.88 -9.02 -4.32
C SER A 656 12.00 -8.11 -5.17
N LYS A 657 11.55 -7.01 -4.55
CA LYS A 657 10.70 -6.05 -5.22
C LYS A 657 11.44 -5.44 -6.39
N TYR A 658 10.82 -5.49 -7.59
CA TYR A 658 11.35 -4.96 -8.84
C TYR A 658 12.47 -5.82 -9.41
N THR A 659 12.61 -7.04 -8.92
CA THR A 659 13.45 -7.97 -9.65
C THR A 659 12.67 -8.48 -10.85
N VAL A 660 13.34 -8.46 -11.98
CA VAL A 660 12.84 -9.03 -13.22
C VAL A 660 13.82 -10.12 -13.64
N SER A 661 13.27 -11.13 -14.30
CA SER A 661 14.09 -12.24 -14.75
C SER A 661 13.55 -12.78 -16.06
N VAL A 662 14.49 -13.16 -16.92
CA VAL A 662 14.18 -13.97 -18.08
C VAL A 662 14.79 -15.36 -17.85
N ILE A 663 13.92 -16.36 -17.88
CA ILE A 663 14.31 -17.73 -17.60
C ILE A 663 14.09 -18.55 -18.85
N LYS A 664 15.16 -19.21 -19.28
CA LYS A 664 15.10 -20.16 -20.37
C LYS A 664 15.20 -21.57 -19.85
N GLU A 665 14.21 -22.42 -20.19
CA GLU A 665 14.25 -23.84 -19.85
C GLU A 665 14.87 -24.64 -20.99
N TYR A 666 15.76 -25.55 -20.62
CA TYR A 666 16.22 -26.61 -21.52
C TYR A 666 15.97 -27.92 -20.81
N ALA A 667 16.20 -29.04 -21.50
CA ALA A 667 15.91 -30.35 -20.92
C ALA A 667 16.74 -30.56 -19.65
N ASN A 668 18.00 -30.11 -19.66
CA ASN A 668 18.93 -30.40 -18.58
C ASN A 668 19.64 -29.11 -18.15
N LYS A 669 18.94 -27.98 -18.31
CA LYS A 669 19.53 -26.70 -17.97
C LYS A 669 18.43 -25.66 -17.86
N LEU A 670 18.74 -24.66 -17.03
CA LEU A 670 17.95 -23.45 -16.87
C LEU A 670 18.93 -22.29 -16.94
N THR A 671 18.59 -21.23 -17.69
CA THR A 671 19.32 -19.98 -17.58
C THR A 671 18.39 -18.96 -16.94
N PHE A 672 19.01 -18.10 -16.13
CA PHE A 672 18.36 -16.97 -15.50
C PHE A 672 19.13 -15.70 -15.80
N TYR A 673 18.52 -14.79 -16.55
CA TYR A 673 18.96 -13.40 -16.57
C TYR A 673 18.20 -12.64 -15.49
N ASN A 675 17.75 -9.00 -13.14
CA ASN A 675 18.18 -7.63 -12.89
C ASN A 675 17.34 -7.02 -11.77
N ASN A 676 18.01 -6.13 -11.02
CA ASN A 676 17.40 -5.25 -10.05
C ASN A 676 18.47 -4.24 -9.68
N TYR A 677 18.50 -3.14 -10.46
CA TYR A 677 19.59 -2.18 -10.38
C TYR A 677 19.16 -0.96 -9.56
N ASP A 678 19.92 -0.70 -8.49
CA ASP A 678 19.82 0.50 -7.68
C ASP A 678 21.10 1.33 -7.89
N PRO A 679 21.02 2.56 -8.45
CA PRO A 679 22.20 3.43 -8.54
C PRO A 679 22.87 3.67 -7.19
N SER A 680 22.11 3.56 -6.09
CA SER A 680 22.66 3.82 -4.77
C SER A 680 23.40 2.62 -4.19
N GLY A 681 23.35 1.45 -4.85
CA GLY A 681 24.22 0.34 -4.50
C GLY A 681 23.66 -0.64 -3.47
N SER A 682 22.35 -0.63 -3.21
CA SER A 682 21.73 -1.64 -2.35
C SER A 682 21.74 -3.01 -3.03
N SER A 683 21.94 -4.07 -2.22
CA SER A 683 21.83 -5.44 -2.66
C SER A 683 20.41 -5.95 -2.40
N LYS A 684 19.95 -6.85 -3.28
CA LYS A 684 18.69 -7.58 -3.12
C LYS A 684 19.01 -9.06 -2.97
N THR A 685 18.09 -9.82 -2.35
CA THR A 685 18.10 -11.29 -2.29
C THR A 685 17.06 -11.89 -3.24
N GLU A 686 17.47 -12.89 -4.03
CA GLU A 686 16.55 -13.79 -4.70
C GLU A 686 16.83 -15.21 -4.22
N VAL A 687 15.78 -16.03 -4.09
CA VAL A 687 15.94 -17.45 -3.79
C VAL A 687 15.25 -18.29 -4.87
N ILE A 688 15.99 -19.32 -5.33
CA ILE A 688 15.51 -20.21 -6.38
C ILE A 688 15.61 -21.62 -5.81
N LYS A 689 14.49 -22.36 -5.82
CA LYS A 689 14.47 -23.75 -5.42
C LYS A 689 14.10 -24.65 -6.59
N ILE A 690 14.87 -25.73 -6.76
CA ILE A 690 14.60 -26.68 -7.81
C ILE A 690 14.27 -28.01 -7.17
N TYR A 691 13.07 -28.49 -7.52
CA TYR A 691 12.54 -29.76 -7.06
C TYR A 691 12.73 -30.82 -8.14
N GLY A 692 13.04 -32.05 -7.72
CA GLY A 692 12.95 -33.19 -8.61
C GLY A 692 14.20 -33.42 -9.46
N CYS A 693 15.34 -32.89 -9.02
CA CYS A 693 16.62 -33.26 -9.61
C CYS A 693 17.03 -34.66 -9.14
N THR A 694 17.35 -35.55 -10.09
CA THR A 694 17.73 -36.91 -9.77
C THR A 694 19.23 -37.00 -9.51
N SER A 695 19.97 -35.92 -9.69
CA SER A 695 21.34 -35.83 -9.16
C SER A 695 21.59 -34.39 -8.73
N LYS A 696 22.70 -34.17 -8.01
CA LYS A 696 22.98 -32.84 -7.50
C LYS A 696 23.27 -31.93 -8.68
N PRO A 697 22.59 -30.77 -8.78
CA PRO A 697 22.87 -29.80 -9.81
C PRO A 697 24.16 -29.03 -9.57
N THR A 698 24.61 -28.32 -10.61
CA THR A 698 25.66 -27.33 -10.48
C THR A 698 25.16 -25.99 -11.01
N HIS A 699 25.94 -24.94 -10.76
CA HIS A 699 25.56 -23.64 -11.26
C HIS A 699 26.84 -22.86 -11.56
N SER A 700 26.70 -21.86 -12.45
CA SER A 700 27.70 -20.82 -12.59
C SER A 700 26.96 -19.50 -12.71
N VAL A 701 27.63 -18.41 -12.31
CA VAL A 701 27.04 -17.09 -12.40
C VAL A 701 28.11 -16.15 -12.96
N SER A 702 27.70 -15.14 -13.72
CA SER A 702 28.56 -14.02 -13.96
C SER A 702 27.73 -12.75 -13.93
N SER A 703 28.24 -11.75 -13.20
CA SER A 703 27.55 -10.49 -13.14
C SER A 703 27.84 -9.75 -14.45
N ARG A 704 26.94 -8.85 -14.82
CA ARG A 704 27.01 -8.12 -16.07
C ARG A 704 27.11 -6.62 -15.79
N ALA A 705 27.54 -5.85 -16.80
CA ALA A 705 27.69 -4.40 -16.66
C ALA A 705 28.43 -4.08 -15.35
N ASN A 706 27.87 -3.22 -14.46
CA ASN A 706 28.51 -2.89 -13.20
C ASN A 706 27.92 -3.68 -12.02
N GLY A 707 27.16 -4.72 -12.30
CA GLY A 707 26.51 -5.49 -11.25
C GLY A 707 27.49 -6.19 -10.31
N THR A 708 27.06 -6.38 -9.06
CA THR A 708 27.71 -7.30 -8.14
C THR A 708 26.75 -8.46 -7.91
N ALA A 709 27.29 -9.66 -7.68
CA ALA A 709 26.47 -10.83 -7.47
C ALA A 709 27.29 -11.84 -6.68
N GLN A 710 26.65 -12.50 -5.69
CA GLN A 710 27.20 -13.71 -5.14
C GLN A 710 26.07 -14.73 -5.00
N VAL A 711 26.35 -15.98 -5.36
CA VAL A 711 25.35 -17.04 -5.36
C VAL A 711 25.86 -18.21 -4.51
N SER A 712 25.05 -18.72 -3.59
CA SER A 712 25.44 -19.90 -2.83
C SER A 712 24.43 -21.00 -3.09
N GLU A 713 24.87 -22.26 -3.02
CA GLU A 713 24.00 -23.37 -3.29
C GLU A 713 23.83 -24.23 -2.05
N ASN A 714 22.70 -24.93 -2.02
CA ASN A 714 22.34 -25.80 -0.92
C ASN A 714 21.62 -27.02 -1.49
N TRP A 715 22.10 -28.21 -1.13
CA TRP A 715 21.50 -29.47 -1.61
C TRP A 715 21.07 -30.30 -0.41
N LYS A 716 19.76 -30.43 -0.19
CA LYS A 716 19.25 -31.17 0.96
C LYS A 716 17.76 -31.45 0.77
N GLU A 717 17.37 -32.68 1.10
CA GLU A 717 16.01 -33.17 0.90
C GLU A 717 15.67 -33.17 -0.58
N ASP A 718 16.67 -33.42 -1.47
CA ASP A 718 16.51 -33.53 -2.92
C ASP A 718 16.05 -32.22 -3.58
N VAL A 719 16.13 -31.14 -2.80
CA VAL A 719 15.80 -29.79 -3.24
C VAL A 719 17.10 -29.01 -3.37
N TYR A 720 17.27 -28.40 -4.54
CA TYR A 720 18.42 -27.56 -4.80
C TYR A 720 18.00 -26.10 -4.57
N THR A 721 18.69 -25.40 -3.67
CA THR A 721 18.36 -24.02 -3.34
C THR A 721 19.57 -23.12 -3.65
N LEU A 722 19.32 -22.13 -4.52
CA LEU A 722 20.28 -21.08 -4.80
C LEU A 722 19.83 -19.76 -4.17
N THR A 723 20.70 -19.15 -3.37
CA THR A 723 20.50 -17.81 -2.89
C THR A 723 21.37 -16.89 -3.72
N VAL A 724 20.75 -15.86 -4.32
CA VAL A 724 21.43 -14.89 -5.14
C VAL A 724 21.36 -13.51 -4.48
N THR A 725 22.50 -12.97 -4.08
CA THR A 725 22.56 -11.60 -3.59
C THR A 725 23.24 -10.73 -4.65
N HIS A 726 22.63 -9.57 -4.95
CA HIS A 726 23.10 -8.78 -6.07
C HIS A 726 22.56 -7.37 -6.05
N ASN A 727 23.37 -6.48 -6.64
CA ASN A 727 22.86 -5.27 -7.25
C ASN A 727 23.09 -5.35 -8.76
N GLY A 728 22.04 -5.14 -9.55
CA GLY A 728 22.20 -5.07 -11.01
C GLY A 728 22.16 -6.44 -11.68
N PRO A 729 22.52 -6.51 -12.98
CA PRO A 729 22.26 -7.69 -13.80
C PRO A 729 23.27 -8.81 -13.70
N LEU A 730 22.80 -10.04 -13.98
CA LEU A 730 23.62 -11.22 -13.97
C LEU A 730 22.99 -12.33 -14.80
N ASP A 731 23.85 -13.24 -15.24
CA ASP A 731 23.43 -14.47 -15.90
C ASP A 731 23.75 -15.64 -14.99
N LEU A 732 22.75 -16.45 -14.68
CA LEU A 732 22.96 -17.62 -13.83
C LEU A 732 22.57 -18.86 -14.62
N THR A 733 23.46 -19.84 -14.67
CA THR A 733 23.17 -21.11 -15.32
C THR A 733 23.03 -22.17 -14.26
N VAL A 734 22.04 -23.03 -14.48
CA VAL A 734 21.78 -24.11 -13.55
C VAL A 734 21.68 -25.39 -14.37
N ASN A 735 22.60 -26.31 -14.07
CA ASN A 735 22.65 -27.62 -14.69
C ASN A 735 21.86 -28.57 -13.79
N CYS A 736 20.61 -28.81 -14.15
CA CYS A 736 19.74 -29.65 -13.35
C CYS A 736 18.98 -30.58 -14.28
N SER A 737 18.74 -31.81 -13.84
CA SER A 737 18.00 -32.74 -14.66
C SER A 737 17.27 -33.76 -13.79
N GLY A 738 16.13 -34.20 -14.31
CA GLY A 738 15.30 -35.17 -13.61
C GLY A 738 14.87 -36.30 -14.54
N LYS A 739 13.78 -36.99 -14.18
CA LYS A 739 13.34 -38.16 -14.91
C LYS A 739 12.02 -37.91 -15.66
N ALA A 740 11.56 -36.65 -15.79
CA ALA A 740 10.32 -36.36 -16.50
C ALA A 740 10.48 -36.64 -17.99
N THR A 741 9.44 -37.22 -18.59
CA THR A 741 9.40 -37.47 -20.03
C THR A 741 8.29 -36.64 -20.65
N ASP A 742 7.34 -36.17 -19.85
CA ASP A 742 6.23 -35.39 -20.36
C ASP A 742 6.62 -33.91 -20.47
N ARG A 743 7.42 -33.59 -21.50
CA ARG A 743 7.99 -32.25 -21.63
C ARG A 743 8.04 -31.85 -23.09
N LEU A 744 7.98 -30.54 -23.34
CA LEU A 744 8.15 -30.05 -24.69
C LEU A 744 9.62 -30.04 -25.09
N THR A 745 9.83 -29.81 -26.38
CA THR A 745 11.14 -29.79 -27.01
C THR A 745 11.47 -28.35 -27.43
N VAL A 746 12.71 -27.92 -27.15
CA VAL A 746 13.15 -26.56 -27.40
C VAL A 746 13.40 -26.34 -28.90
N SER A 747 13.05 -25.15 -29.41
CA SER A 747 13.30 -24.72 -30.80
C SER A 747 14.78 -24.41 -31.00
N THR A 748 15.21 -24.31 -32.27
CA THR A 748 16.52 -23.73 -32.57
C THR A 748 16.53 -22.26 -32.15
N ALA A 749 17.74 -21.76 -31.91
CA ALA A 749 17.98 -20.44 -31.35
C ALA A 749 17.39 -19.37 -32.27
N ALA A 750 16.81 -18.33 -31.65
CA ALA A 750 16.44 -17.11 -32.34
C ALA A 750 17.53 -16.69 -33.33
N SER A 751 17.14 -16.24 -34.52
CA SER A 751 18.04 -15.48 -35.36
C SER A 751 18.11 -14.04 -34.86
N ILE A 752 19.35 -13.55 -34.74
CA ILE A 752 19.65 -12.13 -34.63
C ILE A 752 20.61 -11.79 -35.78
N GLN A 753 20.24 -10.78 -36.56
CA GLN A 753 21.08 -10.35 -37.64
C GLN A 753 21.49 -8.91 -37.38
N VAL A 754 22.80 -8.66 -37.33
CA VAL A 754 23.32 -7.30 -37.16
C VAL A 754 22.82 -6.44 -38.33
N PRO A 755 22.02 -5.38 -38.08
CA PRO A 755 21.53 -4.55 -39.17
C PRO A 755 22.70 -3.96 -39.96
N ALA A 756 22.64 -4.06 -41.29
CA ALA A 756 23.62 -3.42 -42.15
C ALA A 756 23.64 -1.91 -41.91
N SER A 757 24.83 -1.35 -42.10
CA SER A 757 25.09 0.08 -42.02
C SER A 757 24.47 0.83 -43.20
N PRO A 758 24.22 2.15 -43.00
CA PRO A 758 23.74 2.99 -44.07
C PRO A 758 24.73 3.01 -45.22
N GLN A 759 24.24 3.45 -46.38
CA GLN A 759 25.15 3.85 -47.43
C GLN A 759 26.01 5.00 -46.90
N ILE A 760 27.29 4.99 -47.31
CA ILE A 760 28.27 6.03 -46.95
C ILE A 760 27.78 7.39 -47.46
N TYR A 761 27.72 8.39 -46.56
CA TYR A 761 27.28 9.73 -46.91
C TYR A 761 28.41 10.48 -47.62
N GLN A 762 28.05 11.10 -48.76
CA GLN A 762 29.01 11.78 -49.62
C GLN A 762 28.82 13.30 -49.55
N GLY A 763 27.96 13.78 -48.65
CA GLY A 763 27.67 15.20 -48.57
C GLY A 763 28.61 15.90 -47.58
N ALA A 764 28.26 17.17 -47.32
CA ALA A 764 29.05 18.07 -46.53
C ALA A 764 28.93 17.69 -45.05
N TYR A 765 30.03 17.80 -44.32
CA TYR A 765 30.04 17.55 -42.88
C TYR A 765 29.93 18.89 -42.17
N GLN A 766 29.41 18.84 -40.95
CA GLN A 766 29.18 20.01 -40.14
C GLN A 766 29.64 19.75 -38.72
N TYR A 767 30.25 20.79 -38.12
CA TYR A 767 30.76 20.75 -36.75
C TYR A 767 30.42 22.09 -36.12
N GLU A 768 29.64 22.03 -35.03
CA GLU A 768 29.20 23.21 -34.31
C GLU A 768 30.32 23.77 -33.44
N ALA A 769 30.44 25.10 -33.44
CA ALA A 769 31.50 25.79 -32.70
C ALA A 769 31.25 25.72 -31.20
N GLU A 770 29.98 25.64 -30.80
CA GLU A 770 29.60 25.39 -29.42
C GLU A 770 30.01 23.98 -29.00
N CYS A 771 30.50 23.14 -29.94
CA CYS A 771 30.98 21.82 -29.56
C CYS A 771 32.51 21.71 -29.61
N PHE A 772 33.19 22.79 -30.02
CA PHE A 772 34.64 22.78 -30.07
C PHE A 772 35.23 22.65 -28.67
N ASP A 773 36.39 22.01 -28.60
CA ASP A 773 37.28 22.19 -27.47
C ASP A 773 37.77 23.63 -27.49
N PHE A 774 37.95 24.24 -26.32
CA PHE A 774 38.20 25.67 -26.25
C PHE A 774 39.17 26.04 -25.13
N LYS A 775 39.83 27.20 -25.29
CA LYS A 775 40.57 27.88 -24.24
C LYS A 775 40.56 29.39 -24.51
N ASN A 776 40.34 30.14 -23.42
CA ASN A 776 40.50 31.59 -23.45
C ASN A 776 39.55 32.23 -24.47
N VAL A 777 38.32 31.70 -24.56
CA VAL A 777 37.30 32.32 -25.38
C VAL A 777 36.38 33.18 -24.51
N THR A 778 35.71 34.15 -25.11
CA THR A 778 35.01 35.17 -24.37
C THR A 778 33.70 34.63 -23.82
N LYS A 779 32.96 33.90 -24.66
CA LYS A 779 31.71 33.31 -24.20
C LYS A 779 31.32 32.13 -25.08
N ARG A 780 30.74 31.13 -24.42
CA ARG A 780 30.28 29.93 -25.09
C ARG A 780 28.76 29.90 -24.93
N VAL A 781 28.06 30.08 -26.05
CA VAL A 781 26.61 30.05 -26.02
C VAL A 781 26.15 28.65 -26.44
N THR A 782 25.93 27.81 -25.44
CA THR A 782 25.42 26.47 -25.66
C THR A 782 23.89 26.49 -25.70
N LYS A 783 23.27 27.57 -25.22
CA LYS A 783 21.83 27.71 -25.22
C LYS A 783 21.46 29.08 -25.79
N GLY A 784 21.23 29.13 -27.10
CA GLY A 784 21.24 30.40 -27.79
C GLY A 784 19.94 31.20 -27.65
N ASP A 785 18.85 30.55 -27.29
CA ASP A 785 17.56 31.24 -27.37
C ASP A 785 17.47 32.41 -26.40
N SER A 786 18.16 32.32 -25.24
CA SER A 786 18.10 33.37 -24.23
C SER A 786 19.18 34.44 -24.45
N GLU A 787 20.01 34.32 -25.51
CA GLU A 787 21.03 35.30 -25.81
C GLU A 787 20.63 36.20 -26.99
N PRO A 788 21.39 37.28 -27.28
CA PRO A 788 20.99 38.28 -28.28
C PRO A 788 21.25 37.95 -29.76
N ILE A 789 22.03 36.91 -30.08
CA ILE A 789 22.34 36.61 -31.48
C ILE A 789 21.33 35.59 -32.01
N ARG A 790 20.84 35.86 -33.22
CA ARG A 790 19.86 35.02 -33.88
C ARG A 790 20.52 34.31 -35.05
N ASN A 791 19.73 33.45 -35.70
CA ASN A 791 20.04 32.91 -37.00
C ASN A 791 21.32 32.07 -36.92
N TYR A 792 21.48 31.33 -35.83
CA TYR A 792 22.61 30.42 -35.69
C TYR A 792 22.16 28.99 -36.01
N THR A 793 23.14 28.07 -36.09
CA THR A 793 22.89 26.66 -36.39
C THR A 793 23.02 25.83 -35.11
N ALA A 794 22.19 24.79 -35.08
CA ALA A 794 22.03 23.96 -33.89
C ALA A 794 21.64 24.89 -32.76
N GLN A 795 22.19 24.73 -31.55
CA GLN A 795 21.57 25.40 -30.43
C GLN A 795 22.41 26.59 -29.94
N GLY A 796 23.54 26.87 -30.60
CA GLY A 796 24.40 27.89 -30.08
C GLY A 796 25.48 28.30 -31.06
N TYR A 797 26.56 28.81 -30.49
CA TYR A 797 27.70 29.41 -31.15
C TYR A 797 28.68 29.78 -30.03
N ILE A 798 29.84 30.29 -30.40
CA ILE A 798 30.69 30.91 -29.40
C ILE A 798 31.08 32.32 -29.84
N ASN A 799 31.31 33.15 -28.84
CA ASN A 799 32.18 34.31 -28.97
C ASN A 799 33.61 33.90 -28.65
N PHE A 800 34.35 33.61 -29.72
CA PHE A 800 35.75 33.28 -29.63
C PHE A 800 36.51 34.44 -28.97
N GLY A 801 36.16 35.68 -29.32
CA GLY A 801 36.66 36.88 -28.64
C GLY A 801 38.04 37.34 -29.15
N ALA A 802 38.71 38.20 -28.37
CA ALA A 802 39.86 38.92 -28.87
C ALA A 802 41.14 38.62 -28.09
N SER A 803 41.12 37.64 -27.18
CA SER A 803 42.32 37.30 -26.44
C SER A 803 43.38 36.73 -27.38
N SER A 804 44.64 37.08 -27.10
CA SER A 804 45.76 36.61 -27.91
C SER A 804 46.03 35.13 -27.67
N ALA A 805 45.38 34.52 -26.66
CA ALA A 805 45.60 33.12 -26.31
C ALA A 805 44.36 32.26 -26.62
N ALA A 806 43.36 32.88 -27.26
CA ALA A 806 42.15 32.17 -27.63
C ALA A 806 42.48 31.09 -28.66
N ALA A 807 41.78 29.97 -28.55
CA ALA A 807 41.99 28.84 -29.45
C ALA A 807 40.81 27.87 -29.34
N VAL A 808 40.46 27.26 -30.48
CA VAL A 808 39.45 26.21 -30.51
C VAL A 808 40.02 25.07 -31.34
N ARG A 809 39.56 23.86 -31.03
CA ARG A 809 40.00 22.64 -31.68
C ARG A 809 38.81 21.69 -31.82
N ALA A 811 38.00 17.57 -33.76
CA ALA A 811 38.37 16.41 -34.54
C ALA A 811 37.35 16.30 -35.68
N VAL A 812 37.83 16.47 -36.92
CA VAL A 812 36.99 16.36 -38.10
C VAL A 812 37.44 15.14 -38.90
N THR A 813 36.63 14.69 -39.88
CA THR A 813 37.00 13.52 -40.68
C THR A 813 36.93 13.80 -42.18
N ALA A 814 37.60 12.94 -42.95
CA ALA A 814 37.47 12.89 -44.41
C ALA A 814 37.38 11.43 -44.88
N LEU A 815 36.60 11.20 -45.94
CA LEU A 815 36.50 9.87 -46.52
C LEU A 815 37.83 9.49 -47.17
N GLU A 816 38.47 10.44 -47.84
CA GLU A 816 39.73 10.11 -48.46
C GLU A 816 40.61 11.34 -48.49
N ASP A 817 41.91 11.13 -48.72
CA ASP A 817 42.87 12.20 -48.78
C ASP A 817 42.47 13.10 -49.94
N GLY A 818 42.72 14.39 -49.78
CA GLY A 818 42.48 15.35 -50.84
C GLY A 818 42.15 16.73 -50.28
N VAL A 819 41.73 17.59 -51.20
CA VAL A 819 41.50 18.99 -50.91
C VAL A 819 40.03 19.16 -50.55
N TYR A 820 39.78 19.80 -49.43
CA TYR A 820 38.43 20.06 -48.97
C TYR A 820 38.34 21.56 -48.76
N THR A 821 37.12 22.07 -48.89
CA THR A 821 36.83 23.46 -48.61
C THR A 821 36.17 23.53 -47.24
N ILE A 822 36.74 24.38 -46.36
CA ILE A 822 36.22 24.65 -45.04
C ILE A 822 35.56 26.04 -45.06
N ARG A 823 34.23 26.01 -44.89
CA ARG A 823 33.43 27.21 -44.73
C ARG A 823 33.22 27.52 -43.26
N ILE A 824 33.68 28.69 -42.82
CA ILE A 824 33.64 29.09 -41.42
C ILE A 824 32.57 30.17 -41.28
N ARG A 825 31.55 29.87 -40.46
CA ARG A 825 30.40 30.74 -40.28
C ARG A 825 30.69 31.59 -39.04
N TYR A 826 30.69 32.91 -39.21
CA TYR A 826 31.36 33.79 -38.24
C TYR A 826 30.65 35.15 -38.22
N ARG A 827 30.83 35.85 -37.11
CA ARG A 827 30.58 37.28 -37.02
C ARG A 827 31.85 38.01 -36.61
N ALA A 828 32.00 39.22 -37.15
CA ALA A 828 33.04 40.16 -36.76
C ALA A 828 32.43 41.55 -36.87
N PRO A 829 31.51 41.89 -35.93
CA PRO A 829 30.63 43.05 -36.11
C PRO A 829 31.28 44.43 -35.90
N SER A 830 32.41 44.51 -35.19
CA SER A 830 33.04 45.78 -34.90
C SER A 830 34.32 45.99 -35.70
N ALA A 831 34.95 44.91 -36.20
CA ALA A 831 36.16 45.05 -36.98
C ALA A 831 36.54 43.73 -37.65
N THR A 832 37.30 43.87 -38.76
CA THR A 832 37.94 42.75 -39.43
C THR A 832 38.90 42.09 -38.45
N VAL A 833 38.82 40.74 -38.36
CA VAL A 833 39.75 39.97 -37.57
C VAL A 833 40.67 39.21 -38.52
N ASN A 834 41.98 39.47 -38.40
CA ASN A 834 42.99 38.89 -39.27
C ASN A 834 44.16 38.38 -38.44
N THR A 835 43.91 38.13 -37.15
CA THR A 835 44.93 37.70 -36.20
C THR A 835 44.71 36.25 -35.76
N VAL A 836 43.92 35.50 -36.54
CA VAL A 836 43.47 34.16 -36.15
C VAL A 836 43.84 33.18 -37.24
N ASP A 837 44.72 32.25 -36.87
CA ASP A 837 45.32 31.33 -37.80
C ASP A 837 44.60 29.98 -37.75
N TYR A 839 45.02 25.91 -38.27
CA TYR A 839 45.95 24.81 -38.23
C TYR A 839 45.18 23.57 -38.61
N ILE A 840 45.71 22.81 -39.56
CA ILE A 840 45.19 21.49 -39.88
C ILE A 840 46.26 20.46 -39.51
N ASN A 841 45.90 19.51 -38.64
CA ASN A 841 46.82 18.48 -38.16
C ASN A 841 48.06 19.10 -37.55
N ASN A 842 47.86 20.16 -36.75
CA ASN A 842 48.92 20.82 -36.00
C ASN A 842 49.90 21.58 -36.90
N THR A 843 49.50 21.97 -38.13
CA THR A 843 50.34 22.74 -39.04
C THR A 843 49.55 23.97 -39.47
N LYS A 844 50.19 25.15 -39.44
CA LYS A 844 49.52 26.37 -39.84
C LYS A 844 49.27 26.32 -41.33
N VAL A 845 48.01 26.49 -41.76
CA VAL A 845 47.71 26.49 -43.19
C VAL A 845 47.35 27.88 -43.71
N GLY A 846 46.93 28.80 -42.83
CA GLY A 846 46.71 30.17 -43.26
C GLY A 846 45.88 30.95 -42.25
N THR A 847 45.49 32.17 -42.66
CA THR A 847 44.79 33.11 -41.82
C THR A 847 43.47 33.42 -42.51
N PRO A 848 42.32 32.90 -42.05
CA PRO A 848 41.04 33.26 -42.62
C PRO A 848 40.78 34.75 -42.62
N GLU A 849 40.15 35.23 -43.68
CA GLU A 849 39.72 36.62 -43.75
C GLU A 849 38.36 36.74 -43.09
N PHE A 850 38.35 37.02 -41.79
CA PHE A 850 37.11 37.32 -41.09
C PHE A 850 36.77 38.79 -41.29
N ALA A 851 36.46 39.16 -42.54
CA ALA A 851 36.04 40.50 -42.90
C ALA A 851 34.91 40.97 -41.99
N GLN A 852 34.98 42.25 -41.62
CA GLN A 852 34.00 42.87 -40.74
C GLN A 852 32.59 42.57 -41.23
N THR A 853 31.72 42.17 -40.31
CA THR A 853 30.34 41.86 -40.70
C THR A 853 29.38 42.96 -40.26
N ASP A 854 28.25 43.00 -40.96
CA ASP A 854 27.17 43.92 -40.69
C ASP A 854 26.75 43.77 -39.22
N ASN A 855 26.32 44.89 -38.64
CA ASN A 855 26.08 45.00 -37.23
C ASN A 855 24.79 44.29 -36.77
N ASP A 856 23.92 43.85 -37.67
CA ASP A 856 22.63 43.29 -37.24
C ASP A 856 22.82 42.01 -36.45
N ASN A 857 21.97 41.80 -35.45
CA ASN A 857 22.06 40.65 -34.56
C ASN A 857 21.68 39.33 -35.27
N THR A 858 21.29 39.35 -36.56
CA THR A 858 20.93 38.12 -37.23
C THR A 858 21.97 37.74 -38.27
N VAL A 859 22.96 38.60 -38.51
CA VAL A 859 23.80 38.45 -39.68
C VAL A 859 25.05 37.62 -39.38
N TRP A 860 25.28 36.59 -40.20
CA TRP A 860 26.51 35.80 -40.17
C TRP A 860 27.10 35.82 -41.56
N ASN A 861 28.42 35.61 -41.66
CA ASN A 861 29.11 35.55 -42.94
C ASN A 861 29.92 34.25 -43.00
N THR A 862 30.46 33.95 -44.20
CA THR A 862 31.18 32.72 -44.44
C THR A 862 32.57 33.03 -44.96
N ALA A 863 33.61 32.66 -44.18
CA ALA A 863 34.98 32.63 -44.65
C ALA A 863 35.34 31.23 -45.15
N LEU A 864 36.15 31.16 -46.23
CA LEU A 864 36.43 29.93 -46.95
C LEU A 864 37.94 29.68 -46.92
N SER A 866 40.55 26.37 -48.49
CA SER A 866 40.87 25.04 -48.98
C SER A 866 42.04 24.46 -48.18
N VAL A 867 41.92 23.21 -47.76
CA VAL A 867 43.03 22.58 -47.06
C VAL A 867 43.16 21.15 -47.53
N SER A 868 44.32 20.54 -47.31
CA SER A 868 44.51 19.12 -47.51
C SER A 868 44.10 18.40 -46.24
N LEU A 869 43.17 17.45 -46.37
CA LEU A 869 42.84 16.54 -45.28
C LEU A 869 43.39 15.16 -45.63
N ARG A 870 43.68 14.39 -44.59
CA ARG A 870 44.04 12.99 -44.73
C ARG A 870 42.79 12.15 -44.47
N LYS A 871 42.81 10.91 -44.99
CA LYS A 871 41.75 9.93 -44.79
C LYS A 871 41.57 9.68 -43.30
N GLY A 872 40.34 9.70 -42.80
CA GLY A 872 40.07 9.42 -41.39
C GLY A 872 40.02 10.71 -40.56
N ALA A 873 40.46 10.63 -39.29
CA ALA A 873 40.45 11.74 -38.34
C ALA A 873 41.53 12.77 -38.67
N ASN A 874 41.16 14.06 -38.57
CA ASN A 874 42.05 15.21 -38.77
C ASN A 874 41.82 16.18 -37.62
N THR A 875 42.81 17.05 -37.33
CA THR A 875 42.66 18.07 -36.29
C THR A 875 42.48 19.43 -36.99
N PHE A 876 41.39 20.12 -36.63
CA PHE A 876 41.14 21.49 -37.05
C PHE A 876 41.30 22.40 -35.83
N GLU A 877 42.08 23.47 -35.98
CA GLU A 877 42.22 24.47 -34.93
C GLU A 877 42.12 25.86 -35.53
N LEU A 878 41.57 26.79 -34.73
CA LEU A 878 41.74 28.22 -34.91
C LEU A 878 42.42 28.75 -33.65
N LYS A 879 43.50 29.53 -33.83
CA LYS A 879 44.33 30.01 -32.74
C LYS A 879 44.67 31.46 -33.02
N ALA A 880 44.35 32.33 -32.06
CA ALA A 880 44.83 33.71 -32.10
C ALA A 880 46.36 33.75 -32.03
N ASN A 881 46.98 34.71 -32.73
CA ASN A 881 48.42 34.97 -32.64
C ASN A 881 48.69 36.30 -31.93
N SER A 882 47.66 37.08 -31.66
CA SER A 882 47.78 38.39 -31.03
C SER A 882 46.37 38.83 -30.69
N SER A 883 46.23 39.97 -30.01
CA SER A 883 44.92 40.52 -29.70
C SER A 883 44.12 40.85 -30.97
N GLY A 884 42.85 40.47 -30.96
CA GLY A 884 41.96 40.80 -32.06
C GLY A 884 41.51 42.25 -32.03
N ALA A 885 41.20 42.78 -33.22
CA ALA A 885 40.73 44.15 -33.39
C ALA A 885 39.28 44.28 -32.94
N GLY A 886 38.68 43.14 -32.61
CA GLY A 886 37.27 43.04 -32.26
C GLY A 886 36.88 41.58 -32.03
N ASP A 887 35.66 41.36 -31.54
CA ASP A 887 35.18 40.02 -31.24
C ASP A 887 34.96 39.21 -32.52
N LEU A 888 35.34 37.94 -32.44
CA LEU A 888 35.03 36.98 -33.50
C LEU A 888 33.99 36.02 -32.95
N TYR A 889 32.83 35.95 -33.60
CA TYR A 889 31.89 34.87 -33.30
C TYR A 889 32.10 33.72 -34.30
N LEU A 890 31.95 32.49 -33.79
CA LEU A 890 32.00 31.27 -34.56
C LEU A 890 30.75 30.42 -34.32
N ASP A 891 30.06 30.06 -35.41
CA ASP A 891 28.83 29.26 -35.32
C ASP A 891 29.08 27.78 -35.60
N ASN A 892 29.80 27.52 -36.70
CA ASN A 892 30.08 26.17 -37.15
C ASN A 892 31.18 26.22 -38.21
N ILE A 893 31.72 25.04 -38.52
CA ILE A 893 32.36 24.83 -39.80
C ILE A 893 31.57 23.76 -40.56
N VAL A 894 31.59 23.93 -41.90
CA VAL A 894 31.12 22.96 -42.87
C VAL A 894 32.32 22.59 -43.76
N ILE A 895 32.51 21.28 -43.95
CA ILE A 895 33.60 20.77 -44.80
C ILE A 895 33.01 19.97 -45.96
N GLU A 896 33.44 20.30 -47.18
CA GLU A 896 33.07 19.50 -48.34
C GLU A 896 34.24 19.37 -49.30
N ARG A 897 34.26 18.21 -49.97
CA ARG A 897 35.22 17.90 -51.02
C ARG A 897 35.25 19.01 -52.05
N LYS A 898 36.45 19.42 -52.45
CA LYS A 898 36.62 20.44 -53.47
C LYS A 898 36.54 19.81 -54.87
N GLY B 5 -39.22 -12.56 27.89
CA GLY B 5 -40.53 -12.81 28.55
C GLY B 5 -41.67 -11.98 27.93
N THR B 6 -42.92 -12.38 28.18
CA THR B 6 -44.06 -11.54 27.87
C THR B 6 -44.76 -11.18 29.18
N ALA B 7 -45.57 -10.12 29.13
CA ALA B 7 -46.23 -9.58 30.31
C ALA B 7 -47.09 -10.64 31.01
N VAL B 8 -47.94 -11.31 30.23
CA VAL B 8 -48.85 -12.30 30.78
C VAL B 8 -48.06 -13.45 31.39
N GLU B 9 -46.98 -13.85 30.71
CA GLU B 9 -46.16 -14.93 31.20
C GLU B 9 -45.52 -14.56 32.54
N ASN B 10 -45.00 -13.32 32.66
CA ASN B 10 -44.34 -12.85 33.87
C ASN B 10 -45.37 -12.81 35.01
N ILE B 11 -46.57 -12.27 34.69
CA ILE B 11 -47.63 -12.14 35.67
C ILE B 11 -47.91 -13.53 36.23
N ASN B 12 -48.11 -14.52 35.37
CA ASN B 12 -48.52 -15.86 35.79
C ASN B 12 -47.38 -16.56 36.53
N THR B 13 -46.13 -16.28 36.14
CA THR B 13 -44.99 -16.75 36.93
C THR B 13 -45.12 -16.28 38.38
N ASN B 14 -45.46 -15.00 38.57
CA ASN B 14 -45.55 -14.43 39.91
C ASN B 14 -46.69 -15.05 40.71
N VAL B 15 -47.83 -15.34 40.06
CA VAL B 15 -48.95 -15.93 40.78
C VAL B 15 -48.56 -17.32 41.29
N LYS B 16 -47.94 -18.10 40.42
CA LYS B 16 -47.51 -19.46 40.74
C LYS B 16 -46.49 -19.45 41.87
N ALA B 17 -45.60 -18.47 41.81
CA ALA B 17 -44.63 -18.27 42.87
C ALA B 17 -45.33 -18.07 44.21
N LEU B 18 -46.35 -17.21 44.24
CA LEU B 18 -47.06 -16.87 45.46
C LEU B 18 -47.72 -18.11 46.04
N ARG B 19 -48.33 -18.94 45.16
CA ARG B 19 -48.92 -20.19 45.63
C ARG B 19 -47.82 -21.02 46.30
N LYS B 20 -46.66 -21.07 45.66
CA LYS B 20 -45.59 -21.93 46.12
C LYS B 20 -45.03 -21.45 47.45
N LEU B 21 -44.99 -20.13 47.65
CA LEU B 21 -44.45 -19.59 48.89
C LEU B 21 -45.36 -20.01 50.05
N ILE B 22 -46.66 -19.91 49.79
CA ILE B 22 -47.67 -20.17 50.81
C ILE B 22 -47.68 -21.67 51.12
N GLU B 23 -47.53 -22.48 50.09
CA GLU B 23 -47.39 -23.92 50.28
C GLU B 23 -46.14 -24.22 51.12
N ALA B 24 -45.01 -23.62 50.73
CA ALA B 24 -43.77 -23.83 51.46
C ALA B 24 -43.93 -23.43 52.93
N LYS B 25 -44.62 -22.32 53.19
CA LYS B 25 -44.82 -21.84 54.54
C LYS B 25 -45.62 -22.87 55.35
N GLN B 26 -46.71 -23.38 54.77
CA GLN B 26 -47.56 -24.41 55.38
C GLN B 26 -46.82 -25.74 55.57
N GLN B 27 -45.99 -26.14 54.60
CA GLN B 27 -45.26 -27.40 54.66
C GLN B 27 -43.94 -27.24 55.41
N ASP B 28 -43.56 -26.00 55.72
CA ASP B 28 -42.35 -25.69 56.47
C ASP B 28 -41.12 -26.00 55.64
N LEU B 29 -41.24 -25.72 54.34
CA LEU B 29 -40.10 -25.78 53.45
C LEU B 29 -39.19 -24.59 53.80
N ALA B 30 -37.90 -24.77 53.54
CA ALA B 30 -36.92 -23.72 53.63
C ALA B 30 -36.49 -23.23 52.23
N VAL B 31 -35.98 -21.99 52.19
CA VAL B 31 -35.30 -21.45 51.05
C VAL B 31 -33.86 -21.92 51.15
N LYS B 32 -33.41 -22.68 50.13
CA LYS B 32 -32.04 -23.13 50.07
C LYS B 32 -31.19 -21.99 49.48
N THR B 33 -31.62 -21.40 48.37
CA THR B 33 -30.85 -20.30 47.81
C THR B 33 -31.78 -19.32 47.13
N TYR B 34 -31.25 -18.12 46.90
CA TYR B 34 -31.91 -17.13 46.06
C TYR B 34 -30.85 -16.17 45.56
N ASN B 35 -31.19 -15.50 44.46
CA ASN B 35 -30.20 -14.73 43.74
C ASN B 35 -30.95 -13.70 42.92
N PRO B 36 -30.65 -12.38 43.12
CA PRO B 36 -31.13 -11.34 42.20
C PRO B 36 -30.44 -11.37 40.85
N VAL B 37 -31.18 -10.95 39.81
CA VAL B 37 -30.66 -10.96 38.45
C VAL B 37 -31.03 -9.63 37.83
N ASN B 38 -30.17 -9.14 36.93
CA ASN B 38 -30.39 -7.86 36.29
C ASN B 38 -30.78 -6.80 37.33
N ASN B 39 -29.97 -6.72 38.38
CA ASN B 39 -30.14 -5.68 39.39
C ASN B 39 -31.46 -5.83 40.13
N GLY B 40 -31.96 -7.07 40.28
CA GLY B 40 -33.19 -7.32 41.03
C GLY B 40 -34.47 -7.06 40.21
N ALA B 41 -34.34 -6.94 38.88
CA ALA B 41 -35.49 -6.99 38.01
C ALA B 41 -36.20 -8.33 38.18
N SER B 42 -35.42 -9.37 38.47
CA SER B 42 -35.99 -10.67 38.80
C SER B 42 -35.12 -11.36 39.85
N TYR B 43 -35.67 -12.46 40.39
CA TYR B 43 -34.96 -13.37 41.27
C TYR B 43 -35.18 -14.81 40.79
N THR B 44 -34.17 -15.65 40.99
CA THR B 44 -34.33 -17.11 41.01
C THR B 44 -34.32 -17.56 42.48
N ILE B 45 -35.27 -18.44 42.84
CA ILE B 45 -35.43 -18.95 44.18
C ILE B 45 -35.22 -20.45 44.10
N GLU B 46 -34.54 -21.06 45.08
CA GLU B 46 -34.63 -22.49 45.23
C GLU B 46 -35.08 -22.83 46.66
N LEU B 47 -36.12 -23.67 46.73
CA LEU B 47 -36.64 -24.20 47.98
C LEU B 47 -36.02 -25.54 48.28
N SER B 48 -36.19 -25.99 49.52
CA SER B 48 -35.51 -27.17 50.02
C SER B 48 -36.16 -28.46 49.55
N ASP B 49 -37.29 -28.41 48.83
CA ASP B 49 -37.81 -29.59 48.17
C ASP B 49 -37.22 -29.75 46.76
N GLY B 50 -36.34 -28.85 46.35
CA GLY B 50 -35.68 -28.91 45.05
C GLY B 50 -36.39 -28.08 43.96
N THR B 51 -37.54 -27.45 44.29
CA THR B 51 -38.25 -26.60 43.35
C THR B 51 -37.51 -25.29 43.19
N SER B 52 -37.31 -24.87 41.95
CA SER B 52 -36.70 -23.59 41.65
C SER B 52 -37.61 -22.81 40.69
N PHE B 53 -37.65 -21.49 40.85
CA PHE B 53 -38.51 -20.68 40.01
C PHE B 53 -38.04 -19.23 40.09
N SER B 54 -38.56 -18.44 39.13
CA SER B 54 -38.29 -17.02 39.03
C SER B 54 -39.42 -16.24 39.71
N TYR B 56 -40.65 -11.96 39.42
CA TYR B 56 -40.31 -10.76 38.65
C TYR B 56 -40.72 -9.50 39.42
N ALA B 57 -39.74 -8.61 39.60
CA ALA B 57 -39.94 -7.31 40.23
C ALA B 57 -40.34 -6.28 39.18
N GLN B 58 -39.85 -6.50 37.96
CA GLN B 58 -40.21 -5.75 36.77
C GLN B 58 -40.92 -6.71 35.82
N ILE B 59 -42.06 -6.28 35.28
CA ILE B 59 -42.84 -7.04 34.33
C ILE B 59 -42.56 -6.47 32.94
N ALA B 60 -42.48 -7.33 31.93
CA ALA B 60 -42.38 -6.87 30.56
C ALA B 60 -43.59 -6.00 30.19
N ALA B 61 -43.38 -4.97 29.38
CA ALA B 61 -44.48 -4.14 28.91
C ALA B 61 -45.37 -4.96 27.97
N LEU B 62 -46.64 -4.55 27.87
CA LEU B 62 -47.56 -5.07 26.87
C LEU B 62 -47.20 -4.48 25.51
N GLU B 63 -47.19 -5.32 24.47
CA GLU B 63 -46.92 -4.85 23.12
C GLU B 63 -47.96 -3.79 22.75
N GLY B 64 -47.60 -3.00 21.73
CA GLY B 64 -48.45 -1.94 21.23
C GLY B 64 -47.76 -0.58 21.41
N GLY B 65 -46.66 -0.54 22.17
CA GLY B 65 -45.78 0.61 22.23
C GLY B 65 -46.20 1.63 23.29
N GLY B 66 -47.24 1.34 24.07
CA GLY B 66 -47.69 2.28 25.08
C GLY B 66 -46.57 2.62 26.07
N GLU B 67 -46.54 3.88 26.53
CA GLU B 67 -45.44 4.37 27.35
C GLU B 67 -45.88 4.73 28.77
N ASP B 68 -47.20 4.82 29.01
CA ASP B 68 -47.71 5.04 30.36
C ASP B 68 -47.81 3.71 31.09
N VAL B 69 -47.91 3.81 32.41
CA VAL B 69 -48.25 2.66 33.25
C VAL B 69 -49.75 2.45 33.12
N VAL B 70 -50.14 1.19 32.93
CA VAL B 70 -51.54 0.85 32.71
C VAL B 70 -51.89 -0.26 33.67
N TYR B 71 -53.19 -0.49 33.76
CA TYR B 71 -53.74 -1.54 34.59
C TYR B 71 -53.24 -2.90 34.12
N SER B 72 -52.88 -3.74 35.08
CA SER B 72 -52.86 -5.18 34.91
C SER B 72 -53.39 -5.82 36.19
N PRO B 73 -54.03 -7.00 36.10
CA PRO B 73 -54.55 -7.64 37.30
C PRO B 73 -53.46 -7.96 38.29
N LYS B 74 -53.72 -7.63 39.57
CA LYS B 74 -52.83 -7.93 40.68
C LYS B 74 -53.45 -9.07 41.49
N VAL B 75 -53.00 -10.30 41.22
CA VAL B 75 -53.47 -11.46 41.96
C VAL B 75 -52.52 -11.68 43.15
N GLY B 76 -53.04 -11.40 44.35
CA GLY B 76 -52.29 -11.51 45.60
C GLY B 76 -52.98 -12.51 46.52
N ALA B 77 -52.64 -12.47 47.80
CA ALA B 77 -53.24 -13.35 48.79
C ALA B 77 -53.31 -12.64 50.15
N LYS B 78 -54.27 -12.99 50.99
CA LYS B 78 -54.42 -12.35 52.28
C LYS B 78 -54.92 -13.40 53.26
N VAL B 79 -54.43 -13.35 54.49
CA VAL B 79 -54.83 -14.31 55.51
C VAL B 79 -56.19 -13.90 56.08
N GLU B 80 -57.09 -14.89 56.21
CA GLU B 80 -58.32 -14.70 56.96
C GLU B 80 -58.56 -15.91 57.84
N HIS B 81 -59.03 -15.66 59.08
CA HIS B 81 -59.14 -16.67 60.12
C HIS B 81 -58.18 -17.82 59.79
N ASP B 82 -56.89 -17.49 59.69
CA ASP B 82 -55.83 -18.49 59.68
C ASP B 82 -55.52 -19.05 58.28
N GLU B 83 -56.24 -18.70 57.20
CA GLU B 83 -55.95 -19.30 55.91
C GLU B 83 -55.81 -18.26 54.80
N TYR B 84 -54.94 -18.57 53.85
CA TYR B 84 -54.73 -17.69 52.70
C TYR B 84 -55.82 -17.92 51.66
N TYR B 85 -56.40 -16.82 51.17
CA TYR B 85 -57.33 -16.81 50.07
C TYR B 85 -56.84 -15.83 49.02
N TRP B 86 -57.12 -16.11 47.75
CA TRP B 86 -56.67 -15.27 46.65
C TRP B 86 -57.37 -13.92 46.72
N THR B 87 -56.61 -12.86 46.42
CA THR B 87 -57.16 -11.53 46.17
C THR B 87 -56.95 -11.18 44.69
N LEU B 88 -57.80 -10.25 44.21
CA LEU B 88 -57.68 -9.61 42.90
C LEU B 88 -57.87 -8.11 43.09
N ASP B 89 -56.81 -7.33 42.85
CA ASP B 89 -56.83 -5.88 43.05
C ASP B 89 -57.34 -5.56 44.45
N ASP B 90 -56.80 -6.31 45.44
CA ASP B 90 -56.95 -6.11 46.90
C ASP B 90 -58.36 -6.40 47.43
N VAL B 91 -59.22 -7.03 46.64
CA VAL B 91 -60.48 -7.57 47.16
C VAL B 91 -60.43 -9.09 46.99
N TRP B 92 -61.28 -9.83 47.69
CA TRP B 92 -61.28 -11.28 47.52
C TRP B 92 -61.57 -11.65 46.06
N LEU B 93 -60.72 -12.51 45.49
CA LEU B 93 -60.97 -13.05 44.17
C LEU B 93 -62.19 -13.96 44.25
N THR B 94 -63.24 -13.63 43.48
CA THR B 94 -64.46 -14.45 43.43
C THR B 94 -64.87 -14.67 41.98
N PHE B 95 -65.55 -15.79 41.77
CA PHE B 95 -66.09 -16.19 40.48
C PHE B 95 -67.61 -16.31 40.58
N GLU B 96 -68.10 -17.17 41.47
CA GLU B 96 -69.52 -17.46 41.62
C GLU B 96 -70.01 -17.02 43.00
N ASN B 97 -70.77 -15.91 43.03
CA ASN B 97 -71.51 -15.48 44.20
C ASN B 97 -70.59 -15.33 45.41
N ASP B 98 -69.72 -14.31 45.36
CA ASP B 98 -69.01 -13.76 46.51
C ASP B 98 -68.24 -14.80 47.33
N GLU B 99 -68.03 -16.01 46.77
CA GLU B 99 -67.31 -17.03 47.50
C GLU B 99 -65.81 -16.84 47.24
N LYS B 100 -65.02 -16.72 48.31
CA LYS B 100 -63.59 -16.55 48.15
C LYS B 100 -62.92 -17.90 47.88
N VAL B 101 -61.70 -17.86 47.34
CA VAL B 101 -61.02 -19.04 46.85
C VAL B 101 -59.73 -19.26 47.64
N LYS B 102 -59.60 -20.46 48.18
CA LYS B 102 -58.49 -20.86 49.03
C LYS B 102 -57.27 -21.11 48.15
N VAL B 103 -56.10 -20.61 48.58
CA VAL B 103 -54.87 -20.78 47.83
C VAL B 103 -54.48 -22.26 47.86
N LEU B 104 -54.52 -22.85 49.06
CA LEU B 104 -54.23 -24.27 49.24
C LEU B 104 -55.55 -25.02 49.38
N ASP B 105 -56.25 -25.23 48.26
CA ASP B 105 -57.56 -25.88 48.30
C ASP B 105 -57.36 -27.37 48.07
N GLU B 106 -57.88 -28.17 49.01
CA GLU B 106 -58.10 -29.59 48.78
C GLU B 106 -58.39 -29.78 47.30
N ASN B 107 -57.60 -30.63 46.65
CA ASN B 107 -57.91 -31.07 45.30
C ASN B 107 -57.72 -29.87 44.35
N ASN B 108 -56.48 -29.35 44.31
CA ASN B 108 -56.12 -28.20 43.49
C ASN B 108 -54.98 -28.59 42.56
N THR B 109 -55.17 -28.32 41.26
CA THR B 109 -54.13 -28.57 40.27
C THR B 109 -53.23 -27.34 40.16
N VAL B 110 -53.82 -26.12 40.08
CA VAL B 110 -53.01 -24.91 39.98
C VAL B 110 -53.80 -23.62 40.21
N ALA B 111 -53.02 -22.54 40.19
CA ALA B 111 -53.44 -21.25 40.67
C ALA B 111 -54.32 -20.53 39.65
N PRO B 112 -54.96 -19.40 40.00
CA PRO B 112 -55.60 -18.55 39.01
C PRO B 112 -54.65 -18.28 37.85
N ILE B 113 -55.19 -18.25 36.64
CA ILE B 113 -54.38 -17.96 35.46
C ILE B 113 -54.93 -16.70 34.83
N VAL B 114 -54.03 -15.76 34.59
CA VAL B 114 -54.35 -14.49 33.99
C VAL B 114 -54.05 -14.60 32.50
N ASP B 115 -54.88 -13.93 31.69
CA ASP B 115 -54.70 -13.92 30.26
C ASP B 115 -55.40 -12.68 29.71
N ILE B 116 -55.18 -12.43 28.42
CA ILE B 116 -55.92 -11.44 27.67
C ILE B 116 -56.68 -12.15 26.56
N ASN B 117 -57.97 -11.89 26.44
CA ASN B 117 -58.82 -12.63 25.52
C ASN B 117 -58.67 -12.02 24.10
N THR B 118 -59.47 -12.51 23.15
CA THR B 118 -59.37 -12.07 21.77
C THR B 118 -60.08 -10.73 21.61
N ASP B 119 -60.91 -10.33 22.59
CA ASP B 119 -61.57 -9.04 22.58
C ASP B 119 -60.70 -7.98 23.25
N GLY B 120 -59.51 -8.39 23.70
CA GLY B 120 -58.53 -7.46 24.23
C GLY B 120 -58.76 -7.16 25.71
N TYR B 121 -59.50 -8.04 26.42
CA TYR B 121 -59.82 -7.87 27.83
C TYR B 121 -59.04 -8.85 28.69
N TRP B 122 -58.58 -8.38 29.85
CA TRP B 122 -57.94 -9.25 30.84
C TRP B 122 -58.94 -10.30 31.29
N THR B 123 -58.47 -11.51 31.51
CA THR B 123 -59.29 -12.55 32.08
C THR B 123 -58.54 -13.17 33.26
N VAL B 124 -59.27 -13.84 34.14
CA VAL B 124 -58.67 -14.72 35.11
C VAL B 124 -59.50 -16.00 35.15
N LYS B 125 -58.85 -17.16 35.08
CA LYS B 125 -59.52 -18.45 35.11
C LYS B 125 -59.03 -19.27 36.29
N TYR B 126 -59.92 -20.09 36.87
CA TYR B 126 -59.56 -20.95 37.98
C TYR B 126 -60.46 -22.18 37.94
N GLY B 127 -59.91 -23.33 37.57
CA GLY B 127 -60.72 -24.52 37.37
C GLY B 127 -61.56 -24.35 36.12
N THR B 128 -62.85 -24.64 36.22
CA THR B 128 -63.77 -24.50 35.09
C THR B 128 -64.32 -23.08 35.03
N LYS B 129 -64.12 -22.29 36.11
CA LYS B 129 -64.69 -20.97 36.23
C LYS B 129 -63.79 -19.98 35.50
N SER B 130 -64.40 -18.89 35.03
CA SER B 130 -63.70 -17.91 34.22
C SER B 130 -64.32 -16.53 34.42
N ARG B 131 -63.49 -15.51 34.54
CA ARG B 131 -64.03 -14.17 34.73
C ARG B 131 -63.36 -13.18 33.79
N THR B 132 -64.16 -12.38 33.08
CA THR B 132 -63.62 -11.32 32.24
C THR B 132 -63.47 -10.04 33.06
N LEU B 133 -62.25 -9.49 33.07
CA LEU B 133 -61.91 -8.28 33.78
C LEU B 133 -61.78 -7.14 32.77
N ASP B 134 -61.03 -6.10 33.17
CA ASP B 134 -61.08 -4.81 32.51
C ASP B 134 -60.28 -4.87 31.22
N LYS B 135 -60.51 -3.86 30.35
CA LYS B 135 -59.83 -3.71 29.08
C LYS B 135 -58.32 -3.77 29.30
N ALA B 136 -57.62 -4.60 28.54
CA ALA B 136 -56.16 -4.54 28.54
C ALA B 136 -55.76 -3.47 27.54
N VAL B 137 -54.78 -2.65 27.92
CA VAL B 137 -54.32 -1.56 27.08
C VAL B 137 -52.80 -1.63 27.09
N SER B 138 -52.20 -1.32 25.94
CA SER B 138 -50.77 -1.34 25.74
C SER B 138 -50.14 -0.36 26.72
N GLY B 139 -49.02 -0.80 27.31
CA GLY B 139 -48.22 0.08 28.13
C GLY B 139 -47.37 -0.71 29.13
N LYS B 140 -46.80 0.05 30.05
CA LYS B 140 -45.92 -0.45 31.11
C LYS B 140 -46.80 -1.00 32.22
N LEU B 141 -46.34 -2.10 32.82
CA LEU B 141 -47.05 -2.75 33.91
C LEU B 141 -46.24 -2.67 35.20
N THR B 142 -46.92 -2.75 36.34
CA THR B 142 -46.24 -2.95 37.60
C THR B 142 -46.36 -4.40 37.99
N SER B 143 -45.46 -4.86 38.87
CA SER B 143 -45.50 -6.23 39.37
C SER B 143 -46.28 -6.30 40.69
N GLN B 144 -46.78 -7.49 40.99
CA GLN B 144 -47.41 -7.79 42.26
C GLN B 144 -46.34 -8.05 43.31
N PHE B 145 -45.11 -8.37 42.87
CA PHE B 145 -44.03 -8.74 43.76
C PHE B 145 -42.97 -7.63 43.81
N LYS B 146 -42.45 -7.35 45.03
CA LYS B 146 -41.46 -6.30 45.23
C LYS B 146 -40.06 -6.88 45.28
N GLN B 147 -39.71 -7.57 46.38
CA GLN B 147 -38.35 -8.08 46.55
C GLN B 147 -38.33 -9.24 47.54
N VAL B 148 -37.18 -9.91 47.58
CA VAL B 148 -36.86 -10.93 48.58
C VAL B 148 -35.56 -10.50 49.24
N SER B 149 -35.50 -10.60 50.57
CA SER B 149 -34.34 -10.14 51.35
C SER B 149 -34.21 -11.00 52.61
N THR B 150 -32.98 -11.12 53.11
CA THR B 150 -32.69 -11.96 54.26
C THR B 150 -32.81 -11.12 55.53
N ILE B 151 -33.45 -11.72 56.54
CA ILE B 151 -33.73 -11.04 57.80
C ILE B 151 -33.11 -11.90 58.91
N GLY B 152 -32.04 -11.39 59.50
CA GLY B 152 -31.21 -12.16 60.39
C GLY B 152 -30.17 -12.90 59.56
N ASP B 153 -29.78 -14.07 60.05
CA ASP B 153 -29.11 -15.06 59.23
C ASP B 153 -29.88 -16.37 59.37
N GLU B 154 -31.18 -16.26 59.65
CA GLU B 154 -32.00 -17.44 59.84
C GLU B 154 -33.33 -17.36 59.08
N SER B 155 -33.66 -16.24 58.40
CA SER B 155 -34.95 -16.19 57.70
C SER B 155 -34.86 -15.41 56.37
N VAL B 156 -35.80 -15.68 55.45
CA VAL B 156 -35.89 -14.98 54.17
C VAL B 156 -37.30 -14.41 54.02
N SER B 157 -37.40 -13.13 53.63
CA SER B 157 -38.69 -12.46 53.52
C SER B 157 -39.03 -12.07 52.09
N PHE B 158 -40.26 -12.41 51.68
CA PHE B 158 -40.78 -12.05 50.36
C PHE B 158 -41.78 -10.91 50.53
N THR B 159 -41.49 -9.77 49.89
CA THR B 159 -42.36 -8.60 49.97
C THR B 159 -43.10 -8.36 48.65
N PHE B 160 -44.32 -7.88 48.74
CA PHE B 160 -45.21 -7.66 47.61
C PHE B 160 -45.54 -6.18 47.51
N THR B 161 -46.22 -5.78 46.43
CA THR B 161 -46.55 -4.38 46.19
C THR B 161 -48.03 -4.08 46.46
N ASP B 162 -48.83 -5.12 46.71
CA ASP B 162 -50.22 -4.94 47.11
C ASP B 162 -50.29 -5.13 48.63
N ARG B 163 -51.46 -5.51 49.16
CA ARG B 163 -51.61 -5.72 50.60
C ARG B 163 -51.39 -7.18 50.95
N THR B 164 -50.78 -7.95 50.06
CA THR B 164 -50.37 -9.28 50.46
C THR B 164 -49.35 -9.12 51.58
N PRO B 165 -49.44 -9.88 52.69
CA PRO B 165 -48.43 -9.83 53.74
C PRO B 165 -47.07 -10.38 53.34
N VAL B 166 -46.04 -9.95 54.05
CA VAL B 166 -44.71 -10.53 53.96
C VAL B 166 -44.83 -12.01 54.26
N ILE B 167 -44.25 -12.85 53.40
CA ILE B 167 -44.11 -14.25 53.70
C ILE B 167 -42.66 -14.54 54.11
N GLU B 168 -42.52 -15.09 55.30
CA GLU B 168 -41.23 -15.43 55.83
C GLU B 168 -41.01 -16.93 55.75
N LEU B 169 -39.87 -17.32 55.20
CA LEU B 169 -39.47 -18.71 55.21
C LEU B 169 -38.12 -18.83 55.91
N ASN B 170 -37.93 -19.96 56.60
CA ASN B 170 -36.64 -20.36 57.10
C ASN B 170 -35.61 -20.35 55.98
N LEU B 171 -34.41 -19.87 56.30
CA LEU B 171 -33.25 -20.03 55.46
C LEU B 171 -32.59 -21.36 55.84
N PHE B 172 -32.51 -22.25 54.85
CA PHE B 172 -31.98 -23.59 55.05
C PHE B 172 -30.56 -23.50 55.59
N LYS B 173 -30.25 -24.25 56.66
CA LYS B 173 -28.91 -24.25 57.20
C LYS B 173 -28.28 -25.63 57.15
N GLY B 174 -29.09 -26.69 57.33
CA GLY B 174 -28.61 -28.06 57.49
C GLY B 174 -27.81 -28.58 56.29
N ASP B 175 -26.56 -28.11 56.19
CA ASP B 175 -25.60 -28.55 55.18
C ASP B 175 -24.49 -29.35 55.88
N ASN B 176 -23.50 -29.74 55.09
CA ASN B 176 -22.27 -30.33 55.62
C ASN B 176 -21.44 -29.23 56.30
N PRO B 177 -20.26 -29.55 56.89
CA PRO B 177 -19.45 -28.54 57.56
C PRO B 177 -18.89 -27.47 56.63
N GLU B 178 -18.32 -26.42 57.21
CA GLU B 178 -17.77 -25.31 56.43
C GLU B 178 -16.43 -25.74 55.85
N ILE B 179 -16.16 -25.37 54.59
CA ILE B 179 -14.83 -25.45 54.03
C ILE B 179 -14.20 -24.05 54.15
N PRO B 180 -13.17 -23.85 55.01
CA PRO B 180 -12.62 -22.52 55.22
C PRO B 180 -12.01 -21.92 53.94
N PRO B 181 -12.12 -20.60 53.71
CA PRO B 181 -11.57 -19.99 52.51
C PRO B 181 -10.04 -19.88 52.57
N VAL B 182 -9.40 -19.68 51.42
CA VAL B 182 -8.00 -19.34 51.36
C VAL B 182 -7.85 -17.83 51.59
N THR B 183 -7.09 -17.43 52.62
CA THR B 183 -6.85 -16.02 52.91
C THR B 183 -5.38 -15.79 53.26
N GLY B 184 -4.99 -14.50 53.31
CA GLY B 184 -3.65 -14.08 53.68
C GLY B 184 -2.85 -13.77 52.42
N ALA B 185 -1.98 -14.72 52.04
CA ALA B 185 -1.01 -14.48 51.00
C ALA B 185 -1.72 -14.52 49.66
N LEU B 186 -1.15 -13.80 48.68
CA LEU B 186 -1.52 -14.00 47.28
C LEU B 186 -1.68 -15.48 47.00
N ARG B 187 -2.86 -15.82 46.49
CA ARG B 187 -3.19 -17.18 46.15
C ARG B 187 -2.26 -17.65 45.04
N ARG B 188 -2.03 -16.77 44.06
CA ARG B 188 -1.25 -17.11 42.88
C ARG B 188 -0.38 -15.91 42.49
N PRO B 189 0.87 -15.84 43.04
CA PRO B 189 1.81 -14.80 42.65
C PRO B 189 2.05 -14.72 41.16
N ILE B 190 2.05 -13.49 40.67
CA ILE B 190 2.45 -13.13 39.32
C ILE B 190 3.70 -12.24 39.40
N SER B 191 4.68 -12.49 38.52
CA SER B 191 5.96 -11.81 38.52
C SER B 191 6.67 -12.15 37.22
N PRO B 192 7.86 -11.57 36.90
CA PRO B 192 8.62 -12.00 35.74
C PRO B 192 8.85 -13.51 35.65
N GLU B 193 8.85 -14.16 36.82
CA GLU B 193 9.20 -15.55 37.00
C GLU B 193 7.97 -16.44 36.87
N GLN B 194 6.79 -15.87 37.10
CA GLN B 194 5.53 -16.57 37.12
C GLN B 194 4.56 -15.70 36.33
N PRO B 195 4.80 -15.54 35.01
CA PRO B 195 3.93 -14.75 34.16
C PRO B 195 2.55 -15.39 34.08
N ALA B 196 1.55 -14.63 33.65
CA ALA B 196 0.21 -15.21 33.52
C ALA B 196 -0.34 -14.98 32.11
N TRP B 197 -1.06 -15.98 31.60
CA TRP B 197 -1.90 -15.85 30.42
C TRP B 197 -3.38 -15.97 30.80
N PHE B 198 -4.13 -14.88 30.61
CA PHE B 198 -5.57 -14.92 30.77
C PHE B 198 -6.18 -15.50 29.48
N VAL B 199 -6.54 -16.79 29.56
CA VAL B 199 -7.22 -17.50 28.49
C VAL B 199 -8.72 -17.49 28.81
N HIS B 200 -9.51 -17.06 27.84
CA HIS B 200 -10.92 -16.77 28.05
C HIS B 200 -11.78 -18.00 27.81
N ILE B 201 -12.68 -18.25 28.77
CA ILE B 201 -13.84 -19.11 28.61
C ILE B 201 -15.03 -18.16 28.38
N ASP B 202 -15.40 -18.05 27.10
CA ASP B 202 -16.13 -16.90 26.63
C ASP B 202 -17.57 -17.31 26.33
N SER B 203 -18.51 -16.51 26.84
CA SER B 203 -19.92 -16.66 26.56
C SER B 203 -20.16 -16.63 25.07
N TRP B 204 -19.39 -15.87 24.31
CA TRP B 204 -19.59 -15.82 22.86
C TRP B 204 -19.17 -17.12 22.17
N ASN B 205 -18.35 -17.96 22.84
CA ASN B 205 -18.04 -19.30 22.32
C ASN B 205 -19.10 -20.32 22.78
N TYR B 206 -20.08 -19.87 23.58
CA TYR B 206 -21.10 -20.71 24.16
C TYR B 206 -20.46 -21.94 24.79
N ALA B 207 -19.48 -21.70 25.66
CA ALA B 207 -18.44 -22.66 25.99
C ALA B 207 -18.92 -23.82 26.87
N ASP B 208 -18.36 -25.01 26.56
CA ASP B 208 -18.15 -26.06 27.56
C ASP B 208 -16.81 -25.75 28.23
N PRO B 209 -16.77 -25.34 29.52
CA PRO B 209 -15.52 -24.90 30.11
C PRO B 209 -14.45 -26.00 30.11
N GLN B 210 -14.90 -27.24 30.30
CA GLN B 210 -14.04 -28.42 30.27
C GLN B 210 -13.28 -28.55 28.95
N LYS B 211 -13.94 -28.27 27.84
CA LYS B 211 -13.34 -28.42 26.53
C LYS B 211 -12.39 -27.27 26.23
N ILE B 212 -12.64 -26.07 26.78
CA ILE B 212 -11.72 -24.95 26.58
C ILE B 212 -10.43 -25.19 27.40
N ILE B 213 -10.57 -25.64 28.65
CA ILE B 213 -9.43 -25.97 29.49
C ILE B 213 -8.57 -27.03 28.82
N ASP B 214 -9.21 -28.09 28.31
CA ASP B 214 -8.53 -29.20 27.65
C ASP B 214 -7.86 -28.78 26.33
N LEU B 215 -8.17 -27.61 25.79
CA LEU B 215 -7.46 -27.11 24.63
C LEU B 215 -6.11 -26.52 25.03
N ILE B 216 -5.85 -26.26 26.31
CA ILE B 216 -4.59 -25.68 26.73
C ILE B 216 -3.59 -26.78 27.04
N PRO B 217 -2.44 -26.83 26.35
CA PRO B 217 -1.44 -27.87 26.61
C PRO B 217 -0.97 -27.87 28.07
N ALA B 218 -0.57 -29.05 28.57
CA ALA B 218 -0.19 -29.27 29.96
C ALA B 218 0.94 -28.36 30.44
N ASP B 219 1.90 -28.03 29.56
CA ASP B 219 3.02 -27.14 29.90
C ASP B 219 2.53 -25.71 30.14
N ILE B 220 1.49 -25.26 29.42
CA ILE B 220 0.99 -23.90 29.50
C ILE B 220 0.03 -23.74 30.69
N ARG B 221 -0.69 -24.81 31.02
CA ARG B 221 -1.83 -24.75 31.90
C ARG B 221 -1.46 -24.15 33.26
N PRO B 222 -0.35 -24.55 33.90
CA PRO B 222 -0.07 -24.03 35.22
C PRO B 222 0.13 -22.51 35.22
N PHE B 223 0.46 -21.91 34.07
CA PHE B 223 0.63 -20.47 33.93
C PHE B 223 -0.65 -19.80 33.43
N THR B 224 -1.69 -20.60 33.17
CA THR B 224 -2.92 -20.07 32.61
C THR B 224 -3.82 -19.65 33.77
N ILE B 225 -4.46 -18.48 33.63
CA ILE B 225 -5.60 -18.14 34.46
C ILE B 225 -6.81 -18.09 33.54
N PHE B 226 -7.86 -18.89 33.83
CA PHE B 226 -9.02 -18.91 32.95
C PHE B 226 -9.92 -17.74 33.33
N ASN B 227 -10.21 -16.93 32.31
CA ASN B 227 -11.05 -15.76 32.45
C ASN B 227 -12.44 -16.10 31.94
N ILE B 228 -13.35 -16.26 32.91
CA ILE B 228 -14.75 -16.55 32.65
C ILE B 228 -15.43 -15.23 32.30
N SER B 229 -15.73 -15.12 31.02
CA SER B 229 -16.11 -13.87 30.39
C SER B 229 -17.63 -13.86 30.19
N LEU B 230 -18.30 -12.90 30.87
CA LEU B 230 -19.72 -12.65 30.75
C LEU B 230 -19.96 -11.48 29.79
N SER B 231 -20.56 -11.75 28.63
CA SER B 231 -20.97 -10.69 27.73
C SER B 231 -21.96 -9.74 28.39
N VAL B 232 -21.86 -8.45 28.07
CA VAL B 232 -22.80 -7.48 28.57
C VAL B 232 -23.78 -7.09 27.46
N SER B 233 -23.80 -7.84 26.37
CA SER B 233 -24.89 -7.78 25.40
C SER B 233 -26.24 -7.84 26.14
N HIS B 234 -27.12 -6.90 25.82
CA HIS B 234 -28.37 -6.73 26.54
C HIS B 234 -29.43 -6.15 25.61
N ASP B 235 -30.68 -6.25 26.06
CA ASP B 235 -31.81 -5.62 25.41
C ASP B 235 -31.75 -4.13 25.76
N GLU B 236 -31.79 -3.30 24.72
CA GLU B 236 -31.67 -1.86 24.83
C GLU B 236 -32.79 -1.29 25.70
N ALA B 237 -34.02 -1.73 25.44
CA ALA B 237 -35.19 -1.16 26.09
C ALA B 237 -35.19 -1.44 27.60
N THR B 238 -34.68 -2.61 28.02
CA THR B 238 -34.92 -3.12 29.36
C THR B 238 -33.61 -3.41 30.10
N GLY B 239 -32.50 -3.48 29.36
CA GLY B 239 -31.19 -3.71 29.96
C GLY B 239 -30.96 -5.17 30.32
N ILE B 240 -31.91 -6.07 30.00
CA ILE B 240 -31.82 -7.48 30.36
C ILE B 240 -30.74 -8.13 29.48
N TYR B 241 -29.82 -8.84 30.14
CA TYR B 241 -28.70 -9.48 29.46
C TYR B 241 -29.25 -10.65 28.67
N ASN B 242 -28.70 -10.84 27.47
CA ASN B 242 -29.13 -11.91 26.59
C ASN B 242 -28.03 -12.96 26.45
N VAL B 243 -26.92 -12.63 25.78
CA VAL B 243 -25.91 -13.64 25.49
C VAL B 243 -25.47 -14.37 26.76
N SER B 244 -25.20 -13.61 27.81
CA SER B 244 -24.98 -14.18 29.12
C SER B 244 -26.19 -13.88 29.98
N GLU B 245 -27.32 -14.51 29.66
CA GLU B 245 -28.57 -14.21 30.33
C GLU B 245 -28.42 -14.23 31.85
N TYR B 246 -27.86 -15.33 32.37
CA TYR B 246 -27.70 -15.55 33.80
C TYR B 246 -26.20 -15.62 34.13
N GLY B 247 -25.63 -14.41 34.34
CA GLY B 247 -24.19 -14.27 34.50
C GLY B 247 -23.68 -15.01 35.73
N TYR B 248 -24.36 -14.79 36.86
CA TYR B 248 -23.99 -15.43 38.11
C TYR B 248 -23.95 -16.92 37.90
N GLU B 249 -25.01 -17.48 37.26
CA GLU B 249 -25.10 -18.93 37.05
C GLU B 249 -24.00 -19.46 36.12
N ILE B 250 -23.68 -18.73 35.06
CA ILE B 250 -22.59 -19.12 34.16
C ILE B 250 -21.28 -19.14 34.96
N ALA B 251 -20.97 -18.00 35.60
CA ALA B 251 -19.71 -17.87 36.35
C ALA B 251 -19.60 -18.96 37.39
N LYS B 252 -20.70 -19.25 38.08
CA LYS B 252 -20.64 -20.26 39.13
C LYS B 252 -20.40 -21.64 38.53
N SER B 253 -21.17 -22.01 37.50
CA SER B 253 -20.96 -23.29 36.82
C SER B 253 -19.50 -23.44 36.34
N TRP B 254 -18.96 -22.43 35.67
CA TRP B 254 -17.68 -22.60 35.01
C TRP B 254 -16.55 -22.52 36.04
N LEU B 255 -16.80 -21.80 37.14
CA LEU B 255 -15.85 -21.72 38.22
C LEU B 255 -15.75 -23.07 38.90
N ARG B 256 -16.89 -23.75 39.04
CA ARG B 256 -16.90 -25.10 39.56
C ARG B 256 -16.05 -26.00 38.69
N THR B 257 -16.24 -25.90 37.37
CA THR B 257 -15.52 -26.77 36.46
C THR B 257 -14.04 -26.45 36.57
N CYS B 258 -13.69 -25.17 36.65
CA CYS B 258 -12.29 -24.78 36.82
C CYS B 258 -11.71 -25.33 38.13
N ALA B 259 -12.46 -25.22 39.23
CA ALA B 259 -12.02 -25.69 40.52
C ALA B 259 -11.90 -27.21 40.51
N GLU B 260 -12.86 -27.90 39.88
CA GLU B 260 -12.74 -29.33 39.65
C GLU B 260 -11.46 -29.69 38.89
N ASN B 261 -11.10 -28.89 37.87
CA ASN B 261 -9.88 -29.16 37.10
C ASN B 261 -8.61 -28.62 37.79
N ASN B 262 -8.74 -27.94 38.94
CA ASN B 262 -7.58 -27.49 39.71
C ASN B 262 -6.78 -26.51 38.88
N VAL B 263 -7.49 -25.63 38.16
CA VAL B 263 -6.87 -24.54 37.45
C VAL B 263 -7.39 -23.21 38.00
N TRP B 264 -6.54 -22.18 37.89
CA TRP B 264 -6.82 -20.82 38.34
C TRP B 264 -7.79 -20.11 37.42
N ALA B 265 -8.66 -19.28 38.01
CA ALA B 265 -9.75 -18.70 37.23
C ALA B 265 -10.12 -17.33 37.75
N VAL B 267 -13.33 -14.12 36.97
CA VAL B 267 -14.60 -13.79 36.34
C VAL B 267 -14.55 -12.37 35.81
N GLN B 268 -14.92 -12.21 34.53
CA GLN B 268 -15.03 -10.91 33.91
C GLN B 268 -16.52 -10.55 33.78
N PRO B 269 -17.09 -9.76 34.71
CA PRO B 269 -18.53 -9.49 34.71
C PRO B 269 -18.91 -8.22 33.96
N SER B 270 -17.92 -7.51 33.46
CA SER B 270 -18.17 -6.14 33.04
C SER B 270 -17.27 -5.81 31.87
N SER B 271 -17.93 -5.22 30.86
CA SER B 271 -17.23 -4.35 29.92
C SER B 271 -17.85 -2.95 30.05
N GLY B 272 -16.98 -1.96 30.23
CA GLY B 272 -17.44 -0.60 30.47
C GLY B 272 -18.27 -0.55 31.75
N GLY B 273 -19.25 0.35 31.77
CA GLY B 273 -20.08 0.61 32.93
C GLY B 273 -20.94 -0.60 33.25
N PHE B 274 -21.31 -1.37 32.20
CA PHE B 274 -22.21 -2.52 32.30
C PHE B 274 -21.55 -3.66 33.06
N SER B 275 -22.29 -4.23 34.00
CA SER B 275 -21.84 -5.32 34.83
C SER B 275 -23.05 -6.16 35.21
N HIS B 276 -22.89 -7.47 35.15
CA HIS B 276 -23.86 -8.45 35.60
C HIS B 276 -24.09 -8.38 37.10
N PHE B 277 -23.12 -7.84 37.86
CA PHE B 277 -23.22 -7.78 39.30
C PHE B 277 -23.26 -6.32 39.75
N LYS B 278 -24.02 -6.08 40.80
CA LYS B 278 -24.22 -4.75 41.34
C LYS B 278 -22.92 -4.22 41.97
N ASP B 279 -22.60 -2.95 41.68
CA ASP B 279 -21.48 -2.25 42.29
C ASP B 279 -21.79 -1.91 43.75
N VAL B 280 -20.78 -1.95 44.64
CA VAL B 280 -20.95 -1.54 46.03
C VAL B 280 -20.38 -0.14 46.22
N SER B 281 -20.70 0.46 47.36
CA SER B 281 -20.04 1.69 47.79
C SER B 281 -19.36 1.55 49.16
N LEU B 282 -19.75 0.54 49.99
CA LEU B 282 -19.13 0.30 51.28
C LEU B 282 -18.69 -1.16 51.44
N TYR B 283 -17.53 -1.33 52.07
CA TYR B 283 -16.94 -2.61 52.34
C TYR B 283 -17.93 -3.52 53.05
N SER B 284 -18.65 -2.96 54.01
CA SER B 284 -19.62 -3.67 54.81
C SER B 284 -20.61 -4.49 53.95
N GLN B 285 -20.87 -4.05 52.71
CA GLN B 285 -21.86 -4.71 51.86
C GLN B 285 -21.46 -6.13 51.45
N PHE B 286 -20.17 -6.44 51.43
CA PHE B 286 -19.75 -7.75 50.92
C PHE B 286 -20.26 -8.88 51.82
N GLU B 287 -20.59 -8.56 53.07
CA GLU B 287 -21.10 -9.57 53.98
C GLU B 287 -22.52 -9.27 54.44
N SER B 288 -22.97 -8.01 54.38
CA SER B 288 -24.23 -7.62 54.99
C SER B 288 -25.33 -7.39 53.96
N ASP B 289 -24.97 -7.29 52.68
CA ASP B 289 -25.91 -6.89 51.65
C ASP B 289 -26.25 -8.07 50.74
N ASP B 290 -27.51 -8.53 50.78
CA ASP B 290 -27.87 -9.74 50.06
C ASP B 290 -28.02 -9.48 48.56
N LYS B 291 -27.83 -8.24 48.10
CA LYS B 291 -27.91 -8.00 46.68
C LYS B 291 -26.54 -8.11 45.99
N VAL B 292 -25.45 -8.31 46.77
CA VAL B 292 -24.12 -8.35 46.20
C VAL B 292 -23.34 -9.54 46.77
N ARG B 293 -24.03 -10.66 46.99
CA ARG B 293 -23.40 -11.81 47.64
C ARG B 293 -22.25 -12.38 46.81
N VAL B 294 -22.30 -12.21 45.48
CA VAL B 294 -21.43 -12.90 44.54
C VAL B 294 -19.96 -12.68 44.86
N TYR B 295 -19.59 -11.45 45.26
CA TYR B 295 -18.19 -11.07 45.33
C TYR B 295 -17.49 -11.90 46.40
N ASP B 296 -18.06 -11.90 47.62
CA ASP B 296 -17.51 -12.66 48.71
C ASP B 296 -17.62 -14.16 48.39
N GLU B 297 -18.72 -14.55 47.73
CA GLU B 297 -19.03 -15.95 47.50
C GLU B 297 -17.92 -16.64 46.67
N PHE B 298 -17.51 -16.05 45.55
CA PHE B 298 -16.57 -16.70 44.65
C PHE B 298 -15.19 -16.84 45.33
N PHE B 299 -14.80 -15.83 46.11
CA PHE B 299 -13.54 -15.92 46.84
C PHE B 299 -13.65 -16.98 47.93
N ARG B 300 -14.79 -17.06 48.60
CA ARG B 300 -14.91 -17.86 49.81
C ARG B 300 -15.01 -19.33 49.45
N GLU B 301 -15.62 -19.65 48.32
CA GLU B 301 -16.03 -21.01 48.02
C GLU B 301 -15.07 -21.66 47.02
N TYR B 302 -14.31 -20.85 46.29
CA TYR B 302 -13.44 -21.35 45.24
C TYR B 302 -11.99 -20.95 45.54
N PRO B 303 -11.13 -21.93 45.94
CA PRO B 303 -9.74 -21.63 46.27
C PRO B 303 -8.87 -21.30 45.08
N ASN B 304 -9.35 -21.66 43.90
CA ASN B 304 -8.72 -21.35 42.62
C ASN B 304 -9.15 -20.00 42.03
N PHE B 305 -10.10 -19.34 42.70
CA PHE B 305 -10.61 -18.07 42.21
C PHE B 305 -9.68 -16.93 42.62
N LEU B 306 -9.35 -16.06 41.67
CA LEU B 306 -8.39 -14.99 41.89
C LEU B 306 -9.06 -13.61 41.88
N GLY B 307 -10.30 -13.50 41.40
CA GLY B 307 -10.99 -12.21 41.42
C GLY B 307 -11.61 -11.79 40.08
N PHE B 308 -11.93 -10.49 40.01
CA PHE B 308 -12.78 -9.92 39.01
C PHE B 308 -11.97 -9.07 38.03
N ASN B 309 -12.33 -9.19 36.74
CA ASN B 309 -11.71 -8.47 35.64
C ASN B 309 -12.76 -7.52 35.07
N TYR B 310 -12.50 -6.20 35.17
CA TYR B 310 -13.34 -5.17 34.59
C TYR B 310 -12.67 -4.71 33.30
N CYS B 311 -13.17 -5.14 32.14
CA CYS B 311 -12.44 -4.85 30.91
C CYS B 311 -13.02 -3.62 30.24
N ALA B 312 -12.18 -3.00 29.41
CA ALA B 312 -12.59 -1.90 28.54
C ALA B 312 -13.33 -0.83 29.33
N GLN B 313 -12.69 -0.33 30.39
CA GLN B 313 -13.35 0.62 31.27
C GLN B 313 -13.30 2.05 30.72
N PHE B 314 -14.00 2.29 29.58
CA PHE B 314 -13.91 3.54 28.84
C PHE B 314 -15.25 3.92 28.20
N TRP B 315 -16.27 3.12 28.36
CA TRP B 315 -17.50 3.30 27.60
C TRP B 315 -18.66 2.83 28.46
N GLY B 316 -19.87 3.28 28.12
CA GLY B 316 -21.09 2.68 28.65
C GLY B 316 -21.41 3.07 30.09
N TYR B 317 -20.89 4.21 30.55
CA TYR B 317 -21.18 4.71 31.88
C TYR B 317 -22.41 5.61 31.80
N ASP B 318 -23.09 5.73 32.93
CA ASP B 318 -24.19 6.68 33.07
C ASP B 318 -25.36 6.29 32.17
N ASP B 319 -25.43 5.00 31.78
CA ASP B 319 -26.60 4.45 31.13
C ASP B 319 -27.68 4.31 32.18
N GLN B 320 -28.93 4.31 31.74
CA GLN B 320 -30.01 3.92 32.61
C GLN B 320 -29.66 2.60 33.33
N PHE B 321 -28.98 1.65 32.66
CA PHE B 321 -28.73 0.35 33.25
C PHE B 321 -27.24 0.10 33.52
N SER B 322 -26.45 1.15 33.71
CA SER B 322 -25.08 0.95 34.14
C SER B 322 -24.84 1.78 35.39
N VAL B 323 -23.60 2.18 35.68
CA VAL B 323 -23.27 3.09 36.76
C VAL B 323 -22.46 4.24 36.16
N SER B 324 -22.22 5.28 36.96
CA SER B 324 -21.25 6.30 36.60
C SER B 324 -19.84 5.72 36.80
N TRP B 325 -18.86 6.34 36.14
CA TRP B 325 -17.49 5.93 36.31
C TRP B 325 -17.00 6.18 37.74
N LEU B 326 -17.49 7.26 38.37
CA LEU B 326 -17.17 7.55 39.76
C LEU B 326 -17.66 6.41 40.65
N GLN B 327 -18.89 5.98 40.40
CA GLN B 327 -19.43 4.87 41.15
C GLN B 327 -18.59 3.62 40.93
N ARG B 328 -18.12 3.41 39.68
CA ARG B 328 -17.31 2.24 39.38
C ARG B 328 -16.01 2.25 40.18
N VAL B 329 -15.40 3.42 40.35
CA VAL B 329 -14.16 3.53 41.06
C VAL B 329 -14.40 3.27 42.54
N ALA B 330 -15.50 3.79 43.07
CA ALA B 330 -15.83 3.61 44.48
C ALA B 330 -16.09 2.12 44.77
N HIS B 331 -16.70 1.41 43.79
CA HIS B 331 -16.77 -0.04 43.81
C HIS B 331 -15.39 -0.69 43.91
N TRP B 332 -14.49 -0.30 43.00
CA TRP B 332 -13.12 -0.79 43.02
C TRP B 332 -12.42 -0.57 44.36
N ASN B 333 -12.65 0.59 44.98
CA ASN B 333 -12.07 0.95 46.27
C ASN B 333 -12.36 -0.13 47.32
N GLN B 334 -13.63 -0.57 47.37
CA GLN B 334 -14.09 -1.62 48.28
C GLN B 334 -13.62 -3.01 47.81
N LEU B 335 -13.76 -3.29 46.51
CA LEU B 335 -13.44 -4.63 46.00
C LEU B 335 -11.92 -4.90 46.15
N LEU B 336 -11.11 -3.84 46.10
CA LEU B 336 -9.67 -4.00 46.30
C LEU B 336 -9.37 -4.45 47.73
N LYS B 337 -10.14 -3.94 48.69
CA LYS B 337 -9.96 -4.38 50.06
C LYS B 337 -10.31 -5.85 50.19
N LEU B 338 -11.44 -6.26 49.59
CA LEU B 338 -11.92 -7.63 49.64
C LEU B 338 -10.89 -8.57 48.98
N THR B 339 -10.44 -8.18 47.77
CA THR B 339 -9.44 -8.92 46.99
C THR B 339 -8.22 -9.19 47.86
N HIS B 340 -7.79 -8.14 48.57
CA HIS B 340 -6.65 -8.20 49.44
C HIS B 340 -6.79 -9.27 50.52
N LYS B 341 -7.92 -9.25 51.24
CA LYS B 341 -8.19 -10.23 52.28
C LYS B 341 -7.99 -11.67 51.77
N TYR B 342 -8.47 -11.93 50.56
CA TYR B 342 -8.45 -13.28 50.02
C TYR B 342 -7.18 -13.52 49.18
N GLY B 343 -6.30 -12.52 49.03
CA GLY B 343 -5.08 -12.67 48.26
C GLY B 343 -5.30 -12.86 46.75
N GLY B 344 -6.24 -12.11 46.20
CA GLY B 344 -6.53 -12.19 44.77
C GLY B 344 -6.03 -10.97 43.99
N TYR B 345 -6.58 -10.78 42.79
CA TYR B 345 -6.35 -9.62 41.97
C TYR B 345 -7.68 -9.00 41.55
N LEU B 346 -7.60 -7.68 41.39
CA LEU B 346 -8.53 -6.87 40.61
C LEU B 346 -7.78 -6.45 39.35
N VAL B 347 -8.36 -6.78 38.21
CA VAL B 347 -7.81 -6.46 36.92
C VAL B 347 -8.68 -5.38 36.26
N VAL B 348 -8.04 -4.29 35.85
CA VAL B 348 -8.74 -3.36 34.99
C VAL B 348 -7.98 -3.23 33.70
N SER B 349 -8.68 -3.03 32.57
CA SER B 349 -8.03 -2.80 31.30
C SER B 349 -8.56 -1.53 30.63
N PHE B 350 -7.68 -0.75 30.00
CA PHE B 350 -8.09 0.51 29.44
C PHE B 350 -7.69 0.66 27.97
N CYS B 351 -8.66 1.12 27.17
CA CYS B 351 -8.41 1.63 25.83
C CYS B 351 -9.14 2.97 25.70
N GLY B 352 -8.61 3.88 24.89
CA GLY B 352 -8.98 5.27 24.98
C GLY B 352 -9.58 5.80 23.69
N ASN B 353 -10.24 6.93 23.86
CA ASN B 353 -10.54 7.87 22.81
C ASN B 353 -10.55 9.24 23.48
N THR B 354 -10.81 10.27 22.67
CA THR B 354 -10.73 11.63 23.15
C THR B 354 -11.76 11.92 24.25
N TRP B 355 -12.92 11.23 24.23
CA TRP B 355 -14.00 11.49 25.19
C TRP B 355 -13.80 10.77 26.54
N SER B 356 -12.81 9.87 26.66
CA SER B 356 -12.61 9.09 27.87
C SER B 356 -11.28 9.47 28.56
N ALA B 357 -10.77 10.67 28.31
CA ALA B 357 -9.55 11.10 28.98
C ALA B 357 -9.81 11.23 30.48
N ASN B 358 -10.98 11.76 30.85
CA ASN B 358 -11.27 12.04 32.24
C ASN B 358 -11.65 10.78 33.02
N ILE B 359 -11.50 9.61 32.40
CA ILE B 359 -11.73 8.35 33.12
C ILE B 359 -10.60 7.36 32.84
N ASN B 360 -9.45 7.89 32.40
CA ASN B 360 -8.34 7.04 32.03
C ASN B 360 -7.56 6.73 33.31
N PRO B 361 -6.46 5.96 33.25
CA PRO B 361 -5.71 5.61 34.47
C PRO B 361 -4.98 6.74 35.22
N ILE B 362 -4.75 7.89 34.57
CA ILE B 362 -4.31 9.09 35.27
C ILE B 362 -5.45 9.61 36.14
N ALA B 363 -6.57 9.91 35.48
CA ALA B 363 -7.80 10.38 36.10
C ALA B 363 -8.22 9.49 37.26
N LEU B 364 -8.08 8.18 37.06
CA LEU B 364 -8.42 7.16 38.05
C LEU B 364 -7.87 7.52 39.43
N VAL B 365 -6.62 7.96 39.48
CA VAL B 365 -5.99 8.29 40.76
C VAL B 365 -6.01 9.79 40.99
N LYS B 366 -5.95 10.58 39.93
CA LYS B 366 -5.87 12.01 40.05
C LYS B 366 -7.24 12.58 40.47
N ARG B 367 -8.35 11.92 40.11
CA ARG B 367 -9.66 12.42 40.50
C ARG B 367 -10.19 11.73 41.76
N ASN B 368 -9.57 10.63 42.19
CA ASN B 368 -10.14 9.78 43.24
C ASN B 368 -9.09 9.51 44.33
N SER B 369 -8.96 10.45 45.26
CA SER B 369 -7.88 10.41 46.24
C SER B 369 -7.98 9.22 47.20
N ASP B 370 -9.23 8.87 47.51
CA ASP B 370 -9.49 7.74 48.38
C ASP B 370 -9.06 6.46 47.68
N PHE B 371 -9.52 6.30 46.44
CA PHE B 371 -9.13 5.19 45.64
C PHE B 371 -7.61 5.10 45.53
N ALA B 372 -6.94 6.23 45.29
CA ALA B 372 -5.50 6.26 45.10
C ALA B 372 -4.80 5.71 46.35
N GLN B 373 -5.28 6.12 47.53
CA GLN B 373 -4.72 5.61 48.77
C GLN B 373 -4.83 4.09 48.82
N THR B 374 -6.02 3.58 48.50
CA THR B 374 -6.30 2.16 48.61
C THR B 374 -5.45 1.39 47.59
N ALA B 375 -5.39 1.87 46.35
CA ALA B 375 -4.60 1.26 45.31
C ALA B 375 -3.14 1.12 45.77
N LYS B 376 -2.57 2.20 46.32
CA LYS B 376 -1.20 2.22 46.77
C LYS B 376 -1.00 1.21 47.89
N LEU B 377 -1.95 1.18 48.82
CA LEU B 377 -1.86 0.30 49.96
C LEU B 377 -1.90 -1.16 49.52
N TYR B 378 -2.73 -1.48 48.52
CA TYR B 378 -2.94 -2.85 48.07
C TYR B 378 -2.55 -3.04 46.61
N SER B 379 -1.47 -2.38 46.19
CA SER B 379 -1.01 -2.37 44.83
C SER B 379 -0.73 -3.79 44.32
N GLU B 380 -0.26 -4.66 45.21
CA GLU B 380 0.01 -6.04 44.84
C GLU B 380 -1.24 -6.77 44.37
N ASN B 381 -2.45 -6.29 44.72
CA ASN B 381 -3.68 -6.95 44.33
C ASN B 381 -4.33 -6.30 43.11
N PHE B 382 -3.63 -5.37 42.45
CA PHE B 382 -4.26 -4.58 41.41
C PHE B 382 -3.40 -4.65 40.13
N ILE B 383 -4.05 -4.98 39.00
CA ILE B 383 -3.39 -5.20 37.72
C ILE B 383 -4.00 -4.23 36.71
N CYS B 385 -4.08 -3.02 32.73
CA CYS B 385 -3.81 -3.59 31.42
C CYS B 385 -4.18 -2.58 30.33
N GLU B 386 -3.27 -2.40 29.37
CA GLU B 386 -3.58 -1.70 28.12
C GLU B 386 -4.37 -2.64 27.22
N LYS B 387 -5.38 -2.07 26.53
CA LYS B 387 -6.26 -2.85 25.67
C LYS B 387 -6.22 -2.26 24.26
N TYR B 388 -6.29 -3.10 23.22
CA TYR B 388 -5.99 -2.66 21.85
C TYR B 388 -7.24 -2.53 21.02
N THR B 389 -8.37 -2.22 21.66
CA THR B 389 -9.66 -2.37 21.03
C THR B 389 -9.98 -1.16 20.14
N THR B 390 -9.71 0.06 20.61
CA THR B 390 -10.11 1.26 19.91
C THR B 390 -9.14 1.57 18.76
N GLN B 391 -9.48 2.61 17.97
CA GLN B 391 -8.80 2.92 16.72
C GLN B 391 -7.54 3.80 16.91
N SER B 392 -7.35 4.40 18.10
CA SER B 392 -6.32 5.43 18.22
C SER B 392 -5.85 5.64 19.66
N GLY B 393 -4.69 6.33 19.79
CA GLY B 393 -4.09 6.72 21.04
C GLY B 393 -3.31 5.60 21.74
N PHE B 394 -2.76 4.67 20.96
CA PHE B 394 -2.15 3.48 21.51
C PHE B 394 -0.91 3.83 22.33
N PHE B 395 -0.09 4.76 21.85
CA PHE B 395 1.12 5.13 22.59
C PHE B 395 0.75 5.91 23.85
N ASN B 396 -0.24 6.79 23.73
CA ASN B 396 -0.76 7.54 24.86
C ASN B 396 -1.16 6.59 25.99
N VAL B 397 -2.05 5.65 25.63
CA VAL B 397 -2.57 4.71 26.60
C VAL B 397 -1.49 3.75 27.10
N GLU B 398 -0.60 3.25 26.22
CA GLU B 398 0.50 2.41 26.66
C GLU B 398 1.34 3.10 27.76
N GLY B 399 1.74 4.34 27.53
CA GLY B 399 2.54 5.08 28.50
C GLY B 399 1.84 5.26 29.84
N ILE B 400 0.54 5.49 29.80
CA ILE B 400 -0.22 5.73 31.00
C ILE B 400 -0.43 4.43 31.78
N CYS B 401 -0.74 3.34 31.06
CA CYS B 401 -0.92 2.06 31.74
C CYS B 401 0.39 1.60 32.37
N LEU B 402 1.47 1.65 31.59
CA LEU B 402 2.80 1.39 32.14
C LEU B 402 3.04 2.27 33.36
N GLY B 403 2.64 3.54 33.24
CA GLY B 403 2.84 4.53 34.28
C GLY B 403 2.19 4.14 35.60
N THR B 404 0.98 3.57 35.53
CA THR B 404 0.21 3.19 36.70
C THR B 404 0.98 2.15 37.53
N TRP B 405 1.72 1.28 36.83
CA TRP B 405 2.45 0.18 37.45
C TRP B 405 3.79 0.70 38.00
N LEU B 406 4.55 1.34 37.11
CA LEU B 406 5.84 1.88 37.51
C LEU B 406 5.69 2.84 38.70
N SER B 407 4.62 3.65 38.73
CA SER B 407 4.44 4.68 39.77
C SER B 407 4.00 4.11 41.12
N GLY B 408 3.61 2.85 41.15
CA GLY B 408 3.27 2.16 42.38
C GLY B 408 1.77 1.98 42.65
N PHE B 409 0.89 2.36 41.71
CA PHE B 409 -0.55 2.27 41.92
C PHE B 409 -1.06 0.87 41.59
N ALA B 410 -0.51 0.24 40.55
CA ALA B 410 -0.79 -1.14 40.20
C ALA B 410 0.41 -2.06 40.50
N GLY B 411 0.14 -3.33 40.85
CA GLY B 411 1.20 -4.26 41.24
C GLY B 411 1.73 -5.06 40.03
N GLN B 412 0.93 -5.14 38.95
CA GLN B 412 1.37 -5.70 37.68
C GLN B 412 0.80 -4.89 36.52
N TYR B 413 1.41 -5.11 35.34
CA TYR B 413 1.06 -4.49 34.08
C TYR B 413 0.86 -5.59 33.05
N GLY B 414 -0.19 -5.43 32.23
CA GLY B 414 -0.48 -6.45 31.26
C GLY B 414 -1.01 -5.88 29.95
N ILE B 415 -1.07 -6.77 28.96
CA ILE B 415 -1.57 -6.36 27.66
C ILE B 415 -2.78 -7.22 27.32
N ARG B 416 -3.85 -6.55 26.87
CA ARG B 416 -5.00 -7.22 26.30
C ARG B 416 -5.09 -6.81 24.82
N PHE B 417 -4.45 -7.63 23.99
CA PHE B 417 -4.33 -7.36 22.57
C PHE B 417 -5.67 -7.71 21.91
N ASP B 418 -6.01 -6.95 20.87
CA ASP B 418 -7.30 -7.07 20.22
C ASP B 418 -7.11 -6.76 18.74
N GLN B 419 -7.62 -7.64 17.88
CA GLN B 419 -7.63 -7.37 16.43
C GLN B 419 -8.33 -6.05 16.07
N CYS B 420 -9.30 -5.63 16.90
CA CYS B 420 -10.16 -4.48 16.60
C CYS B 420 -9.36 -3.15 16.56
N GLY B 421 -8.12 -3.16 17.09
CA GLY B 421 -7.22 -2.02 16.99
C GLY B 421 -6.78 -1.71 15.55
N TRP B 422 -6.90 -2.69 14.65
CA TRP B 422 -6.54 -2.47 13.25
C TRP B 422 -7.41 -1.36 12.68
N THR B 423 -6.80 -0.41 11.97
CA THR B 423 -7.50 0.78 11.52
C THR B 423 -8.57 0.38 10.52
N GLU B 424 -9.81 0.83 10.76
CA GLU B 424 -10.95 0.45 9.94
C GLU B 424 -10.81 1.01 8.52
N GLU B 425 -11.38 0.28 7.55
CA GLU B 425 -11.37 0.62 6.13
C GLU B 425 -9.99 0.36 5.49
N LYS B 426 -8.97 1.14 5.91
CA LYS B 426 -7.69 1.22 5.21
C LYS B 426 -6.62 0.31 5.82
N GLY B 427 -6.76 -0.06 7.10
CA GLY B 427 -5.76 -0.88 7.77
C GLY B 427 -4.43 -0.15 7.89
N GLN B 428 -3.32 -0.91 7.90
CA GLN B 428 -1.98 -0.36 7.98
C GLN B 428 -1.12 -1.10 6.94
N ASN B 429 -0.19 -0.36 6.33
CA ASN B 429 0.71 -0.90 5.34
C ASN B 429 -0.01 -1.41 4.09
N GLY B 430 -1.26 -0.95 3.84
CA GLY B 430 -2.07 -1.37 2.72
C GLY B 430 -2.76 -2.72 2.95
N ASP B 431 -2.73 -3.19 4.21
CA ASP B 431 -3.39 -4.41 4.60
C ASP B 431 -4.71 -4.02 5.25
N LYS B 432 -5.79 -4.10 4.45
CA LYS B 432 -7.12 -3.72 4.88
C LYS B 432 -7.55 -4.62 6.04
N ASP B 433 -7.33 -5.93 5.90
CA ASP B 433 -7.80 -6.88 6.89
C ASP B 433 -6.69 -7.09 7.91
N PHE B 434 -7.06 -7.27 9.17
CA PHE B 434 -6.09 -7.51 10.24
C PHE B 434 -5.32 -8.81 10.05
N PRO B 435 -3.98 -8.81 9.84
CA PRO B 435 -3.23 -10.05 9.75
C PRO B 435 -2.74 -10.52 11.11
N PRO B 436 -3.06 -11.78 11.55
CA PRO B 436 -2.69 -12.25 12.89
C PRO B 436 -1.24 -12.01 13.29
N ALA B 437 -0.31 -12.08 12.33
CA ALA B 437 1.11 -11.92 12.62
C ALA B 437 1.41 -10.53 13.18
N ALA B 438 0.65 -9.50 12.74
CA ALA B 438 0.79 -8.14 13.23
C ALA B 438 0.71 -8.08 14.77
N GLY B 439 -0.09 -8.96 15.36
CA GLY B 439 -0.37 -8.92 16.78
C GLY B 439 0.75 -9.44 17.67
N ALA B 440 1.68 -10.21 17.09
CA ALA B 440 2.82 -10.71 17.85
C ALA B 440 3.76 -9.56 18.26
N LEU B 441 3.72 -8.48 17.46
CA LEU B 441 4.70 -7.40 17.55
C LEU B 441 4.51 -6.64 18.85
N PRO B 442 3.37 -5.99 19.12
CA PRO B 442 3.23 -5.30 20.41
C PRO B 442 3.43 -6.23 21.59
N ILE B 443 2.92 -7.47 21.54
CA ILE B 443 2.97 -8.31 22.72
C ILE B 443 4.43 -8.58 23.10
N ILE B 444 5.25 -8.99 22.14
CA ILE B 444 6.60 -9.40 22.47
C ILE B 444 7.37 -8.16 22.93
N GLU B 445 7.19 -7.05 22.20
CA GLU B 445 7.82 -5.79 22.52
C GLU B 445 7.49 -5.34 23.95
N HIS B 446 6.21 -5.31 24.33
CA HIS B 446 5.81 -4.73 25.60
C HIS B 446 6.14 -5.68 26.76
N VAL B 447 6.05 -6.99 26.51
CA VAL B 447 6.40 -7.97 27.50
C VAL B 447 7.89 -7.86 27.83
N LEU B 449 10.24 -5.59 26.80
CA LEU B 449 10.89 -4.31 26.96
C LEU B 449 10.22 -3.46 28.05
N THR B 450 8.97 -3.76 28.43
CA THR B 450 8.31 -2.91 29.41
C THR B 450 7.74 -3.75 30.55
N GLY B 451 8.12 -5.02 30.61
CA GLY B 451 7.95 -5.84 31.80
C GLY B 451 6.50 -6.25 32.11
N GLN B 452 5.63 -6.35 31.09
CA GLN B 452 4.31 -6.93 31.31
C GLN B 452 4.38 -8.40 31.73
N THR B 453 3.60 -8.77 32.76
CA THR B 453 3.58 -10.12 33.30
C THR B 453 2.27 -10.83 33.03
N VAL B 454 1.34 -10.14 32.39
CA VAL B 454 0.03 -10.67 32.08
C VAL B 454 -0.22 -10.43 30.61
N ILE B 455 -0.56 -11.49 29.89
CA ILE B 455 -1.08 -11.43 28.54
C ILE B 455 -2.53 -11.87 28.56
N ASP B 456 -3.40 -11.07 27.94
CA ASP B 456 -4.84 -11.35 28.01
C ASP B 456 -5.35 -11.46 26.58
N GLY B 457 -5.99 -12.62 26.30
CA GLY B 457 -6.63 -12.86 25.02
C GLY B 457 -5.81 -13.83 24.16
N PRO B 458 -5.52 -13.52 22.89
CA PRO B 458 -5.93 -12.26 22.26
C PRO B 458 -7.40 -12.19 21.85
N GLU B 459 -7.93 -10.95 21.71
CA GLU B 459 -9.29 -10.72 21.23
C GLU B 459 -9.29 -10.57 19.69
N LEU B 460 -10.42 -10.85 19.02
CA LEU B 460 -11.62 -11.39 19.63
C LEU B 460 -11.42 -12.87 19.89
N ILE B 461 -11.85 -13.33 21.06
CA ILE B 461 -11.63 -14.72 21.47
C ILE B 461 -12.13 -15.69 20.41
N TRP B 462 -13.32 -15.42 19.88
CA TRP B 462 -14.02 -16.31 18.97
C TRP B 462 -13.56 -16.12 17.53
N GLN B 463 -12.51 -15.31 17.31
CA GLN B 463 -11.90 -15.27 15.98
C GLN B 463 -10.38 -15.51 16.04
N GLN B 464 -9.78 -15.36 17.22
CA GLN B 464 -8.34 -15.52 17.32
C GLN B 464 -7.89 -16.69 18.22
N CYS B 465 -8.77 -17.18 19.10
CA CYS B 465 -8.44 -18.24 20.04
C CYS B 465 -9.23 -19.51 19.68
N PHE B 466 -10.56 -19.49 19.82
CA PHE B 466 -11.34 -20.72 19.83
C PHE B 466 -12.65 -20.56 19.07
N LYS B 467 -13.11 -21.69 18.52
CA LYS B 467 -14.37 -21.77 17.83
C LYS B 467 -15.01 -23.13 18.07
N GLU B 468 -16.35 -23.13 18.08
CA GLU B 468 -17.13 -24.34 18.08
C GLU B 468 -17.31 -24.80 16.63
N THR B 469 -17.06 -26.09 16.37
CA THR B 469 -17.38 -26.71 15.10
C THR B 469 -18.71 -27.46 15.23
N ASN B 470 -19.03 -28.19 14.16
CA ASN B 470 -20.00 -29.27 14.20
C ASN B 470 -19.70 -30.23 15.36
N ALA B 471 -20.77 -30.85 15.86
CA ALA B 471 -20.64 -31.92 16.81
C ALA B 471 -19.85 -33.06 16.17
N VAL B 472 -19.21 -33.88 16.99
CA VAL B 472 -18.35 -34.97 16.53
C VAL B 472 -18.85 -36.28 17.13
N SER B 473 -18.52 -37.43 16.51
CA SER B 473 -18.84 -38.73 17.09
C SER B 473 -17.87 -39.02 18.22
N VAL B 474 -18.38 -39.40 19.38
CA VAL B 474 -17.53 -39.68 20.53
C VAL B 474 -17.73 -41.13 20.99
N GLY B 475 -18.22 -41.99 20.09
CA GLY B 475 -18.25 -43.42 20.34
C GLY B 475 -19.56 -43.86 20.99
N ASP B 476 -19.92 -45.13 20.75
CA ASP B 476 -21.04 -45.77 21.42
C ASP B 476 -22.37 -45.11 21.04
N GLY B 477 -22.44 -44.58 19.81
CA GLY B 477 -23.64 -43.96 19.27
C GLY B 477 -23.83 -42.50 19.71
N TYR B 478 -22.91 -41.96 20.50
CA TYR B 478 -23.13 -40.62 21.05
C TYR B 478 -22.44 -39.59 20.16
N GLN B 479 -22.93 -38.36 20.21
CA GLN B 479 -22.23 -37.23 19.65
C GLN B 479 -21.93 -36.21 20.74
N SER B 480 -21.04 -35.26 20.46
CA SER B 480 -20.72 -34.24 21.44
C SER B 480 -20.30 -32.97 20.75
N ARG B 481 -20.49 -31.84 21.42
CA ARG B 481 -20.08 -30.54 20.93
C ARG B 481 -18.54 -30.47 20.93
N ASN B 482 -18.01 -29.66 20.03
CA ASN B 482 -16.57 -29.68 19.79
C ASN B 482 -16.05 -28.25 19.59
N TRP B 483 -14.93 -27.96 20.26
CA TRP B 483 -14.23 -26.69 20.08
C TRP B 483 -12.81 -26.96 19.58
N GLU B 484 -12.30 -26.05 18.76
CA GLU B 484 -10.94 -26.07 18.26
C GLU B 484 -10.25 -24.71 18.50
N CYS B 485 -8.91 -24.74 18.58
CA CYS B 485 -8.11 -23.53 18.50
C CYS B 485 -8.05 -23.07 17.05
N PHE B 486 -8.06 -21.75 16.83
CA PHE B 486 -7.62 -21.21 15.56
C PHE B 486 -6.13 -21.49 15.41
N PRO B 487 -5.58 -21.62 14.17
CA PRO B 487 -4.17 -21.95 14.00
C PRO B 487 -3.23 -20.83 14.45
N GLN B 488 -3.69 -19.58 14.35
CA GLN B 488 -2.91 -18.45 14.82
C GLN B 488 -2.73 -18.58 16.34
N PHE B 489 -3.74 -19.05 17.07
CA PHE B 489 -3.59 -19.21 18.52
C PHE B 489 -2.42 -20.17 18.81
N VAL B 490 -2.35 -21.25 18.02
CA VAL B 490 -1.36 -22.29 18.25
C VAL B 490 0.02 -21.75 17.83
N ASN B 491 0.09 -21.09 16.67
CA ASN B 491 1.34 -20.73 16.04
C ASN B 491 1.86 -19.35 16.44
N ILE B 492 1.04 -18.56 17.15
CA ILE B 492 1.47 -17.26 17.62
C ILE B 492 1.48 -17.28 19.15
N ASN B 493 0.32 -17.45 19.76
CA ASN B 493 0.15 -17.13 21.18
C ASN B 493 0.68 -18.24 22.05
N ILE B 494 0.35 -19.49 21.76
CA ILE B 494 0.89 -20.57 22.56
C ILE B 494 2.40 -20.56 22.44
N ASP B 495 2.90 -20.40 21.20
CA ASP B 495 4.31 -20.63 20.97
C ASP B 495 5.11 -19.50 21.64
N PHE B 497 4.28 -17.86 24.43
CA PHE B 497 4.33 -18.07 25.87
C PHE B 497 5.38 -19.14 26.20
N ARG B 498 5.55 -20.11 25.30
CA ARG B 498 6.55 -21.14 25.46
C ARG B 498 7.94 -20.53 25.43
N LYS B 499 8.10 -19.42 24.70
CA LYS B 499 9.37 -18.73 24.67
C LYS B 499 9.61 -17.92 25.96
N ILE B 500 8.57 -17.58 26.71
CA ILE B 500 8.77 -17.01 28.04
C ILE B 500 9.15 -18.12 29.01
N ILE B 501 8.45 -19.26 28.95
CA ILE B 501 8.69 -20.35 29.86
C ILE B 501 10.12 -20.88 29.71
N ASP B 502 10.64 -20.94 28.47
CA ASP B 502 11.96 -21.53 28.19
C ASP B 502 13.08 -20.50 28.32
N LYS B 503 12.70 -19.29 28.81
CA LYS B 503 13.65 -18.30 29.32
C LYS B 503 14.27 -17.51 28.20
N THR B 504 13.80 -17.65 26.95
CA THR B 504 14.27 -16.84 25.86
C THR B 504 13.80 -15.40 26.07
N ILE B 505 12.51 -15.24 26.41
CA ILE B 505 11.92 -13.94 26.61
C ILE B 505 11.93 -13.68 28.11
N ARG B 506 12.98 -13.01 28.57
N ARG B 506 12.92 -12.92 28.56
CA ARG B 506 13.07 -12.52 29.94
CA ARG B 506 13.12 -12.58 29.97
C ARG B 506 12.16 -11.32 30.07
C ARG B 506 12.42 -11.26 30.29
N ILE B 507 11.36 -11.35 31.11
CA ILE B 507 10.55 -10.22 31.47
C ILE B 507 11.34 -9.38 32.45
N PRO B 508 11.56 -8.05 32.22
CA PRO B 508 12.21 -7.22 33.21
C PRO B 508 11.30 -6.92 34.40
N SER B 509 11.91 -6.84 35.58
CA SER B 509 11.21 -6.42 36.79
C SER B 509 10.84 -4.94 36.70
N ARG B 510 10.03 -4.48 37.64
CA ARG B 510 9.62 -3.09 37.71
C ARG B 510 10.86 -2.19 37.84
N LYS B 511 11.72 -2.50 38.81
CA LYS B 511 12.96 -1.74 39.00
C LYS B 511 13.82 -1.77 37.74
N GLU B 512 13.93 -2.92 37.08
CA GLU B 512 14.72 -3.05 35.86
C GLU B 512 14.12 -2.18 34.76
N VAL B 513 12.80 -2.14 34.63
CA VAL B 513 12.16 -1.28 33.64
C VAL B 513 12.42 0.19 33.98
N ILE B 514 12.39 0.56 35.26
CA ILE B 514 12.58 1.95 35.64
C ILE B 514 13.98 2.39 35.26
N ASP B 515 14.98 1.57 35.58
CA ASP B 515 16.37 1.89 35.30
C ASP B 515 16.63 1.99 33.79
N ARG B 516 15.94 1.18 32.99
CA ARG B 516 16.09 1.28 31.54
C ARG B 516 15.33 2.49 30.99
N THR B 517 14.19 2.84 31.57
CA THR B 517 13.30 3.86 31.01
C THR B 517 13.84 5.25 31.29
N LYS B 518 14.36 5.45 32.50
CA LYS B 518 15.08 6.67 32.89
C LYS B 518 14.14 7.84 33.15
N VAL B 519 13.14 8.04 32.28
CA VAL B 519 12.36 9.26 32.29
C VAL B 519 10.88 8.90 32.53
N VAL B 520 10.18 9.73 33.30
CA VAL B 520 8.75 9.62 33.48
C VAL B 520 8.15 11.01 33.31
N ILE B 521 6.96 11.11 32.71
CA ILE B 521 6.20 12.36 32.71
C ILE B 521 5.28 12.33 33.92
N LEU B 522 5.18 13.43 34.65
CA LEU B 522 4.21 13.49 35.72
C LEU B 522 3.08 14.43 35.30
N GLN B 523 1.86 13.88 35.35
CA GLN B 523 0.72 14.61 34.87
C GLN B 523 0.21 15.53 35.97
N ASP B 524 0.79 16.73 36.04
CA ASP B 524 0.47 17.68 37.09
C ASP B 524 -0.31 18.87 36.53
N VAL B 525 -1.05 18.70 35.42
CA VAL B 525 -1.79 19.84 34.86
C VAL B 525 -3.19 19.84 35.45
N TYR B 526 -3.66 20.99 35.94
CA TYR B 526 -4.97 21.07 36.56
C TYR B 526 -5.90 22.01 35.79
N SER B 527 -5.42 22.53 34.66
CA SER B 527 -6.11 23.55 33.89
C SER B 527 -6.32 23.04 32.47
N GLY B 528 -7.38 23.54 31.84
CA GLY B 528 -7.67 23.22 30.45
C GLY B 528 -8.68 22.07 30.35
N ASP B 529 -8.67 21.38 29.21
CA ASP B 529 -9.66 20.36 28.94
C ASP B 529 -9.15 19.03 29.46
N ASP B 530 -9.98 18.01 29.28
CA ASP B 530 -9.73 16.70 29.85
C ASP B 530 -8.42 16.13 29.35
N ASN B 531 -8.09 16.35 28.08
CA ASN B 531 -6.87 15.83 27.51
C ASN B 531 -5.65 16.53 28.11
N ALA B 532 -5.77 17.85 28.33
CA ALA B 532 -4.71 18.60 28.96
C ALA B 532 -4.44 18.08 30.38
N LYS B 533 -5.50 17.73 31.10
CA LYS B 533 -5.38 17.33 32.50
C LYS B 533 -5.09 15.84 32.67
N TYR B 534 -5.48 14.97 31.72
CA TYR B 534 -5.32 13.54 31.98
C TYR B 534 -4.52 12.81 30.90
N SER B 535 -4.44 13.30 29.67
CA SER B 535 -3.72 12.60 28.63
C SER B 535 -2.26 13.04 28.60
N SER B 536 -1.43 12.22 27.94
CA SER B 536 -0.04 12.55 27.76
C SER B 536 0.05 13.78 26.86
N PRO B 537 1.17 14.52 26.85
CA PRO B 537 1.32 15.64 25.93
C PRO B 537 1.10 15.25 24.47
N LYS B 538 0.38 16.10 23.71
CA LYS B 538 -0.14 15.70 22.41
C LYS B 538 0.97 15.12 21.56
N ASN B 539 2.17 15.75 21.56
CA ASN B 539 3.21 15.37 20.62
C ASN B 539 4.37 14.65 21.32
N LEU B 540 4.07 13.98 22.43
CA LEU B 540 5.10 13.31 23.22
C LEU B 540 5.94 12.38 22.35
N HIS B 541 5.24 11.63 21.48
CA HIS B 541 5.85 10.56 20.70
C HIS B 541 6.41 11.03 19.36
N GLU B 542 6.05 12.25 18.91
CA GLU B 542 6.51 12.74 17.61
C GLU B 542 8.03 12.93 17.62
N GLY B 543 8.71 12.48 16.55
CA GLY B 543 10.14 12.55 16.44
C GLY B 543 10.85 11.48 17.25
N LEU B 544 10.10 10.69 18.03
CA LEU B 544 10.70 9.61 18.81
C LEU B 544 10.36 8.28 18.13
N TYR B 545 9.26 7.65 18.53
CA TYR B 545 8.91 6.38 17.90
C TYR B 545 7.59 6.44 17.12
N LEU B 546 7.00 7.63 16.97
CA LEU B 546 5.83 7.77 16.11
C LEU B 546 6.23 7.56 14.64
N ARG B 547 5.50 6.71 13.93
CA ARG B 547 5.73 6.55 12.50
C ARG B 547 5.54 7.86 11.76
N ASP B 548 6.28 8.02 10.66
CA ASP B 548 6.22 9.17 9.77
C ASP B 548 4.81 9.36 9.20
N ASP B 549 4.06 8.29 8.97
CA ASP B 549 2.76 8.37 8.31
C ASP B 549 1.65 8.57 9.33
N ASP B 550 1.97 8.60 10.62
CA ASP B 550 0.97 8.53 11.67
C ASP B 550 0.89 9.87 12.42
N GLY B 551 -0.23 10.09 13.15
CA GLY B 551 -0.48 11.35 13.83
C GLY B 551 -0.27 11.27 15.35
N ASN B 552 -0.38 12.42 16.00
CA ASN B 552 -0.25 12.52 17.45
C ASN B 552 -1.55 12.13 18.14
N LEU B 553 -1.40 11.43 19.27
CA LEU B 553 -2.46 11.24 20.27
C LEU B 553 -3.68 10.57 19.64
N TRP B 554 -4.82 11.27 19.47
CA TRP B 554 -5.99 10.55 18.94
C TRP B 554 -5.91 10.43 17.41
N ASP B 555 -4.82 10.93 16.79
CA ASP B 555 -4.52 10.63 15.38
C ASP B 555 -3.42 9.58 15.23
N ASN B 556 -3.07 8.91 16.33
CA ASN B 556 -2.10 7.81 16.36
C ASN B 556 -2.87 6.53 16.10
N HIS B 557 -2.85 6.07 14.85
CA HIS B 557 -3.67 4.94 14.44
C HIS B 557 -2.87 3.65 14.38
N CYS B 558 -1.55 3.72 14.64
CA CYS B 558 -0.71 2.56 14.43
C CYS B 558 0.19 2.30 15.65
N TYR B 559 0.27 1.03 16.10
CA TYR B 559 1.00 0.67 17.31
C TYR B 559 2.37 0.03 17.02
N PHE B 560 2.84 0.12 15.77
CA PHE B 560 4.18 -0.30 15.45
C PHE B 560 5.12 0.90 15.60
N LYS B 561 6.15 0.74 16.45
CA LYS B 561 7.12 1.79 16.70
C LYS B 561 8.13 1.91 15.57
N LYS B 562 8.49 3.16 15.28
CA LYS B 562 9.42 3.46 14.20
C LYS B 562 10.84 3.04 14.54
N THR B 563 11.18 3.16 15.83
CA THR B 563 12.49 2.81 16.34
C THR B 563 12.30 2.28 17.76
N GLY B 564 13.33 1.56 18.26
CA GLY B 564 13.39 1.16 19.65
C GLY B 564 14.54 1.81 20.43
N ARG B 565 15.19 2.80 19.81
CA ARG B 565 16.17 3.62 20.51
C ARG B 565 15.65 4.17 21.84
N TYR B 566 14.39 4.60 21.85
CA TYR B 566 13.82 5.21 23.05
C TYR B 566 12.87 4.21 23.68
N PRO B 567 12.85 4.06 25.02
CA PRO B 567 11.84 3.23 25.67
C PRO B 567 10.45 3.83 25.63
N THR B 568 9.45 3.00 25.80
CA THR B 568 8.12 3.49 26.06
C THR B 568 8.21 4.49 27.21
N ILE B 569 7.66 5.68 26.98
CA ILE B 569 7.71 6.75 27.94
C ILE B 569 6.53 6.65 28.90
N PRO B 570 6.74 6.36 30.19
CA PRO B 570 5.65 6.32 31.13
C PRO B 570 5.14 7.71 31.49
N VAL B 571 3.82 7.81 31.60
CA VAL B 571 3.15 8.99 32.12
C VAL B 571 2.41 8.56 33.39
N ALA B 572 2.69 9.28 34.49
CA ALA B 572 2.13 8.92 35.77
C ALA B 572 1.55 10.15 36.43
N PHE B 573 0.74 9.95 37.46
CA PHE B 573 0.19 11.01 38.28
C PHE B 573 1.18 11.37 39.38
N GLU B 574 1.55 10.38 40.18
CA GLU B 574 2.46 10.59 41.30
C GLU B 574 3.35 9.36 41.46
N LEU B 575 4.54 9.56 42.01
CA LEU B 575 5.44 8.48 42.35
C LEU B 575 5.31 8.13 43.84
N CYS B 576 4.77 6.93 44.11
CA CYS B 576 4.20 6.55 45.38
C CYS B 576 5.19 6.04 46.40
N ASP B 577 6.29 5.40 45.97
CA ASP B 577 7.19 4.71 46.88
C ASP B 577 8.64 5.05 46.48
N ASP B 578 9.61 4.55 47.24
CA ASP B 578 11.02 4.83 46.97
C ASP B 578 11.42 4.35 45.58
N VAL B 579 10.90 3.19 45.14
CA VAL B 579 11.26 2.63 43.85
C VAL B 579 10.74 3.54 42.75
N ALA B 580 9.49 4.00 42.85
CA ALA B 580 8.92 4.92 41.87
C ALA B 580 9.76 6.19 41.81
N ASN B 581 10.29 6.61 42.97
CA ASN B 581 11.00 7.88 43.07
C ASN B 581 12.46 7.74 42.60
N SER B 582 12.86 6.54 42.14
CA SER B 582 14.22 6.35 41.65
C SER B 582 14.37 6.67 40.17
N PHE B 583 13.29 7.12 39.49
CA PHE B 583 13.43 7.56 38.11
C PHE B 583 14.53 8.62 38.00
N GLN B 584 15.39 8.47 36.97
CA GLN B 584 16.50 9.40 36.78
C GLN B 584 15.99 10.80 36.44
N TYR B 585 15.03 10.89 35.51
CA TYR B 585 14.53 12.16 35.04
C TYR B 585 13.01 12.20 35.25
N LYS B 586 12.52 13.28 35.86
CA LYS B 586 11.13 13.45 36.15
C LYS B 586 10.70 14.74 35.47
N ILE B 587 9.84 14.65 34.45
CA ILE B 587 9.39 15.83 33.74
C ILE B 587 7.95 16.13 34.17
N ASN B 588 7.73 17.31 34.74
CA ASN B 588 6.38 17.75 35.03
C ASN B 588 5.72 18.19 33.73
N GLN B 589 4.48 17.73 33.54
CA GLN B 589 3.78 17.93 32.27
C GLN B 589 3.44 19.42 32.14
N SER B 590 3.31 20.11 33.28
CA SER B 590 3.09 21.55 33.28
C SER B 590 4.19 22.30 32.54
N THR B 591 5.42 21.76 32.53
CA THR B 591 6.57 22.42 31.90
C THR B 591 6.70 22.02 30.43
N PHE B 592 5.84 21.11 29.97
CA PHE B 592 6.05 20.43 28.69
C PHE B 592 5.85 21.44 27.56
N GLU B 593 4.81 22.26 27.71
CA GLU B 593 4.42 23.20 26.68
C GLU B 593 5.56 24.18 26.43
N GLY B 594 6.22 24.65 27.49
CA GLY B 594 7.26 25.66 27.36
C GLY B 594 8.48 25.17 26.57
N SER B 595 8.87 23.92 26.79
CA SER B 595 10.20 23.45 26.46
C SER B 595 10.16 22.25 25.51
N TRP B 596 9.59 21.15 26.03
CA TRP B 596 9.62 19.83 25.40
C TRP B 596 8.67 19.72 24.21
N SER B 597 7.74 20.67 24.08
CA SER B 597 6.78 20.64 22.99
C SER B 597 7.48 20.89 21.67
N ASP B 598 8.65 21.51 21.73
CA ASP B 598 9.46 21.67 20.55
C ASP B 598 10.16 20.35 20.26
N VAL B 599 9.74 19.67 19.20
CA VAL B 599 10.12 18.30 18.91
C VAL B 599 11.64 18.20 18.89
N ASN B 600 12.30 19.15 18.21
CA ASN B 600 13.73 19.07 18.02
C ASN B 600 14.46 19.16 19.36
N THR B 601 13.99 20.03 20.26
CA THR B 601 14.60 20.17 21.58
C THR B 601 14.50 18.83 22.32
N LYS B 602 13.31 18.23 22.32
CA LYS B 602 13.07 16.98 23.01
C LYS B 602 13.98 15.91 22.46
N VAL B 603 14.09 15.82 21.14
CA VAL B 603 14.82 14.71 20.55
C VAL B 603 16.30 14.84 20.90
N GLY B 604 16.77 16.10 20.93
CA GLY B 604 18.13 16.41 21.31
C GLY B 604 18.45 15.92 22.73
N LYS B 605 17.58 16.24 23.68
CA LYS B 605 17.77 15.80 25.06
C LYS B 605 17.70 14.28 25.13
N PHE B 606 16.67 13.72 24.52
CA PHE B 606 16.45 12.27 24.59
C PHE B 606 17.62 11.52 23.98
N ASN B 607 18.19 12.09 22.92
CA ASN B 607 19.32 11.48 22.22
C ASN B 607 20.57 11.37 23.10
N ARG B 608 20.73 12.26 24.08
CA ARG B 608 21.81 12.18 25.05
C ARG B 608 21.54 11.08 26.07
N TRP B 609 20.26 10.90 26.44
CA TRP B 609 19.89 9.94 27.44
C TRP B 609 19.87 8.52 26.89
N PHE B 610 19.45 8.39 25.63
CA PHE B 610 19.34 7.09 25.02
C PHE B 610 20.27 7.04 23.81
N PRO B 611 21.44 6.40 23.92
CA PRO B 611 22.39 6.38 22.82
C PRO B 611 21.92 5.50 21.66
N GLN B 612 22.40 5.83 20.47
CA GLN B 612 22.07 5.08 19.28
C GLN B 612 22.76 3.72 19.35
N GLU B 613 21.97 2.63 19.27
CA GLU B 613 22.52 1.29 19.32
C GLU B 613 22.39 0.53 18.00
N TYR B 614 21.65 1.08 17.03
CA TYR B 614 21.65 0.55 15.68
C TYR B 614 21.21 1.63 14.68
N THR B 615 21.28 1.26 13.39
CA THR B 615 20.68 2.06 12.32
C THR B 615 19.78 1.18 11.45
N GLY B 616 18.84 1.85 10.76
CA GLY B 616 17.90 1.21 9.85
C GLY B 616 16.44 1.46 10.22
N GLU B 617 15.53 0.85 9.44
CA GLU B 617 14.09 1.10 9.47
C GLU B 617 13.29 0.01 10.17
N LEU B 618 13.92 -1.13 10.47
CA LEU B 618 13.38 -2.09 11.42
C LEU B 618 13.35 -1.43 12.79
N TYR B 619 12.40 -1.88 13.60
CA TYR B 619 12.39 -1.65 15.04
C TYR B 619 13.39 -2.61 15.69
N ALA B 620 14.29 -2.04 16.51
CA ALA B 620 15.20 -2.82 17.35
C ALA B 620 15.32 -2.15 18.70
N GLY B 621 15.10 -2.95 19.74
CA GLY B 621 15.22 -2.45 21.09
C GLY B 621 15.98 -3.45 21.94
N ARG B 622 16.89 -2.97 22.77
CA ARG B 622 17.74 -3.89 23.55
C ARG B 622 17.44 -3.78 25.05
N ILE B 623 17.51 -4.94 25.70
CA ILE B 623 17.51 -5.02 27.15
C ILE B 623 18.43 -6.19 27.52
N GLU B 624 19.47 -5.87 28.30
CA GLU B 624 20.60 -6.75 28.54
C GLU B 624 21.11 -7.30 27.21
N ASN B 625 21.20 -8.63 27.10
CA ASN B 625 21.75 -9.28 25.93
C ASN B 625 20.64 -9.73 24.97
N GLY B 626 19.47 -9.12 25.09
CA GLY B 626 18.29 -9.48 24.32
C GLY B 626 17.85 -8.32 23.44
N TRP B 627 17.54 -8.64 22.17
CA TRP B 627 16.93 -7.67 21.27
C TRP B 627 15.50 -8.10 20.92
N VAL B 628 14.60 -7.13 20.81
CA VAL B 628 13.37 -7.35 20.05
C VAL B 628 13.54 -6.61 18.73
N VAL B 629 13.47 -7.33 17.60
CA VAL B 629 13.58 -6.72 16.30
C VAL B 629 12.34 -7.12 15.50
N TYR B 630 11.67 -6.15 14.89
CA TYR B 630 10.50 -6.50 14.09
C TYR B 630 10.36 -5.48 12.97
N ASN B 631 9.62 -5.87 11.93
CA ASN B 631 9.36 -4.98 10.82
C ASN B 631 7.86 -4.64 10.83
N GLY B 632 7.52 -3.39 11.11
CA GLY B 632 6.13 -2.98 11.16
C GLY B 632 5.75 -2.24 9.89
N LEU B 633 6.61 -2.25 8.88
CA LEU B 633 6.41 -1.51 7.64
C LEU B 633 6.33 -2.49 6.46
N ALA B 634 5.75 -1.97 5.38
CA ALA B 634 5.65 -2.62 4.09
C ALA B 634 7.04 -2.83 3.53
N GLY B 635 7.29 -4.05 3.02
CA GLY B 635 8.48 -4.31 2.22
C GLY B 635 9.60 -4.82 3.11
N ILE B 636 10.65 -5.35 2.49
CA ILE B 636 11.83 -5.73 3.23
C ILE B 636 12.43 -4.48 3.88
N ARG B 637 12.81 -4.55 5.17
CA ARG B 637 13.42 -3.45 5.89
C ARG B 637 14.64 -3.94 6.68
N ASN B 638 15.61 -3.05 6.88
CA ASN B 638 16.93 -3.43 7.35
C ASN B 638 17.29 -2.81 8.71
N ALA B 639 18.22 -3.49 9.40
CA ALA B 639 18.93 -2.90 10.52
C ALA B 639 20.38 -3.35 10.48
N ALA B 640 21.25 -2.43 10.93
CA ALA B 640 22.63 -2.72 11.21
C ALA B 640 22.81 -2.60 12.70
N ILE B 641 23.23 -3.70 13.33
CA ILE B 641 23.27 -3.74 14.77
C ILE B 641 24.65 -4.21 15.23
N PRO B 642 25.50 -3.32 15.80
CA PRO B 642 26.72 -3.76 16.47
C PRO B 642 26.42 -4.59 17.72
N PHE B 643 27.16 -5.69 17.88
CA PHE B 643 27.00 -6.56 19.04
C PHE B 643 27.48 -5.88 20.30
N LYS B 644 26.83 -6.21 21.42
CA LYS B 644 27.23 -5.67 22.71
C LYS B 644 27.79 -6.77 23.61
N TYR B 645 27.50 -8.04 23.25
CA TYR B 645 27.90 -9.20 24.06
C TYR B 645 28.64 -10.20 23.18
N ASN B 646 28.16 -10.41 21.94
CA ASN B 646 28.81 -11.32 21.02
C ASN B 646 30.18 -10.77 20.65
N THR B 647 31.16 -11.65 20.43
CA THR B 647 32.55 -11.23 20.16
C THR B 647 32.78 -10.95 18.68
N CYS B 648 31.73 -11.10 17.84
CA CYS B 648 31.79 -10.68 16.44
C CYS B 648 31.58 -9.17 16.40
N ASP B 649 31.42 -8.62 15.19
CA ASP B 649 31.35 -7.18 14.96
C ASP B 649 29.91 -6.69 15.03
N LYS B 650 29.09 -7.12 14.07
CA LYS B 650 27.73 -6.62 13.95
C LYS B 650 26.90 -7.62 13.15
N GLU B 652 23.59 -7.57 10.26
CA GLU B 652 22.67 -6.84 9.40
C GLU B 652 21.45 -7.71 9.16
N LEU B 653 20.28 -7.12 9.39
CA LEU B 653 19.06 -7.87 9.27
C LEU B 653 18.25 -7.30 8.10
N ALA B 654 17.69 -8.17 7.26
CA ALA B 654 16.67 -7.81 6.29
C ALA B 654 15.44 -8.69 6.53
N TYR B 655 14.33 -8.06 6.96
CA TYR B 655 13.17 -8.77 7.46
C TYR B 655 11.93 -8.49 6.61
N SER B 656 11.06 -9.51 6.49
CA SER B 656 9.76 -9.37 5.87
C SER B 656 8.82 -8.60 6.80
N LYS B 657 7.77 -8.00 6.20
CA LYS B 657 6.74 -7.29 6.94
C LYS B 657 6.09 -8.20 7.96
N TYR B 658 6.05 -7.74 9.21
CA TYR B 658 5.43 -8.42 10.35
C TYR B 658 6.31 -9.55 10.85
N THR B 659 7.57 -9.64 10.41
CA THR B 659 8.46 -10.59 11.05
C THR B 659 8.91 -9.97 12.35
N VAL B 660 8.76 -10.76 13.43
CA VAL B 660 9.24 -10.39 14.75
C VAL B 660 10.32 -11.38 15.16
N SER B 661 11.24 -10.91 15.97
CA SER B 661 12.36 -11.75 16.38
C SER B 661 12.82 -11.36 17.78
N VAL B 662 13.13 -12.38 18.57
CA VAL B 662 13.86 -12.19 19.80
C VAL B 662 15.25 -12.77 19.62
N ILE B 663 16.26 -11.91 19.79
CA ILE B 663 17.64 -12.25 19.51
C ILE B 663 18.42 -12.18 20.82
N LYS B 664 19.00 -13.30 21.23
CA LYS B 664 19.83 -13.37 22.41
C LYS B 664 21.32 -13.45 22.03
N GLU B 665 22.11 -12.49 22.54
CA GLU B 665 23.55 -12.50 22.34
C GLU B 665 24.27 -13.27 23.46
N TYR B 666 25.24 -14.08 23.04
CA TYR B 666 26.21 -14.67 23.94
C TYR B 666 27.58 -14.40 23.33
N ALA B 667 28.64 -14.68 24.09
CA ALA B 667 29.96 -14.31 23.62
C ALA B 667 30.26 -15.02 22.30
N ASN B 668 29.82 -16.27 22.17
CA ASN B 668 30.16 -17.12 21.04
C ASN B 668 28.91 -17.78 20.46
N LYS B 669 27.77 -17.08 20.57
CA LYS B 669 26.51 -17.62 20.12
C LYS B 669 25.47 -16.51 20.03
N LEU B 670 24.56 -16.72 19.07
CA LEU B 670 23.36 -15.91 18.93
C LEU B 670 22.20 -16.88 18.81
N THR B 671 21.11 -16.61 19.53
CA THR B 671 19.87 -17.30 19.23
C THR B 671 18.90 -16.29 18.61
N PHE B 672 18.12 -16.81 17.66
CA PHE B 672 17.01 -16.13 17.05
C PHE B 672 15.74 -16.95 17.23
N TYR B 673 14.77 -16.38 17.96
CA TYR B 673 13.39 -16.84 17.81
C TYR B 673 12.71 -15.95 16.76
N ASN B 675 9.23 -15.27 14.17
CA ASN B 675 7.90 -15.67 13.77
C ASN B 675 7.37 -14.70 12.71
N ASN B 676 6.53 -15.27 11.84
CA ASN B 676 5.68 -14.55 10.91
C ASN B 676 4.68 -15.58 10.38
N TYR B 677 3.54 -15.68 11.06
CA TYR B 677 2.58 -16.76 10.84
C TYR B 677 1.40 -16.25 10.01
N ASP B 678 1.23 -16.91 8.86
CA ASP B 678 0.09 -16.74 7.99
C ASP B 678 -0.73 -18.03 7.99
N PRO B 679 -2.01 -18.04 8.48
CA PRO B 679 -2.86 -19.22 8.34
C PRO B 679 -3.01 -19.70 6.89
N SER B 680 -2.82 -18.82 5.91
CA SER B 680 -2.96 -19.20 4.51
C SER B 680 -1.72 -19.87 3.94
N GLY B 681 -0.61 -19.90 4.69
CA GLY B 681 0.56 -20.69 4.31
C GLY B 681 1.55 -19.98 3.38
N SER B 682 1.53 -18.65 3.30
CA SER B 682 2.58 -17.91 2.61
C SER B 682 3.90 -18.01 3.40
N SER B 683 5.01 -18.10 2.64
CA SER B 683 6.35 -18.15 3.23
C SER B 683 6.95 -16.75 3.12
N LYS B 684 7.78 -16.39 4.11
CA LYS B 684 8.49 -15.11 4.13
C LYS B 684 9.99 -15.42 4.10
N THR B 685 10.78 -14.50 3.50
CA THR B 685 12.24 -14.54 3.49
C THR B 685 12.82 -13.49 4.44
N GLU B 686 13.73 -13.95 5.32
CA GLU B 686 14.56 -13.08 6.15
C GLU B 686 16.02 -13.32 5.80
N VAL B 687 16.84 -12.26 5.90
CA VAL B 687 18.27 -12.40 5.76
C VAL B 687 19.01 -11.88 7.00
N ILE B 688 19.98 -12.68 7.46
CA ILE B 688 20.82 -12.37 8.61
C ILE B 688 22.26 -12.43 8.14
N LYS B 689 23.04 -11.36 8.33
CA LYS B 689 24.46 -11.35 8.00
C LYS B 689 25.28 -11.09 9.26
N ILE B 690 26.31 -11.91 9.47
CA ILE B 690 27.18 -11.74 10.62
C ILE B 690 28.57 -11.36 10.12
N TYR B 691 29.01 -10.17 10.55
CA TYR B 691 30.33 -9.65 10.26
C TYR B 691 31.27 -9.94 11.43
N GLY B 692 32.53 -10.18 11.07
CA GLY B 692 33.60 -10.23 12.04
C GLY B 692 33.75 -11.59 12.73
N CYS B 693 33.27 -12.68 12.13
CA CYS B 693 33.63 -14.00 12.64
C CYS B 693 35.08 -14.36 12.27
N THR B 694 35.88 -14.77 13.25
CA THR B 694 37.27 -15.16 13.01
C THR B 694 37.35 -16.64 12.63
N SER B 695 36.23 -17.35 12.64
CA SER B 695 36.19 -18.73 12.20
C SER B 695 34.83 -19.01 11.60
N LYS B 696 34.73 -20.08 10.82
CA LYS B 696 33.51 -20.36 10.10
C LYS B 696 32.42 -20.71 11.10
N PRO B 697 31.26 -20.04 11.03
CA PRO B 697 30.18 -20.36 11.95
C PRO B 697 29.42 -21.60 11.53
N THR B 698 28.60 -22.11 12.45
CA THR B 698 27.58 -23.07 12.08
C THR B 698 26.22 -22.55 12.56
N HIS B 699 25.18 -23.26 12.14
CA HIS B 699 23.84 -22.95 12.61
C HIS B 699 23.07 -24.25 12.74
N SER B 700 22.01 -24.21 13.54
CA SER B 700 20.95 -25.20 13.41
C SER B 700 19.64 -24.44 13.58
N VAL B 701 18.59 -25.03 13.01
CA VAL B 701 17.28 -24.43 13.02
C VAL B 701 16.31 -25.57 13.34
N SER B 702 15.28 -25.24 14.11
CA SER B 702 14.14 -26.11 14.22
C SER B 702 12.87 -25.28 14.19
N SER B 703 11.93 -25.74 13.36
CA SER B 703 10.68 -25.01 13.25
C SER B 703 9.86 -25.41 14.46
N ARG B 704 8.92 -24.54 14.85
CA ARG B 704 8.09 -24.76 16.03
C ARG B 704 6.62 -24.84 15.63
N ALA B 705 5.78 -25.42 16.49
CA ALA B 705 4.36 -25.58 16.23
C ALA B 705 4.15 -26.07 14.80
N ASN B 706 3.34 -25.39 13.98
CA ASN B 706 3.04 -25.85 12.63
C ASN B 706 3.89 -25.13 11.59
N GLY B 707 4.92 -24.40 12.03
CA GLY B 707 5.84 -23.72 11.14
C GLY B 707 6.57 -24.64 10.17
N THR B 708 6.92 -24.07 9.03
CA THR B 708 7.87 -24.66 8.11
C THR B 708 9.07 -23.72 8.05
N ALA B 709 10.25 -24.25 7.76
CA ALA B 709 11.44 -23.40 7.73
C ALA B 709 12.54 -24.12 6.96
N GLN B 710 13.30 -23.32 6.20
CA GLN B 710 14.48 -23.82 5.52
C GLN B 710 15.53 -22.70 5.56
N VAL B 711 16.78 -23.07 5.83
CA VAL B 711 17.81 -22.07 6.09
C VAL B 711 19.01 -22.40 5.22
N SER B 712 19.48 -21.41 4.44
CA SER B 712 20.68 -21.51 3.61
C SER B 712 21.81 -20.76 4.29
N GLU B 713 23.02 -21.27 4.21
CA GLU B 713 24.14 -20.54 4.79
C GLU B 713 25.11 -20.20 3.68
N ASN B 714 25.82 -19.10 3.89
CA ASN B 714 26.90 -18.70 3.02
C ASN B 714 28.03 -18.14 3.88
N TRP B 715 29.25 -18.64 3.67
CA TRP B 715 30.45 -18.11 4.30
C TRP B 715 31.40 -17.61 3.21
N LYS B 716 31.62 -16.29 3.15
CA LYS B 716 32.36 -15.68 2.06
C LYS B 716 32.98 -14.38 2.57
N GLU B 717 34.31 -14.31 2.52
CA GLU B 717 35.07 -13.14 2.92
C GLU B 717 34.75 -12.72 4.35
N ASP B 718 34.61 -13.71 5.26
CA ASP B 718 34.56 -13.40 6.67
C ASP B 718 33.18 -12.90 7.09
N VAL B 719 32.22 -12.89 6.12
CA VAL B 719 30.80 -12.61 6.40
C VAL B 719 29.99 -13.90 6.32
N TYR B 720 29.25 -14.18 7.39
CA TYR B 720 28.33 -15.30 7.41
C TYR B 720 26.92 -14.81 7.10
N THR B 721 26.24 -15.39 6.09
CA THR B 721 24.89 -15.01 5.69
C THR B 721 23.95 -16.20 5.80
N LEU B 722 22.88 -16.01 6.57
CA LEU B 722 21.79 -16.96 6.71
C LEU B 722 20.52 -16.41 6.04
N THR B 723 20.01 -17.14 5.05
CA THR B 723 18.75 -16.84 4.40
C THR B 723 17.72 -17.81 4.96
N VAL B 724 16.66 -17.26 5.56
CA VAL B 724 15.65 -18.03 6.24
C VAL B 724 14.32 -17.90 5.49
N THR B 725 13.80 -19.03 5.03
CA THR B 725 12.49 -19.08 4.40
C THR B 725 11.53 -19.83 5.33
N HIS B 726 10.37 -19.26 5.63
CA HIS B 726 9.51 -19.84 6.63
C HIS B 726 8.10 -19.31 6.60
N ASN B 727 7.18 -20.17 7.06
CA ASN B 727 5.92 -19.72 7.61
C ASN B 727 5.91 -20.10 9.10
N GLY B 728 5.60 -19.13 9.96
CA GLY B 728 5.46 -19.41 11.37
C GLY B 728 6.80 -19.44 12.13
N PRO B 729 6.77 -19.97 13.38
CA PRO B 729 7.86 -19.80 14.33
C PRO B 729 9.00 -20.81 14.18
N LEU B 730 10.19 -20.36 14.61
CA LEU B 730 11.38 -21.19 14.56
C LEU B 730 12.40 -20.64 15.53
N ASP B 731 13.30 -21.54 15.94
CA ASP B 731 14.46 -21.22 16.74
C ASP B 731 15.69 -21.47 15.90
N LEU B 732 16.53 -20.45 15.75
CA LEU B 732 17.75 -20.56 14.98
C LEU B 732 18.92 -20.25 15.89
N THR B 733 19.88 -21.16 15.93
CA THR B 733 21.08 -21.00 16.73
C THR B 733 22.23 -20.77 15.77
N VAL B 734 23.09 -19.83 16.18
CA VAL B 734 24.21 -19.47 15.36
C VAL B 734 25.44 -19.46 16.26
N ASN B 735 26.37 -20.35 15.91
CA ASN B 735 27.64 -20.49 16.60
C ASN B 735 28.65 -19.60 15.88
N CYS B 736 28.86 -18.41 16.40
CA CYS B 736 29.73 -17.45 15.75
C CYS B 736 30.57 -16.75 16.81
N SER B 737 31.85 -16.48 16.51
CA SER B 737 32.70 -15.80 17.48
C SER B 737 33.78 -14.99 16.77
N GLY B 738 34.19 -13.89 17.44
CA GLY B 738 35.17 -12.99 16.86
C GLY B 738 36.24 -12.61 17.87
N LYS B 739 36.88 -11.46 17.63
CA LYS B 739 38.08 -11.07 18.37
C LYS B 739 37.81 -9.90 19.31
N ALA B 740 36.55 -9.45 19.46
CA ALA B 740 36.25 -8.31 20.31
C ALA B 740 36.48 -8.67 21.77
N THR B 741 37.05 -7.74 22.53
CA THR B 741 37.22 -7.90 23.97
C THR B 741 36.35 -6.87 24.69
N ASP B 742 35.95 -5.82 23.97
CA ASP B 742 35.13 -4.75 24.49
C ASP B 742 33.65 -5.14 24.49
N ARG B 743 33.24 -6.04 25.39
CA ARG B 743 31.89 -6.59 25.33
C ARG B 743 31.31 -6.74 26.73
N LEU B 744 29.99 -6.74 26.85
CA LEU B 744 29.37 -6.98 28.13
C LEU B 744 29.34 -8.49 28.39
N THR B 745 29.01 -8.82 29.64
CA THR B 745 28.97 -10.17 30.15
C THR B 745 27.50 -10.51 30.43
N VAL B 746 27.10 -11.71 30.00
CA VAL B 746 25.71 -12.17 30.12
C VAL B 746 25.42 -12.57 31.56
N SER B 747 24.19 -12.26 32.04
CA SER B 747 23.68 -12.67 33.35
C SER B 747 23.36 -14.18 33.38
N THR B 748 23.15 -14.73 34.58
CA THR B 748 22.53 -16.05 34.72
C THR B 748 21.14 -16.03 34.10
N ALA B 749 20.71 -17.24 33.71
CA ALA B 749 19.42 -17.43 33.06
C ALA B 749 18.29 -16.93 33.96
N ALA B 750 17.30 -16.30 33.33
CA ALA B 750 16.07 -15.94 34.00
C ALA B 750 15.59 -17.11 34.87
N SER B 751 15.06 -16.79 36.06
CA SER B 751 14.25 -17.74 36.79
C SER B 751 12.84 -17.76 36.19
N ILE B 752 12.38 -18.98 35.94
CA ILE B 752 10.99 -19.28 35.64
C ILE B 752 10.56 -20.33 36.64
N GLN B 753 9.49 -20.02 37.40
CA GLN B 753 9.00 -20.93 38.40
C GLN B 753 7.57 -21.29 38.03
N VAL B 754 7.31 -22.59 37.78
CA VAL B 754 5.98 -23.07 37.48
C VAL B 754 5.04 -22.71 38.64
N PRO B 755 4.00 -21.89 38.37
CA PRO B 755 3.07 -21.54 39.43
C PRO B 755 2.44 -22.76 40.10
N ALA B 756 2.48 -22.80 41.43
CA ALA B 756 1.77 -23.81 42.19
C ALA B 756 0.27 -23.79 41.86
N SER B 757 -0.31 -24.99 41.92
CA SER B 757 -1.72 -25.18 41.73
C SER B 757 -2.54 -24.66 42.90
N PRO B 758 -3.83 -24.39 42.64
CA PRO B 758 -4.74 -24.00 43.69
C PRO B 758 -4.86 -25.06 44.76
N GLN B 759 -5.38 -24.67 45.92
CA GLN B 759 -5.78 -25.65 46.89
C GLN B 759 -6.90 -26.48 46.23
N ILE B 760 -6.88 -27.80 46.49
CA ILE B 760 -7.89 -28.73 45.99
C ILE B 760 -9.29 -28.32 46.46
N TYR B 761 -10.23 -28.17 45.52
CA TYR B 761 -11.59 -27.74 45.83
C TYR B 761 -12.39 -28.92 46.41
N GLN B 762 -13.07 -28.62 47.53
CA GLN B 762 -13.79 -29.61 48.31
C GLN B 762 -15.31 -29.50 48.09
N GLY B 763 -15.74 -28.59 47.24
CA GLY B 763 -17.16 -28.36 47.04
C GLY B 763 -17.78 -29.18 45.91
N ALA B 764 -19.02 -28.81 45.61
CA ALA B 764 -19.89 -29.54 44.70
C ALA B 764 -19.44 -29.28 43.27
N TYR B 765 -19.53 -30.31 42.43
CA TYR B 765 -19.20 -30.19 41.03
C TYR B 765 -20.50 -30.00 40.24
N GLN B 766 -20.38 -29.39 39.07
CA GLN B 766 -21.52 -29.09 38.20
C GLN B 766 -21.13 -29.43 36.77
N TYR B 767 -22.12 -29.99 36.04
CA TYR B 767 -21.98 -30.42 34.66
C TYR B 767 -23.25 -30.02 33.94
N GLU B 768 -23.09 -29.17 32.92
CA GLU B 768 -24.23 -28.63 32.18
C GLU B 768 -24.73 -29.67 31.17
N ALA B 769 -26.07 -29.76 31.07
CA ALA B 769 -26.69 -30.76 30.24
C ALA B 769 -26.49 -30.43 28.76
N GLU B 770 -26.39 -29.14 28.46
CA GLU B 770 -26.07 -28.66 27.12
C GLU B 770 -24.62 -29.03 26.75
N CYS B 771 -23.87 -29.60 27.71
CA CYS B 771 -22.52 -30.03 27.42
C CYS B 771 -22.41 -31.55 27.40
N PHE B 772 -23.51 -32.25 27.69
CA PHE B 772 -23.49 -33.71 27.68
C PHE B 772 -23.26 -34.22 26.26
N ASP B 773 -22.58 -35.36 26.16
CA ASP B 773 -22.70 -36.22 25.01
C ASP B 773 -24.16 -36.63 24.87
N PHE B 774 -24.68 -36.75 23.64
CA PHE B 774 -26.10 -37.00 23.46
C PHE B 774 -26.36 -37.90 22.26
N LYS B 775 -27.55 -38.55 22.28
CA LYS B 775 -28.14 -39.20 21.12
C LYS B 775 -29.67 -39.14 21.25
N ASN B 776 -30.33 -38.87 20.11
CA ASN B 776 -31.77 -39.01 20.01
C ASN B 776 -32.50 -38.13 21.01
N VAL B 777 -32.02 -36.92 21.18
CA VAL B 777 -32.69 -35.96 22.03
C VAL B 777 -33.48 -35.00 21.13
N THR B 778 -34.47 -34.34 21.74
CA THR B 778 -35.43 -33.55 20.99
C THR B 778 -34.79 -32.21 20.63
N LYS B 779 -34.06 -31.60 21.58
CA LYS B 779 -33.51 -30.28 21.30
C LYS B 779 -32.42 -29.92 22.31
N ARG B 780 -31.35 -29.32 21.78
CA ARG B 780 -30.25 -28.92 22.62
C ARG B 780 -30.14 -27.39 22.54
N VAL B 781 -30.43 -26.74 23.66
CA VAL B 781 -30.43 -25.28 23.69
C VAL B 781 -29.09 -24.80 24.24
N THR B 782 -28.19 -24.43 23.33
CA THR B 782 -26.87 -23.94 23.68
C THR B 782 -26.91 -22.42 23.85
N LYS B 783 -27.96 -21.75 23.34
CA LYS B 783 -28.10 -20.32 23.52
C LYS B 783 -29.52 -20.04 24.02
N GLY B 784 -29.69 -20.02 25.35
CA GLY B 784 -31.00 -20.10 25.93
C GLY B 784 -31.80 -18.80 25.85
N ASP B 785 -31.13 -17.68 25.63
CA ASP B 785 -31.77 -16.39 25.82
C ASP B 785 -32.91 -16.17 24.83
N SER B 786 -32.78 -16.71 23.60
CA SER B 786 -33.80 -16.51 22.57
C SER B 786 -34.85 -17.63 22.55
N GLU B 787 -34.79 -18.60 23.49
CA GLU B 787 -35.81 -19.66 23.60
C GLU B 787 -36.75 -19.39 24.79
N PRO B 788 -37.86 -20.17 24.95
CA PRO B 788 -38.88 -19.86 25.94
C PRO B 788 -38.64 -20.22 27.40
N ILE B 789 -37.65 -21.08 27.70
CA ILE B 789 -37.43 -21.54 29.07
C ILE B 789 -36.45 -20.61 29.76
N ARG B 790 -36.80 -20.24 31.00
CA ARG B 790 -36.02 -19.32 31.79
C ARG B 790 -35.38 -20.08 32.96
N ASN B 791 -34.63 -19.31 33.76
CA ASN B 791 -34.16 -19.74 35.05
C ASN B 791 -33.31 -20.99 34.90
N TYR B 792 -32.49 -21.06 33.83
CA TYR B 792 -31.54 -22.16 33.69
C TYR B 792 -30.15 -21.75 34.17
N THR B 793 -29.23 -22.73 34.21
CA THR B 793 -27.84 -22.54 34.57
C THR B 793 -26.94 -22.56 33.34
N ALA B 794 -25.86 -21.77 33.44
CA ALA B 794 -24.96 -21.51 32.33
C ALA B 794 -25.82 -20.98 31.17
N GLN B 795 -25.58 -21.42 29.93
CA GLN B 795 -26.19 -20.71 28.83
C GLN B 795 -27.34 -21.50 28.21
N GLY B 796 -27.64 -22.68 28.74
CA GLY B 796 -28.66 -23.49 28.08
C GLY B 796 -29.12 -24.64 28.94
N TYR B 797 -29.60 -25.66 28.24
CA TYR B 797 -30.24 -26.86 28.76
C TYR B 797 -30.51 -27.72 27.54
N ILE B 798 -31.06 -28.91 27.79
CA ILE B 798 -31.59 -29.69 26.67
C ILE B 798 -33.02 -30.12 26.97
N ASN B 799 -33.75 -30.33 25.87
CA ASN B 799 -34.94 -31.15 25.88
C ASN B 799 -34.50 -32.55 25.48
N PHE B 800 -34.31 -33.39 26.50
CA PHE B 800 -33.97 -34.78 26.30
C PHE B 800 -35.07 -35.46 25.50
N GLY B 801 -36.33 -35.12 25.77
CA GLY B 801 -37.48 -35.57 25.00
C GLY B 801 -37.97 -36.97 25.39
N ALA B 802 -38.79 -37.56 24.52
CA ALA B 802 -39.54 -38.75 24.88
C ALA B 802 -39.15 -39.95 24.02
N SER B 803 -38.09 -39.86 23.22
CA SER B 803 -37.72 -41.02 22.41
C SER B 803 -37.20 -42.15 23.32
N SER B 804 -37.55 -43.39 22.97
CA SER B 804 -37.10 -44.56 23.71
C SER B 804 -35.59 -44.79 23.54
N ALA B 805 -34.93 -44.06 22.62
CA ALA B 805 -33.51 -44.24 22.34
C ALA B 805 -32.69 -43.03 22.79
N ALA B 806 -33.37 -42.09 23.46
CA ALA B 806 -32.69 -40.92 24.01
C ALA B 806 -31.71 -41.35 25.09
N ALA B 807 -30.56 -40.67 25.10
CA ALA B 807 -29.50 -40.96 26.06
C ALA B 807 -28.55 -39.78 26.13
N VAL B 808 -28.03 -39.52 27.33
CA VAL B 808 -26.98 -38.53 27.52
C VAL B 808 -25.89 -39.17 28.36
N ARG B 809 -24.66 -38.69 28.19
CA ARG B 809 -23.47 -39.18 28.86
C ARG B 809 -22.56 -38.01 29.19
N ALA B 811 -18.57 -37.29 31.41
CA ALA B 811 -17.44 -37.71 32.20
C ALA B 811 -17.37 -36.87 33.48
N VAL B 812 -17.62 -37.49 34.64
CA VAL B 812 -17.67 -36.76 35.90
C VAL B 812 -16.51 -37.25 36.76
N THR B 813 -16.15 -36.53 37.83
CA THR B 813 -15.04 -36.96 38.67
C THR B 813 -15.46 -37.00 40.13
N ALA B 814 -14.65 -37.70 40.90
CA ALA B 814 -14.70 -37.64 42.36
C ALA B 814 -13.28 -37.59 42.93
N LEU B 815 -13.12 -36.86 44.03
CA LEU B 815 -11.84 -36.82 44.72
C LEU B 815 -11.50 -38.18 45.33
N GLU B 816 -12.50 -38.89 45.85
CA GLU B 816 -12.21 -40.19 46.42
C GLU B 816 -13.44 -41.08 46.27
N ASP B 817 -13.23 -42.39 46.47
CA ASP B 817 -14.29 -43.35 46.39
C ASP B 817 -15.24 -43.03 47.52
N GLY B 818 -16.53 -43.25 47.28
CA GLY B 818 -17.52 -42.96 48.29
C GLY B 818 -18.88 -42.75 47.66
N VAL B 819 -19.83 -42.42 48.53
CA VAL B 819 -21.21 -42.18 48.15
C VAL B 819 -21.37 -40.68 47.90
N TYR B 820 -21.93 -40.35 46.76
CA TYR B 820 -22.17 -38.98 46.36
C TYR B 820 -23.66 -38.88 46.07
N THR B 821 -24.19 -37.69 46.25
CA THR B 821 -25.54 -37.34 45.89
C THR B 821 -25.49 -36.61 44.55
N ILE B 822 -26.24 -37.13 43.56
CA ILE B 822 -26.43 -36.50 42.25
C ILE B 822 -27.80 -35.82 42.24
N ARG B 823 -27.73 -34.49 42.09
CA ARG B 823 -28.91 -33.66 41.91
C ARG B 823 -29.13 -33.39 40.42
N ILE B 824 -30.27 -33.85 39.89
CA ILE B 824 -30.58 -33.64 38.49
C ILE B 824 -31.64 -32.56 38.39
N ARG B 825 -31.29 -31.49 37.68
CA ARG B 825 -32.15 -30.33 37.52
C ARG B 825 -32.90 -30.51 36.20
N TYR B 826 -34.24 -30.53 36.28
CA TYR B 826 -35.05 -31.12 35.21
C TYR B 826 -36.40 -30.41 35.16
N ARG B 827 -37.04 -30.50 34.00
CA ARG B 827 -38.46 -30.25 33.85
C ARG B 827 -39.14 -31.49 33.29
N ALA B 828 -40.39 -31.65 33.72
CA ALA B 828 -41.29 -32.66 33.18
C ALA B 828 -42.68 -32.04 33.23
N PRO B 829 -42.94 -31.06 32.34
CA PRO B 829 -44.11 -30.19 32.48
C PRO B 829 -45.46 -30.79 32.09
N SER B 830 -45.47 -31.88 31.29
CA SER B 830 -46.76 -32.46 30.87
C SER B 830 -47.05 -33.80 31.54
N ALA B 831 -46.02 -34.50 32.05
CA ALA B 831 -46.25 -35.76 32.73
C ALA B 831 -45.00 -36.21 33.48
N THR B 832 -45.22 -37.04 34.53
CA THR B 832 -44.16 -37.72 35.24
C THR B 832 -43.43 -38.61 34.24
N VAL B 833 -42.09 -38.54 34.26
CA VAL B 833 -41.28 -39.45 33.47
C VAL B 833 -40.59 -40.42 34.41
N ASN B 834 -40.81 -41.72 34.18
CA ASN B 834 -40.24 -42.78 34.98
C ASN B 834 -39.66 -43.87 34.08
N THR B 835 -39.33 -43.50 32.83
CA THR B 835 -38.83 -44.40 31.80
C THR B 835 -37.38 -44.11 31.47
N VAL B 836 -36.68 -43.38 32.35
CA VAL B 836 -35.30 -42.97 32.12
C VAL B 836 -34.43 -43.48 33.29
N ASP B 837 -33.45 -44.32 32.94
CA ASP B 837 -32.59 -44.97 33.91
C ASP B 837 -31.25 -44.24 34.03
N TYR B 839 -27.19 -44.73 34.76
CA TYR B 839 -26.07 -45.66 34.74
C TYR B 839 -24.86 -44.89 35.25
N ILE B 840 -24.17 -45.48 36.22
CA ILE B 840 -22.90 -45.00 36.69
C ILE B 840 -21.86 -46.05 36.32
N ASN B 841 -20.85 -45.65 35.55
CA ASN B 841 -19.79 -46.55 35.11
C ASN B 841 -20.36 -47.78 34.42
N ASN B 842 -21.37 -47.57 33.56
CA ASN B 842 -21.98 -48.58 32.71
C ASN B 842 -22.75 -49.61 33.53
N THR B 843 -23.24 -49.25 34.71
CA THR B 843 -24.07 -50.12 35.55
C THR B 843 -25.33 -49.33 35.88
N LYS B 844 -26.49 -49.97 35.73
CA LYS B 844 -27.74 -49.35 36.05
C LYS B 844 -27.80 -49.20 37.57
N VAL B 845 -28.02 -47.98 38.05
CA VAL B 845 -28.11 -47.76 39.50
C VAL B 845 -29.54 -47.43 39.93
N GLY B 846 -30.38 -46.98 39.00
CA GLY B 846 -31.79 -46.77 39.34
C GLY B 846 -32.51 -45.92 38.30
N THR B 847 -33.74 -45.52 38.65
CA THR B 847 -34.61 -44.77 37.78
C THR B 847 -34.97 -43.48 38.54
N PRO B 848 -34.40 -42.33 38.20
CA PRO B 848 -34.79 -41.09 38.83
C PRO B 848 -36.28 -40.81 38.73
N GLU B 849 -36.84 -40.22 39.80
CA GLU B 849 -38.24 -39.84 39.80
C GLU B 849 -38.34 -38.43 39.23
N PHE B 850 -38.53 -38.34 37.92
CA PHE B 850 -38.78 -37.05 37.28
C PHE B 850 -40.27 -36.73 37.41
N ALA B 851 -40.70 -36.51 38.65
CA ALA B 851 -42.06 -36.12 38.94
C ALA B 851 -42.46 -34.92 38.09
N GLN B 852 -43.71 -34.95 37.62
CA GLN B 852 -44.27 -33.90 36.80
C GLN B 852 -44.02 -32.55 37.45
N THR B 853 -43.52 -31.58 36.68
CA THR B 853 -43.28 -30.26 37.22
C THR B 853 -44.36 -29.28 36.73
N ASP B 854 -44.47 -28.17 37.47
CA ASP B 854 -45.37 -27.08 37.10
C ASP B 854 -45.11 -26.64 35.66
N ASN B 855 -46.16 -26.23 34.96
CA ASN B 855 -46.08 -25.93 33.55
C ASN B 855 -45.28 -24.66 33.27
N ASP B 856 -44.96 -23.88 34.31
CA ASP B 856 -44.43 -22.55 34.14
C ASP B 856 -43.06 -22.62 33.49
N ASN B 857 -42.79 -21.63 32.64
CA ASN B 857 -41.56 -21.57 31.88
C ASN B 857 -40.34 -21.26 32.76
N THR B 858 -40.52 -20.98 34.05
CA THR B 858 -39.38 -20.65 34.90
C THR B 858 -39.09 -21.76 35.88
N VAL B 859 -39.95 -22.79 35.94
CA VAL B 859 -39.87 -23.75 37.02
C VAL B 859 -39.01 -24.96 36.62
N TRP B 860 -38.03 -25.28 37.48
CA TRP B 860 -37.22 -26.49 37.41
C TRP B 860 -37.40 -27.19 38.74
N ASN B 861 -37.21 -28.51 38.73
CA ASN B 861 -37.17 -29.28 39.95
C ASN B 861 -35.85 -30.02 40.00
N THR B 862 -35.58 -30.67 41.15
CA THR B 862 -34.36 -31.42 41.37
C THR B 862 -34.70 -32.84 41.82
N ALA B 863 -34.29 -33.83 41.01
CA ALA B 863 -34.34 -35.23 41.40
C ALA B 863 -32.99 -35.67 41.94
N LEU B 864 -33.02 -36.49 43.00
CA LEU B 864 -31.83 -36.85 43.76
C LEU B 864 -31.59 -38.35 43.66
N SER B 866 -28.44 -41.17 45.18
CA SER B 866 -27.18 -41.47 45.84
C SER B 866 -26.48 -42.56 45.06
N VAL B 867 -25.22 -42.36 44.68
CA VAL B 867 -24.51 -43.40 43.95
C VAL B 867 -23.10 -43.54 44.50
N SER B 868 -22.49 -44.70 44.25
CA SER B 868 -21.08 -44.94 44.53
C SER B 868 -20.27 -44.45 43.36
N LEU B 869 -19.31 -43.58 43.63
CA LEU B 869 -18.34 -43.17 42.63
C LEU B 869 -16.99 -43.73 43.06
N ARG B 870 -16.14 -43.98 42.05
CA ARG B 870 -14.76 -44.35 42.29
C ARG B 870 -13.91 -43.07 42.16
N LYS B 871 -12.69 -43.14 42.73
CA LYS B 871 -11.74 -42.06 42.68
C LYS B 871 -11.39 -41.79 41.24
N GLY B 872 -11.34 -40.52 40.82
CA GLY B 872 -10.96 -40.18 39.47
C GLY B 872 -12.20 -40.01 38.57
N ALA B 873 -12.03 -40.36 37.29
CA ALA B 873 -13.02 -40.23 36.26
C ALA B 873 -14.09 -41.32 36.41
N ASN B 874 -15.37 -40.92 36.26
CA ASN B 874 -16.54 -41.80 36.31
C ASN B 874 -17.41 -41.49 35.12
N THR B 875 -18.27 -42.43 34.69
CA THR B 875 -19.19 -42.16 33.59
C THR B 875 -20.62 -42.06 34.15
N PHE B 876 -21.28 -40.95 33.79
CA PHE B 876 -22.68 -40.74 34.12
C PHE B 876 -23.51 -40.83 32.84
N GLU B 877 -24.60 -41.63 32.86
CA GLU B 877 -25.54 -41.66 31.74
C GLU B 877 -26.99 -41.63 32.26
N LEU B 878 -27.86 -41.02 31.44
CA LEU B 878 -29.30 -41.19 31.53
C LEU B 878 -29.75 -41.73 30.18
N LYS B 879 -30.47 -42.86 30.26
CA LYS B 879 -30.89 -43.60 29.07
C LYS B 879 -32.37 -43.94 29.22
N ALA B 880 -33.17 -43.55 28.24
CA ALA B 880 -34.54 -44.00 28.13
C ALA B 880 -34.58 -45.52 27.91
N ASN B 881 -35.59 -46.20 28.45
CA ASN B 881 -35.82 -47.63 28.25
C ASN B 881 -37.08 -47.89 27.43
N SER B 882 -37.86 -46.83 27.16
CA SER B 882 -39.12 -46.90 26.44
C SER B 882 -39.56 -45.46 26.18
N SER B 883 -40.63 -45.27 25.40
CA SER B 883 -41.17 -43.94 25.12
C SER B 883 -41.61 -43.22 26.39
N GLY B 884 -41.23 -41.95 26.52
CA GLY B 884 -41.59 -41.14 27.66
C GLY B 884 -43.05 -40.69 27.60
N ALA B 885 -43.65 -40.47 28.77
CA ALA B 885 -45.03 -40.05 28.89
C ALA B 885 -45.13 -38.55 28.58
N GLY B 886 -43.95 -37.94 28.40
CA GLY B 886 -43.82 -36.50 28.25
C GLY B 886 -42.36 -36.11 28.06
N ASP B 887 -42.12 -34.86 27.66
CA ASP B 887 -40.79 -34.35 27.48
C ASP B 887 -40.08 -34.17 28.82
N LEU B 888 -38.80 -34.53 28.81
CA LEU B 888 -37.94 -34.34 29.96
C LEU B 888 -36.92 -33.28 29.58
N TYR B 889 -36.89 -32.17 30.32
CA TYR B 889 -35.80 -31.20 30.17
C TYR B 889 -34.74 -31.47 31.24
N LEU B 890 -33.48 -31.29 30.83
CA LEU B 890 -32.32 -31.40 31.70
C LEU B 890 -31.49 -30.13 31.58
N ASP B 891 -31.16 -29.55 32.75
CA ASP B 891 -30.37 -28.31 32.82
C ASP B 891 -28.92 -28.61 33.17
N ASN B 892 -28.74 -29.42 34.22
CA ASN B 892 -27.41 -29.76 34.73
C ASN B 892 -27.51 -30.94 35.69
N ILE B 893 -26.35 -31.50 36.04
CA ILE B 893 -26.19 -32.23 37.28
C ILE B 893 -25.19 -31.51 38.18
N VAL B 894 -25.46 -31.63 39.50
CA VAL B 894 -24.59 -31.21 40.58
C VAL B 894 -24.27 -32.45 41.42
N ILE B 895 -22.99 -32.69 41.70
CA ILE B 895 -22.53 -33.84 42.46
C ILE B 895 -21.83 -33.38 43.72
N GLU B 896 -22.23 -33.95 44.85
CA GLU B 896 -21.62 -33.60 46.14
C GLU B 896 -21.47 -34.87 46.97
N ARG B 897 -20.35 -34.94 47.69
CA ARG B 897 -20.09 -35.97 48.68
C ARG B 897 -21.25 -36.00 49.66
N LYS B 898 -21.79 -37.19 49.92
CA LYS B 898 -22.86 -37.32 50.90
C LYS B 898 -22.23 -37.30 52.32
#